data_7PVA
#
_entry.id   7PVA
#
_cell.length_a   61.480
_cell.length_b   77.290
_cell.length_c   138.830
_cell.angle_alpha   82.420
_cell.angle_beta   81.610
_cell.angle_gamma   76.510
#
_symmetry.space_group_name_H-M   'P 1'
#
loop_
_entity.id
_entity.type
_entity.pdbx_description
1 polymer 'Response regulator'
2 non-polymer 'MAGNESIUM ION'
3 non-polymer 'BERYLLIUM TRIFLUORIDE ION'
4 non-polymer 'ZINC ION'
5 non-polymer GLYCEROL
6 non-polymer 'FORMIC ACID'
7 non-polymer 'CHLORIDE ION'
8 water water
#
_entity_poly.entity_id   1
_entity_poly.type   'polypeptide(L)'
_entity_poly.pdbx_seq_one_letter_code
;GPLGS(MSE)EKN(MSE)RPYTVLWADDEIDLLKPHILFLEQKGYQVTPVLSGNDAIEAVQNNDFDIVFLDEN(MSE)PG
IGGLDALQKIKELKPYTPVV(MSE)ITKSEEEHI(MSE)TQAIGGKIADYLIKPVNPNQLLLSLKKNLQQHSIISETTNT
NYRQEFVQLGTQ(MSE)SGKLSFEEWKELYRRIVFWEIELEQADRQ(MSE)GELLE(MSE)QKQEANRLFARFVTQNYRE
WIAKPDTRPT(MSE)SPDLFKQKVFPLLDNGEKVFFILIDNFRQDQWESVKS(MSE)LSEFYTFEED(MSE)YLSILPTA
TQYARNAIFSGL(MSE)PLQIEK(MSE)FPDLWVDEESEEGKNLNEEP(MSE)IRTLIERYRKHYSFSYNKVYETKFGER
LLGQIRSLSQNQLNVIVLNFVD(MSE)(MSE)SHARTDSK(MSE)IRELASNEAAYRSLTKSWFKHSTTYNLFRSIAE
(MSE)GYKVVLTTDHGTIQVKNPVKVIGDRSTNTNLRYKIGKNLDYNPKEVFEIKDPASVGLPHNNLSDKFIFTKEDDFF
AYPNNYNYYVQYYRNTFQHGGISLEE(MSE)LVPVIT(MSE)QPK
;
_entity_poly.pdbx_strand_id   A,B,C,D
#
# COMPACT_ATOMS: atom_id res chain seq x y z
N ARG A 11 -60.49 -19.26 -7.87
CA ARG A 11 -61.27 -18.04 -7.58
C ARG A 11 -61.30 -17.15 -8.84
N PRO A 12 -62.43 -16.48 -9.08
CA PRO A 12 -62.52 -15.59 -10.26
C PRO A 12 -61.94 -14.22 -9.94
N TYR A 13 -61.22 -13.65 -10.90
CA TYR A 13 -60.69 -12.30 -10.72
C TYR A 13 -61.86 -11.30 -10.70
N THR A 14 -61.73 -10.26 -9.87
CA THR A 14 -62.77 -9.27 -9.74
C THR A 14 -62.36 -7.96 -10.42
N VAL A 15 -63.31 -7.40 -11.13
CA VAL A 15 -63.14 -6.17 -11.90
C VAL A 15 -64.15 -5.18 -11.40
N LEU A 16 -63.68 -3.99 -10.97
CA LEU A 16 -64.51 -2.83 -10.65
C LEU A 16 -64.47 -1.90 -11.85
N TRP A 17 -65.63 -1.55 -12.39
CA TRP A 17 -65.71 -0.78 -13.63
C TRP A 17 -66.56 0.44 -13.35
N ALA A 18 -65.91 1.61 -13.30
CA ALA A 18 -66.60 2.88 -13.13
C ALA A 18 -66.73 3.55 -14.49
N ASP A 19 -67.96 3.82 -14.92
CA ASP A 19 -68.28 4.59 -16.13
C ASP A 19 -69.71 5.11 -15.95
N ASP A 20 -69.92 6.40 -16.23
CA ASP A 20 -71.28 6.95 -16.18
C ASP A 20 -72.17 6.43 -17.30
N GLU A 21 -71.62 5.80 -18.33
CA GLU A 21 -72.37 5.26 -19.46
C GLU A 21 -72.21 3.74 -19.50
N ILE A 22 -72.20 3.11 -18.33
CA ILE A 22 -71.94 1.68 -18.22
C ILE A 22 -72.97 0.87 -19.02
N ASP A 23 -74.17 1.42 -19.25
N ASP A 23 -74.16 1.44 -19.21
CA ASP A 23 -75.10 0.69 -20.10
CA ASP A 23 -75.16 0.85 -20.10
C ASP A 23 -74.51 0.47 -21.49
C ASP A 23 -74.55 0.54 -21.46
N LEU A 24 -73.67 1.39 -21.97
N LEU A 24 -73.68 1.42 -21.96
CA LEU A 24 -73.03 1.24 -23.27
CA LEU A 24 -73.07 1.21 -23.26
C LEU A 24 -71.94 0.19 -23.26
C LEU A 24 -71.99 0.14 -23.25
N LEU A 25 -71.61 -0.33 -22.09
CA LEU A 25 -70.57 -1.30 -21.93
C LEU A 25 -71.11 -2.68 -21.64
N LYS A 26 -72.45 -2.82 -21.66
CA LYS A 26 -73.07 -4.12 -21.41
C LYS A 26 -72.42 -5.20 -22.23
N PRO A 27 -72.25 -5.04 -23.56
CA PRO A 27 -71.66 -6.13 -24.35
C PRO A 27 -70.31 -6.57 -23.79
N HIS A 28 -69.50 -5.59 -23.38
CA HIS A 28 -68.17 -5.90 -22.87
C HIS A 28 -68.24 -6.56 -21.50
N ILE A 29 -69.20 -6.15 -20.65
CA ILE A 29 -69.37 -6.82 -19.37
C ILE A 29 -69.82 -8.26 -19.59
N LEU A 30 -70.80 -8.46 -20.48
CA LEU A 30 -71.23 -9.84 -20.75
C LEU A 30 -70.04 -10.69 -21.19
N PHE A 31 -69.26 -10.17 -22.14
CA PHE A 31 -68.05 -10.86 -22.60
C PHE A 31 -67.11 -11.22 -21.44
N LEU A 32 -66.78 -10.25 -20.59
CA LEU A 32 -65.92 -10.56 -19.44
C LEU A 32 -66.54 -11.60 -18.51
N GLU A 33 -67.83 -11.51 -18.23
CA GLU A 33 -68.45 -12.51 -17.38
C GLU A 33 -68.38 -13.87 -18.05
N GLN A 34 -68.58 -13.93 -19.36
CA GLN A 34 -68.48 -15.23 -20.03
C GLN A 34 -67.04 -15.80 -19.97
N LYS A 35 -66.04 -14.92 -19.92
CA LYS A 35 -64.65 -15.37 -19.78
C LYS A 35 -64.28 -15.76 -18.35
N GLY A 36 -65.15 -15.54 -17.38
CA GLY A 36 -64.92 -15.98 -16.02
C GLY A 36 -64.63 -14.84 -15.06
N TYR A 37 -64.76 -13.58 -15.48
CA TYR A 37 -64.45 -12.44 -14.64
C TYR A 37 -65.71 -11.98 -13.93
N GLN A 38 -65.56 -11.52 -12.70
CA GLN A 38 -66.67 -10.95 -11.92
C GLN A 38 -66.59 -9.43 -11.96
N VAL A 39 -67.61 -8.78 -12.52
CA VAL A 39 -67.56 -7.34 -12.78
C VAL A 39 -68.55 -6.65 -11.87
N THR A 40 -68.07 -5.66 -11.13
CA THR A 40 -68.92 -4.78 -10.35
C THR A 40 -68.98 -3.42 -11.01
N PRO A 41 -70.12 -2.99 -11.56
CA PRO A 41 -70.17 -1.67 -12.20
C PRO A 41 -70.64 -0.58 -11.26
N VAL A 42 -70.00 0.58 -11.36
CA VAL A 42 -70.42 1.77 -10.63
C VAL A 42 -70.46 2.95 -11.61
N LEU A 43 -71.15 4.02 -11.23
CA LEU A 43 -71.42 5.08 -12.19
C LEU A 43 -70.61 6.35 -12.01
N SER A 44 -69.79 6.43 -10.97
CA SER A 44 -69.10 7.65 -10.66
C SER A 44 -67.75 7.31 -10.03
N GLY A 45 -66.91 8.35 -9.92
CA GLY A 45 -65.61 8.17 -9.30
C GLY A 45 -65.71 8.09 -7.79
N ASN A 46 -66.73 8.73 -7.23
CA ASN A 46 -66.90 8.61 -5.79
C ASN A 46 -67.36 7.22 -5.41
N ASP A 47 -68.24 6.61 -6.21
CA ASP A 47 -68.64 5.25 -5.91
C ASP A 47 -67.44 4.31 -6.07
N ALA A 48 -66.60 4.57 -7.06
CA ALA A 48 -65.42 3.72 -7.27
C ALA A 48 -64.46 3.81 -6.10
N ILE A 49 -64.21 5.03 -5.62
CA ILE A 49 -63.39 5.22 -4.41
C ILE A 49 -63.96 4.42 -3.23
N GLU A 50 -65.26 4.52 -3.00
CA GLU A 50 -65.88 3.82 -1.89
C GLU A 50 -65.74 2.31 -2.05
N ALA A 51 -65.97 1.80 -3.27
CA ALA A 51 -65.80 0.37 -3.54
C ALA A 51 -64.35 -0.09 -3.28
N VAL A 52 -63.36 0.68 -3.73
CA VAL A 52 -61.97 0.30 -3.47
C VAL A 52 -61.68 0.35 -1.97
N GLN A 53 -62.23 1.34 -1.27
CA GLN A 53 -62.02 1.45 0.18
C GLN A 53 -62.50 0.22 0.94
N ASN A 54 -63.63 -0.37 0.54
CA ASN A 54 -64.25 -1.42 1.32
C ASN A 54 -64.07 -2.81 0.72
N ASN A 55 -63.31 -2.95 -0.36
CA ASN A 55 -63.15 -4.26 -0.97
C ASN A 55 -61.71 -4.44 -1.42
N ASP A 56 -61.42 -5.59 -1.95
CA ASP A 56 -60.09 -5.86 -2.52
C ASP A 56 -60.20 -6.34 -3.97
N PHE A 57 -60.60 -5.45 -4.86
CA PHE A 57 -60.75 -5.82 -6.26
C PHE A 57 -59.40 -6.14 -6.88
N ASP A 58 -59.39 -7.06 -7.82
CA ASP A 58 -58.13 -7.40 -8.49
C ASP A 58 -57.70 -6.33 -9.49
N ILE A 59 -58.64 -5.58 -10.05
CA ILE A 59 -58.29 -4.59 -11.05
C ILE A 59 -59.45 -3.64 -11.13
N VAL A 60 -59.15 -2.39 -11.49
CA VAL A 60 -60.11 -1.32 -11.64
C VAL A 60 -60.05 -0.77 -13.07
N PHE A 61 -61.21 -0.68 -13.73
CA PHE A 61 -61.41 -0.03 -15.02
C PHE A 61 -62.08 1.30 -14.70
N LEU A 62 -61.52 2.39 -15.22
CA LEU A 62 -62.02 3.74 -14.97
C LEU A 62 -62.26 4.53 -16.25
N ASP A 63 -63.44 5.13 -16.35
CA ASP A 63 -63.74 6.23 -17.26
C ASP A 63 -63.05 7.51 -16.81
N GLU A 64 -62.89 8.46 -17.73
CA GLU A 64 -62.32 9.76 -17.38
C GLU A 64 -63.44 10.77 -17.08
N ASN A 65 -64.37 10.94 -18.01
CA ASN A 65 -65.37 11.99 -17.90
C ASN A 65 -66.64 11.44 -17.27
N PRO A 67 -69.78 12.71 -14.26
CA PRO A 67 -70.29 13.72 -13.31
C PRO A 67 -69.72 13.48 -11.92
N GLY A 68 -69.21 14.54 -11.32
CA GLY A 68 -68.63 14.47 -10.00
C GLY A 68 -67.13 14.55 -10.11
N ILE A 69 -66.42 13.75 -9.31
CA ILE A 69 -64.99 13.70 -9.49
C ILE A 69 -64.65 12.97 -10.79
N GLY A 70 -63.63 13.42 -11.48
CA GLY A 70 -63.23 12.80 -12.72
C GLY A 70 -62.44 11.54 -12.48
N GLY A 71 -62.27 10.76 -13.54
CA GLY A 71 -61.53 9.51 -13.40
C GLY A 71 -60.11 9.74 -12.94
N LEU A 72 -59.47 10.85 -13.39
CA LEU A 72 -58.09 11.10 -12.97
C LEU A 72 -57.98 11.40 -11.47
N ASP A 73 -58.97 12.10 -10.92
CA ASP A 73 -59.03 12.28 -9.47
C ASP A 73 -59.28 10.97 -8.73
N ALA A 74 -60.21 10.13 -9.25
CA ALA A 74 -60.44 8.81 -8.68
C ALA A 74 -59.18 7.98 -8.72
N LEU A 75 -58.48 8.00 -9.85
CA LEU A 75 -57.21 7.29 -9.98
C LEU A 75 -56.23 7.64 -8.87
N GLN A 76 -56.00 8.93 -8.66
CA GLN A 76 -55.08 9.37 -7.61
C GLN A 76 -55.48 8.79 -6.26
N LYS A 77 -56.78 8.90 -5.92
CA LYS A 77 -57.19 8.40 -4.61
C LYS A 77 -57.07 6.89 -4.56
N ILE A 78 -57.42 6.20 -5.65
CA ILE A 78 -57.39 4.75 -5.62
C ILE A 78 -55.96 4.27 -5.46
N LYS A 79 -55.03 4.93 -6.15
CA LYS A 79 -53.62 4.54 -6.08
C LYS A 79 -53.03 4.80 -4.71
N GLU A 80 -53.56 5.81 -4.01
CA GLU A 80 -53.19 6.06 -2.62
C GLU A 80 -53.64 4.92 -1.73
N LEU A 81 -54.90 4.49 -1.89
CA LEU A 81 -55.46 3.42 -1.06
C LEU A 81 -54.80 2.07 -1.35
N LYS A 82 -54.74 1.70 -2.62
CA LYS A 82 -54.27 0.38 -3.06
C LYS A 82 -53.22 0.55 -4.13
N PRO A 83 -52.01 1.00 -3.79
N PRO A 83 -52.01 1.02 -3.78
N PRO A 83 -51.98 0.96 -3.78
CA PRO A 83 -51.00 1.27 -4.82
CA PRO A 83 -51.02 1.34 -4.82
CA PRO A 83 -50.98 1.24 -4.82
C PRO A 83 -50.68 0.05 -5.70
C PRO A 83 -50.73 0.20 -5.77
C PRO A 83 -50.69 0.07 -5.71
N TYR A 84 -50.82 -1.16 -5.16
N TYR A 84 -50.89 -1.05 -5.34
CA TYR A 84 -50.43 -2.39 -5.86
CA TYR A 84 -50.45 -2.21 -6.11
C TYR A 84 -51.53 -2.89 -6.79
C TYR A 84 -51.62 -2.95 -6.74
N THR A 85 -52.71 -2.25 -6.80
N THR A 85 -52.76 -2.30 -6.85
CA THR A 85 -53.80 -2.74 -7.66
CA THR A 85 -53.84 -2.82 -7.68
C THR A 85 -53.76 -2.08 -9.03
C THR A 85 -53.84 -2.11 -9.03
N PRO A 86 -53.77 -2.85 -10.13
CA PRO A 86 -53.73 -2.20 -11.45
C PRO A 86 -55.00 -1.42 -11.73
N VAL A 87 -54.83 -0.27 -12.35
CA VAL A 87 -55.95 0.55 -12.82
C VAL A 87 -55.80 0.81 -14.32
N VAL A 88 -56.84 0.47 -15.08
CA VAL A 88 -56.88 0.69 -16.53
C VAL A 88 -57.90 1.79 -16.84
N ILE A 90 -60.29 3.61 -19.38
CA ILE A 90 -61.03 3.30 -20.61
C ILE A 90 -61.87 4.52 -20.91
N THR A 91 -61.44 5.29 -21.90
CA THR A 91 -62.04 6.59 -22.11
C THR A 91 -62.24 6.90 -23.60
N LYS A 92 -63.25 7.76 -23.87
CA LYS A 92 -63.37 8.26 -25.23
C LYS A 92 -62.37 9.37 -25.57
N SER A 93 -61.68 9.94 -24.58
CA SER A 93 -60.85 11.11 -24.82
C SER A 93 -59.61 10.73 -25.59
N GLU A 94 -59.31 11.51 -26.62
CA GLU A 94 -58.09 11.37 -27.39
C GLU A 94 -57.10 12.47 -27.05
N GLU A 95 -57.40 13.26 -26.02
CA GLU A 95 -56.55 14.38 -25.64
C GLU A 95 -55.23 13.90 -25.08
N GLU A 96 -54.14 14.47 -25.58
CA GLU A 96 -52.80 14.09 -25.14
C GLU A 96 -52.56 14.44 -23.69
N HIS A 97 -53.09 15.56 -23.22
CA HIS A 97 -52.85 15.89 -21.83
C HIS A 97 -53.59 14.97 -20.87
N ILE A 98 -54.69 14.32 -21.32
CA ILE A 98 -55.35 13.33 -20.48
C ILE A 98 -54.48 12.09 -20.40
N THR A 100 -51.24 11.81 -20.75
CA THR A 100 -50.07 12.12 -19.94
C THR A 100 -50.38 12.14 -18.44
N GLN A 101 -51.49 12.78 -18.03
CA GLN A 101 -51.89 12.72 -16.63
C GLN A 101 -52.27 11.33 -16.19
N ALA A 102 -52.87 10.50 -17.06
CA ALA A 102 -53.13 9.12 -16.65
C ALA A 102 -51.82 8.37 -16.42
N ILE A 103 -50.88 8.47 -17.36
CA ILE A 103 -49.58 7.81 -17.20
C ILE A 103 -48.93 8.26 -15.90
N GLY A 104 -48.96 9.57 -15.68
CA GLY A 104 -48.35 10.12 -14.50
C GLY A 104 -49.02 9.70 -13.22
N GLY A 105 -50.32 9.34 -13.26
CA GLY A 105 -51.04 8.84 -12.11
C GLY A 105 -50.88 7.35 -11.93
N LYS A 106 -50.02 6.71 -12.74
CA LYS A 106 -49.62 5.31 -12.62
C LYS A 106 -50.67 4.36 -13.17
N ILE A 107 -51.39 4.78 -14.21
CA ILE A 107 -52.28 3.88 -14.92
C ILE A 107 -51.48 2.67 -15.41
N ALA A 108 -52.11 1.53 -15.43
CA ALA A 108 -51.50 0.30 -15.95
C ALA A 108 -51.70 0.17 -17.46
N ASP A 109 -52.80 0.68 -17.97
CA ASP A 109 -53.11 0.67 -19.39
C ASP A 109 -54.13 1.77 -19.57
N TYR A 110 -54.33 2.13 -20.84
CA TYR A 110 -55.16 3.25 -21.25
C TYR A 110 -55.68 2.84 -22.59
N LEU A 111 -56.99 2.64 -22.70
CA LEU A 111 -57.67 2.19 -23.91
C LEU A 111 -58.66 3.26 -24.37
N ILE A 112 -58.48 3.74 -25.60
CA ILE A 112 -59.40 4.71 -26.18
C ILE A 112 -60.62 4.02 -26.77
N LYS A 113 -61.82 4.47 -26.37
CA LYS A 113 -63.06 3.94 -26.94
C LYS A 113 -63.22 4.30 -28.42
N PRO A 114 -63.94 3.47 -29.19
CA PRO A 114 -64.64 2.22 -28.79
C PRO A 114 -63.63 1.09 -28.60
N VAL A 115 -63.94 0.09 -27.80
CA VAL A 115 -62.94 -0.90 -27.38
C VAL A 115 -63.40 -2.25 -27.85
N ASN A 116 -62.50 -2.98 -28.50
CA ASN A 116 -62.68 -4.38 -28.80
C ASN A 116 -62.65 -5.15 -27.49
N PRO A 117 -63.68 -5.91 -27.15
CA PRO A 117 -63.66 -6.69 -25.90
C PRO A 117 -62.45 -7.56 -25.76
N ASN A 118 -61.87 -8.08 -26.84
CA ASN A 118 -60.66 -8.85 -26.71
C ASN A 118 -59.47 -7.99 -26.27
N GLN A 119 -59.52 -6.68 -26.52
CA GLN A 119 -58.47 -5.81 -25.98
C GLN A 119 -58.56 -5.77 -24.44
N LEU A 120 -59.78 -5.79 -23.87
CA LEU A 120 -59.94 -5.90 -22.41
C LEU A 120 -59.37 -7.22 -21.90
N LEU A 121 -59.62 -8.30 -22.63
CA LEU A 121 -59.10 -9.59 -22.20
C LEU A 121 -57.57 -9.58 -22.18
N LEU A 122 -56.95 -9.00 -23.22
CA LEU A 122 -55.49 -8.81 -23.21
C LEU A 122 -55.03 -8.04 -21.97
N SER A 123 -55.67 -6.91 -21.67
N SER A 123 -55.67 -6.92 -21.65
CA SER A 123 -55.24 -6.13 -20.52
CA SER A 123 -55.20 -6.14 -20.51
C SER A 123 -55.37 -6.93 -19.22
C SER A 123 -55.35 -6.96 -19.22
N LEU A 124 -56.42 -7.76 -19.11
CA LEU A 124 -56.61 -8.55 -17.88
C LEU A 124 -55.55 -9.64 -17.77
N LYS A 125 -55.28 -10.33 -18.85
CA LYS A 125 -54.24 -11.35 -18.82
C LYS A 125 -52.91 -10.73 -18.47
N LYS A 126 -52.60 -9.61 -19.11
CA LYS A 126 -51.27 -9.04 -18.95
C LYS A 126 -51.12 -8.40 -17.58
N ASN A 127 -52.17 -7.79 -17.07
CA ASN A 127 -51.98 -7.10 -15.78
C ASN A 127 -52.21 -7.98 -14.57
N LEU A 128 -52.86 -9.13 -14.73
CA LEU A 128 -53.12 -10.03 -13.62
C LEU A 128 -52.32 -11.33 -13.69
N GLN A 129 -51.88 -11.77 -14.87
CA GLN A 129 -51.21 -13.07 -14.99
C GLN A 129 -49.89 -13.04 -15.76
N GLN A 130 -49.31 -11.87 -15.95
CA GLN A 130 -48.07 -11.75 -16.73
C GLN A 130 -46.96 -12.65 -16.17
N HIS A 131 -46.77 -12.63 -14.85
CA HIS A 131 -45.66 -13.33 -14.26
C HIS A 131 -45.82 -14.82 -14.38
N SER A 132 -47.03 -15.35 -14.16
CA SER A 132 -47.19 -16.80 -14.33
C SER A 132 -47.17 -17.19 -15.79
N ILE A 133 -47.64 -16.35 -16.70
CA ILE A 133 -47.51 -16.65 -18.14
C ILE A 133 -46.04 -16.61 -18.58
N ILE A 134 -45.26 -15.64 -18.09
CA ILE A 134 -43.85 -15.59 -18.50
C ILE A 134 -43.11 -16.77 -17.90
N SER A 135 -43.45 -17.12 -16.66
CA SER A 135 -42.81 -18.23 -15.97
C SER A 135 -43.04 -19.55 -16.71
N GLU A 136 -44.29 -19.82 -17.14
CA GLU A 136 -44.56 -21.06 -17.87
C GLU A 136 -43.86 -21.05 -19.23
N THR A 137 -43.91 -19.94 -19.95
CA THR A 137 -43.24 -19.83 -21.25
C THR A 137 -41.73 -20.04 -21.11
N THR A 138 -41.08 -19.41 -20.11
CA THR A 138 -39.67 -19.65 -19.83
C THR A 138 -39.36 -21.13 -19.67
N ASN A 139 -40.14 -21.80 -18.81
CA ASN A 139 -39.95 -23.21 -18.55
C ASN A 139 -40.07 -24.02 -19.84
N THR A 140 -41.16 -23.81 -20.57
CA THR A 140 -41.32 -24.48 -21.86
C THR A 140 -40.11 -24.26 -22.76
N ASN A 141 -39.67 -23.00 -22.87
CA ASN A 141 -38.59 -22.67 -23.79
C ASN A 141 -37.28 -23.30 -23.37
N TYR A 142 -37.00 -23.33 -22.07
CA TYR A 142 -35.80 -23.98 -21.59
C TYR A 142 -35.82 -25.48 -21.88
N ARG A 143 -36.93 -26.17 -21.55
N ARG A 143 -36.93 -26.17 -21.55
CA ARG A 143 -37.05 -27.60 -21.89
CA ARG A 143 -37.06 -27.60 -21.89
C ARG A 143 -36.83 -27.84 -23.38
C ARG A 143 -36.82 -27.84 -23.38
N GLN A 144 -37.35 -26.96 -24.23
CA GLN A 144 -37.22 -27.12 -25.67
C GLN A 144 -35.84 -26.79 -26.20
N GLU A 145 -34.96 -26.20 -25.38
CA GLU A 145 -33.59 -25.92 -25.76
C GLU A 145 -32.59 -26.76 -24.99
N PHE A 146 -33.03 -27.54 -24.00
CA PHE A 146 -32.08 -28.21 -23.12
C PHE A 146 -31.12 -29.08 -23.92
N VAL A 147 -31.68 -29.82 -24.87
CA VAL A 147 -30.86 -30.72 -25.67
C VAL A 147 -29.97 -29.93 -26.62
N GLN A 148 -30.50 -28.87 -27.25
CA GLN A 148 -29.66 -28.06 -28.12
C GLN A 148 -28.44 -27.50 -27.36
N LEU A 149 -28.62 -27.05 -26.12
CA LEU A 149 -27.50 -26.54 -25.34
C LEU A 149 -26.45 -27.62 -25.08
N GLY A 150 -26.90 -28.85 -24.75
CA GLY A 150 -25.96 -29.93 -24.49
C GLY A 150 -25.15 -30.27 -25.72
N THR A 151 -25.79 -30.18 -26.89
CA THR A 151 -25.09 -30.31 -28.17
C THR A 151 -24.17 -29.12 -28.40
N GLN A 152 -24.63 -27.92 -28.06
CA GLN A 152 -23.84 -26.72 -28.32
C GLN A 152 -22.47 -26.75 -27.63
N SER A 154 -20.72 -29.56 -27.04
CA SER A 154 -20.13 -30.85 -27.34
C SER A 154 -19.03 -30.72 -28.38
N GLY A 155 -18.08 -31.64 -28.31
CA GLY A 155 -16.98 -31.60 -29.26
C GLY A 155 -16.01 -30.48 -28.93
N LYS A 156 -15.39 -29.93 -29.96
CA LYS A 156 -14.45 -28.85 -29.79
C LYS A 156 -15.03 -27.58 -30.38
N LEU A 157 -15.00 -26.49 -29.57
CA LEU A 157 -15.60 -25.22 -29.91
C LEU A 157 -14.52 -24.17 -30.20
N SER A 158 -14.80 -23.28 -31.15
CA SER A 158 -13.95 -22.13 -31.29
C SER A 158 -14.11 -21.21 -30.07
N PHE A 159 -13.23 -20.20 -30.01
CA PHE A 159 -13.36 -19.20 -28.96
C PHE A 159 -14.70 -18.49 -29.07
N GLU A 160 -15.11 -18.15 -30.31
CA GLU A 160 -16.34 -17.40 -30.51
C GLU A 160 -17.54 -18.24 -30.09
N GLU A 161 -17.44 -19.56 -30.26
CA GLU A 161 -18.48 -20.49 -29.84
C GLU A 161 -18.54 -20.60 -28.32
N TRP A 162 -17.40 -20.55 -27.65
CA TRP A 162 -17.41 -20.49 -26.20
C TRP A 162 -18.04 -19.21 -25.70
N LYS A 163 -17.82 -18.08 -26.38
CA LYS A 163 -18.45 -16.84 -25.93
C LYS A 163 -19.96 -16.93 -26.04
N GLU A 164 -20.44 -17.38 -27.20
CA GLU A 164 -21.88 -17.54 -27.38
C GLU A 164 -22.46 -18.53 -26.37
N LEU A 165 -21.78 -19.67 -26.17
CA LEU A 165 -22.30 -20.68 -25.26
C LEU A 165 -22.44 -20.10 -23.84
N TYR A 166 -21.37 -19.47 -23.35
CA TYR A 166 -21.38 -18.90 -22.00
C TYR A 166 -22.44 -17.80 -21.87
N ARG A 167 -22.53 -16.94 -22.88
CA ARG A 167 -23.62 -15.96 -22.88
C ARG A 167 -25.01 -16.64 -22.81
N ARG A 168 -25.20 -17.77 -23.47
CA ARG A 168 -26.52 -18.41 -23.42
C ARG A 168 -26.77 -19.06 -22.06
N ILE A 169 -25.73 -19.68 -21.49
CA ILE A 169 -25.89 -20.23 -20.14
C ILE A 169 -26.22 -19.14 -19.13
N VAL A 170 -25.59 -17.99 -19.22
CA VAL A 170 -25.85 -16.93 -18.25
C VAL A 170 -27.27 -16.41 -18.41
N PHE A 171 -27.72 -16.21 -19.67
CA PHE A 171 -29.11 -15.90 -19.98
C PHE A 171 -30.07 -16.84 -19.24
N TRP A 172 -29.83 -18.14 -19.31
CA TRP A 172 -30.76 -19.08 -18.69
C TRP A 172 -30.68 -19.04 -17.15
N GLU A 173 -29.48 -18.90 -16.61
CA GLU A 173 -29.32 -18.74 -15.16
C GLU A 173 -30.20 -17.63 -14.62
N ILE A 174 -30.24 -16.50 -15.33
CA ILE A 174 -31.05 -15.36 -14.89
C ILE A 174 -32.53 -15.61 -15.15
N GLU A 175 -32.87 -16.13 -16.35
CA GLU A 175 -34.28 -16.33 -16.66
C GLU A 175 -34.92 -17.39 -15.78
N LEU A 176 -34.14 -18.39 -15.37
N LEU A 176 -34.14 -18.36 -15.30
CA LEU A 176 -34.63 -19.48 -14.54
CA LEU A 176 -34.66 -19.43 -14.47
C LEU A 176 -34.63 -19.13 -13.06
C LEU A 176 -34.61 -19.13 -12.97
N GLU A 177 -34.22 -17.92 -12.68
N GLU A 177 -34.40 -17.87 -12.58
CA GLU A 177 -34.62 -17.40 -11.38
CA GLU A 177 -34.13 -17.58 -11.17
C GLU A 177 -36.13 -17.36 -11.28
C GLU A 177 -35.30 -17.96 -10.27
N GLN A 178 -36.80 -16.98 -12.39
N GLN A 178 -36.52 -17.57 -10.64
CA GLN A 178 -38.23 -16.79 -12.44
CA GLN A 178 -37.70 -17.87 -9.84
C GLN A 178 -38.97 -18.02 -12.98
C GLN A 178 -38.43 -19.13 -10.32
N ALA A 179 -38.36 -19.20 -12.88
N ALA A 179 -37.79 -19.92 -11.18
CA ALA A 179 -38.93 -20.40 -13.47
CA ALA A 179 -38.37 -21.17 -11.67
C ALA A 179 -38.85 -21.57 -12.47
C ALA A 179 -38.29 -22.24 -10.58
N ASP A 180 -39.39 -22.70 -12.90
N ASP A 180 -38.99 -23.35 -10.83
CA ASP A 180 -39.49 -23.90 -12.07
CA ASP A 180 -39.03 -24.43 -9.85
C ASP A 180 -38.11 -24.37 -11.59
C ASP A 180 -37.68 -25.13 -9.78
N ARG A 181 -38.00 -24.61 -10.28
N ARG A 181 -37.48 -25.88 -8.70
CA ARG A 181 -36.71 -24.93 -9.68
CA ARG A 181 -36.15 -26.39 -8.38
C ARG A 181 -36.05 -26.11 -10.39
C ARG A 181 -35.59 -27.27 -9.50
N GLN A 182 -36.79 -27.21 -10.61
N GLN A 182 -36.45 -28.05 -10.15
CA GLN A 182 -36.20 -28.38 -11.25
CA GLN A 182 -35.96 -28.96 -11.17
C GLN A 182 -35.36 -27.97 -12.46
C GLN A 182 -35.24 -28.22 -12.30
N GLY A 184 -33.79 -25.14 -12.61
N GLY A 184 -33.85 -25.15 -12.41
CA GLY A 184 -32.55 -24.67 -12.04
CA GLY A 184 -32.56 -24.65 -11.97
C GLY A 184 -31.54 -25.78 -11.87
C GLY A 184 -31.55 -25.77 -11.84
N GLU A 185 -31.97 -26.90 -11.26
CA GLU A 185 -31.07 -28.03 -11.10
C GLU A 185 -30.55 -28.51 -12.44
N LEU A 186 -31.42 -28.58 -13.45
CA LEU A 186 -30.95 -28.97 -14.76
C LEU A 186 -29.90 -27.98 -15.27
N LEU A 187 -30.18 -26.68 -15.14
CA LEU A 187 -29.24 -25.68 -15.64
C LEU A 187 -27.90 -25.74 -14.87
N GLU A 188 -27.96 -25.95 -13.55
CA GLU A 188 -26.73 -26.03 -12.78
C GLU A 188 -25.87 -27.14 -13.35
N GLN A 190 -25.90 -28.47 -16.37
CA GLN A 190 -25.37 -28.09 -17.68
C GLN A 190 -24.21 -27.13 -17.56
N LYS A 191 -24.33 -26.15 -16.64
CA LYS A 191 -23.24 -25.22 -16.38
C LYS A 191 -22.01 -25.93 -15.80
N GLN A 192 -22.24 -26.89 -14.90
CA GLN A 192 -21.15 -27.70 -14.38
C GLN A 192 -20.39 -28.38 -15.51
N GLU A 193 -21.13 -28.97 -16.46
CA GLU A 193 -20.49 -29.63 -17.60
C GLU A 193 -19.75 -28.62 -18.49
N ALA A 194 -20.32 -27.46 -18.68
CA ALA A 194 -19.67 -26.45 -19.51
C ALA A 194 -18.35 -26.03 -18.90
N ASN A 195 -18.31 -25.92 -17.57
CA ASN A 195 -17.08 -25.53 -16.90
C ASN A 195 -16.05 -26.64 -16.97
N ARG A 196 -16.47 -27.89 -16.89
CA ARG A 196 -15.54 -28.99 -17.04
C ARG A 196 -14.93 -28.95 -18.43
N LEU A 197 -15.78 -28.79 -19.46
CA LEU A 197 -15.28 -28.75 -20.83
C LEU A 197 -14.41 -27.51 -21.07
N PHE A 198 -14.78 -26.39 -20.47
CA PHE A 198 -13.99 -25.17 -20.68
C PHE A 198 -12.62 -25.27 -20.02
N ALA A 199 -12.55 -25.88 -18.82
CA ALA A 199 -11.26 -26.15 -18.21
C ALA A 199 -10.37 -26.97 -19.14
N ARG A 200 -10.92 -28.00 -19.79
CA ARG A 200 -10.16 -28.77 -20.76
CA ARG A 200 -10.15 -28.77 -20.76
C ARG A 200 -9.62 -27.87 -21.86
N PHE A 201 -10.51 -27.12 -22.50
CA PHE A 201 -10.15 -26.19 -23.57
C PHE A 201 -9.02 -25.26 -23.17
N VAL A 202 -9.07 -24.75 -21.93
CA VAL A 202 -8.02 -23.86 -21.47
C VAL A 202 -6.71 -24.61 -21.24
N THR A 203 -6.76 -25.74 -20.55
CA THR A 203 -5.52 -26.45 -20.25
C THR A 203 -4.87 -26.98 -21.52
N GLN A 204 -5.66 -27.26 -22.55
CA GLN A 204 -5.08 -27.78 -23.78
C GLN A 204 -4.41 -26.70 -24.60
N ASN A 205 -4.88 -25.45 -24.51
CA ASN A 205 -4.38 -24.39 -25.38
C ASN A 205 -3.58 -23.29 -24.69
N TYR A 206 -3.56 -23.24 -23.35
CA TYR A 206 -3.09 -22.04 -22.67
C TYR A 206 -1.63 -21.78 -22.97
N ARG A 207 -0.78 -22.79 -22.81
CA ARG A 207 0.64 -22.57 -23.10
C ARG A 207 0.85 -22.06 -24.53
N GLU A 208 0.06 -22.57 -25.47
CA GLU A 208 0.20 -22.13 -26.86
C GLU A 208 -0.35 -20.72 -27.09
N TRP A 209 -1.33 -20.29 -26.29
CA TRP A 209 -1.83 -18.92 -26.45
C TRP A 209 -0.77 -17.90 -26.09
N ILE A 210 0.03 -18.18 -25.04
CA ILE A 210 1.06 -17.26 -24.58
C ILE A 210 2.21 -17.28 -25.54
N ALA A 211 2.51 -18.47 -26.08
CA ALA A 211 3.63 -18.64 -26.99
C ALA A 211 3.38 -17.98 -28.35
N LYS A 212 2.13 -17.99 -28.84
CA LYS A 212 1.81 -17.50 -30.18
C LYS A 212 0.86 -16.32 -30.09
N PRO A 213 1.38 -15.12 -29.85
CA PRO A 213 0.47 -13.96 -29.65
C PRO A 213 -0.34 -13.57 -30.87
N ASP A 214 0.07 -13.97 -32.08
CA ASP A 214 -0.63 -13.53 -33.28
C ASP A 214 -1.95 -14.25 -33.46
N THR A 215 -2.03 -15.51 -33.02
CA THR A 215 -3.21 -16.34 -33.25
C THR A 215 -4.05 -16.57 -31.98
N ARG A 216 -3.72 -15.91 -30.87
CA ARG A 216 -4.42 -16.19 -29.64
C ARG A 216 -5.66 -15.31 -29.52
N PRO A 217 -6.70 -15.75 -28.81
CA PRO A 217 -7.81 -14.84 -28.57
C PRO A 217 -7.36 -13.64 -27.75
N THR A 218 -8.18 -12.59 -27.77
CA THR A 218 -7.86 -11.40 -27.00
C THR A 218 -7.71 -11.74 -25.53
N SER A 220 -5.71 -10.39 -21.57
CA SER A 220 -5.37 -9.21 -20.76
C SER A 220 -4.33 -8.29 -21.37
N PRO A 221 -3.16 -8.76 -21.85
CA PRO A 221 -2.15 -7.82 -22.43
C PRO A 221 -2.56 -7.24 -23.78
N ASP A 222 -3.64 -7.77 -24.40
CA ASP A 222 -4.08 -7.34 -25.72
C ASP A 222 -5.20 -6.32 -25.64
N LEU A 223 -5.76 -6.10 -24.45
CA LEU A 223 -7.08 -5.48 -24.35
C LEU A 223 -7.04 -4.02 -24.81
N PHE A 224 -6.05 -3.26 -24.35
CA PHE A 224 -5.98 -1.86 -24.79
C PHE A 224 -5.71 -1.77 -26.29
N LYS A 225 -4.78 -2.58 -26.80
CA LYS A 225 -4.50 -2.55 -28.23
C LYS A 225 -5.74 -2.88 -29.04
N GLN A 226 -6.57 -3.86 -28.57
CA GLN A 226 -7.68 -4.33 -29.38
C GLN A 226 -8.93 -3.46 -29.20
N LYS A 227 -9.17 -2.97 -28.01
CA LYS A 227 -10.44 -2.34 -27.72
C LYS A 227 -10.40 -0.86 -27.40
N VAL A 228 -9.24 -0.27 -27.07
CA VAL A 228 -9.16 1.14 -26.69
C VAL A 228 -8.42 1.95 -27.76
N PHE A 229 -7.27 1.47 -28.15
CA PHE A 229 -6.50 2.22 -29.14
C PHE A 229 -7.29 2.53 -30.40
N PRO A 230 -8.05 1.60 -31.01
CA PRO A 230 -8.77 1.93 -32.26
C PRO A 230 -9.75 3.10 -32.10
N LEU A 231 -10.41 3.22 -30.95
CA LEU A 231 -11.29 4.37 -30.74
C LEU A 231 -10.48 5.66 -30.67
N LEU A 232 -9.42 5.65 -29.87
CA LEU A 232 -8.59 6.84 -29.74
C LEU A 232 -8.00 7.26 -31.10
N ASP A 233 -7.54 6.29 -31.89
CA ASP A 233 -6.91 6.56 -33.18
C ASP A 233 -7.91 7.07 -34.21
N ASN A 234 -9.20 6.83 -34.00
CA ASN A 234 -10.26 7.37 -34.83
C ASN A 234 -10.79 8.71 -34.30
N GLY A 235 -10.14 9.31 -33.34
CA GLY A 235 -10.53 10.62 -32.84
C GLY A 235 -11.56 10.64 -31.73
N GLU A 236 -11.89 9.50 -31.15
CA GLU A 236 -12.91 9.45 -30.10
C GLU A 236 -12.27 9.63 -28.73
N LYS A 237 -13.00 10.28 -27.82
CA LYS A 237 -12.60 10.39 -26.42
C LYS A 237 -13.22 9.23 -25.64
N VAL A 238 -12.44 8.63 -24.73
CA VAL A 238 -12.80 7.35 -24.11
C VAL A 238 -12.62 7.40 -22.58
N PHE A 239 -13.64 6.95 -21.85
CA PHE A 239 -13.48 6.53 -20.45
C PHE A 239 -13.31 5.01 -20.39
N PHE A 240 -12.23 4.53 -19.82
CA PHE A 240 -11.97 3.10 -19.66
C PHE A 240 -12.28 2.85 -18.22
N ILE A 241 -13.37 2.12 -17.96
CA ILE A 241 -13.84 1.90 -16.61
C ILE A 241 -13.64 0.46 -16.27
N LEU A 242 -12.71 0.21 -15.32
CA LEU A 242 -12.34 -1.13 -14.93
C LEU A 242 -13.00 -1.39 -13.58
N ILE A 243 -14.08 -2.19 -13.56
CA ILE A 243 -14.69 -2.66 -12.30
C ILE A 243 -14.00 -3.96 -11.98
N ASP A 244 -13.17 -3.97 -10.94
CA ASP A 244 -12.45 -5.17 -10.57
C ASP A 244 -13.47 -6.24 -10.18
N ASN A 245 -13.18 -7.47 -10.63
CA ASN A 245 -13.94 -8.64 -10.22
C ASN A 245 -15.40 -8.54 -10.63
N PHE A 246 -15.65 -8.45 -11.93
CA PHE A 246 -16.99 -8.23 -12.46
C PHE A 246 -17.35 -9.31 -13.49
N ARG A 247 -18.17 -10.29 -13.09
CA ARG A 247 -18.50 -11.45 -13.92
C ARG A 247 -19.41 -11.03 -15.08
N GLN A 248 -19.50 -11.91 -16.09
CA GLN A 248 -20.49 -11.68 -17.15
C GLN A 248 -21.92 -11.52 -16.58
N ASP A 249 -22.32 -12.35 -15.62
CA ASP A 249 -23.71 -12.21 -15.14
C ASP A 249 -23.95 -10.90 -14.35
N GLN A 250 -22.91 -10.24 -13.86
CA GLN A 250 -23.09 -8.93 -13.25
C GLN A 250 -23.25 -7.87 -14.32
N TRP A 251 -22.49 -7.98 -15.43
CA TRP A 251 -22.76 -7.08 -16.55
C TRP A 251 -24.22 -7.20 -16.98
N GLU A 252 -24.67 -8.44 -17.18
CA GLU A 252 -26.04 -8.67 -17.58
C GLU A 252 -27.04 -8.07 -16.60
N SER A 253 -26.73 -8.05 -15.31
CA SER A 253 -27.64 -7.50 -14.32
C SER A 253 -27.69 -5.97 -14.34
N VAL A 254 -26.60 -5.30 -14.72
CA VAL A 254 -26.63 -3.84 -14.71
C VAL A 254 -26.90 -3.21 -16.07
N LYS A 255 -27.02 -4.02 -17.15
CA LYS A 255 -27.01 -3.38 -18.46
C LYS A 255 -28.30 -2.63 -18.70
N SER A 256 -29.40 -3.10 -18.10
CA SER A 256 -30.68 -2.45 -18.31
C SER A 256 -30.65 -1.01 -17.81
N LEU A 258 -27.94 0.93 -17.51
CA LEU A 258 -27.08 1.67 -18.40
C LEU A 258 -27.72 1.91 -19.76
N SER A 259 -28.69 1.08 -20.16
CA SER A 259 -29.28 1.27 -21.48
C SER A 259 -30.07 2.57 -21.58
N GLU A 260 -30.45 3.17 -20.46
CA GLU A 260 -31.07 4.48 -20.51
C GLU A 260 -30.12 5.55 -21.02
N PHE A 261 -28.79 5.40 -20.92
CA PHE A 261 -27.86 6.45 -21.32
C PHE A 261 -26.91 6.05 -22.44
N TYR A 262 -26.75 4.76 -22.72
CA TYR A 262 -25.77 4.23 -23.66
C TYR A 262 -26.43 3.18 -24.55
N THR A 263 -25.93 3.07 -25.78
CA THR A 263 -26.06 1.89 -26.66
C THR A 263 -24.79 1.08 -26.50
N PHE A 264 -24.88 -0.24 -26.78
CA PHE A 264 -23.81 -1.16 -26.46
C PHE A 264 -23.28 -1.94 -27.66
N GLU A 265 -21.98 -2.22 -27.61
CA GLU A 265 -21.32 -3.24 -28.42
C GLU A 265 -20.72 -4.21 -27.42
N GLU A 266 -21.33 -5.40 -27.29
CA GLU A 266 -20.99 -6.32 -26.20
C GLU A 266 -19.98 -7.35 -26.67
N ASP A 267 -18.90 -7.56 -25.91
CA ASP A 267 -17.96 -8.60 -26.24
C ASP A 267 -17.44 -9.23 -24.94
N TYR A 269 -13.60 -11.23 -23.39
CA TYR A 269 -12.21 -11.60 -23.68
C TYR A 269 -11.71 -12.49 -22.56
N LEU A 270 -10.47 -12.98 -22.67
CA LEU A 270 -9.92 -13.94 -21.71
C LEU A 270 -8.88 -13.28 -20.82
N SER A 271 -9.11 -13.32 -19.51
CA SER A 271 -8.08 -12.99 -18.54
C SER A 271 -6.93 -14.02 -18.58
N ILE A 272 -5.73 -13.57 -18.30
CA ILE A 272 -4.65 -14.53 -18.14
C ILE A 272 -4.79 -15.24 -16.80
N LEU A 273 -3.95 -16.22 -16.57
CA LEU A 273 -3.73 -16.88 -15.29
C LEU A 273 -2.45 -16.36 -14.59
N PRO A 274 -2.46 -16.17 -13.25
CA PRO A 274 -3.66 -16.30 -12.39
C PRO A 274 -4.71 -15.24 -12.66
N THR A 275 -5.98 -15.61 -12.49
CA THR A 275 -7.09 -14.66 -12.65
C THR A 275 -7.21 -13.82 -11.37
N ALA A 276 -6.20 -12.96 -11.20
CA ALA A 276 -6.04 -12.18 -9.99
C ALA A 276 -5.44 -10.85 -10.39
N THR A 277 -5.72 -9.84 -9.56
CA THR A 277 -5.50 -8.44 -9.89
C THR A 277 -4.02 -8.15 -10.19
N GLN A 278 -3.13 -8.72 -9.37
CA GLN A 278 -1.71 -8.42 -9.49
C GLN A 278 -1.17 -8.83 -10.85
N TYR A 279 -1.78 -9.84 -11.45
CA TYR A 279 -1.31 -10.34 -12.74
C TYR A 279 -2.15 -9.82 -13.88
N ALA A 280 -3.45 -10.04 -13.88
CA ALA A 280 -4.28 -9.69 -15.02
C ALA A 280 -4.43 -8.18 -15.17
N ARG A 281 -4.59 -7.44 -14.05
CA ARG A 281 -4.89 -6.02 -14.21
C ARG A 281 -3.62 -5.24 -14.57
N ASN A 282 -2.47 -5.65 -14.05
CA ASN A 282 -1.22 -5.03 -14.48
C ASN A 282 -0.90 -5.36 -15.94
N ALA A 283 -1.27 -6.56 -16.41
CA ALA A 283 -1.13 -6.91 -17.83
C ALA A 283 -2.05 -6.07 -18.71
N ILE A 284 -3.29 -5.83 -18.26
CA ILE A 284 -4.13 -4.88 -18.97
C ILE A 284 -3.40 -3.55 -19.12
N PHE A 285 -2.99 -2.94 -18.00
CA PHE A 285 -2.53 -1.56 -18.06
C PHE A 285 -1.12 -1.40 -18.60
N SER A 286 -0.30 -2.45 -18.57
CA SER A 286 1.01 -2.45 -19.21
C SER A 286 1.01 -2.97 -20.63
N GLY A 287 -0.01 -3.72 -21.05
CA GLY A 287 0.02 -4.32 -22.38
C GLY A 287 1.01 -5.45 -22.51
N LEU A 288 1.37 -6.09 -21.41
CA LEU A 288 2.44 -7.06 -21.37
C LEU A 288 2.06 -8.20 -20.47
N PRO A 290 2.97 -10.43 -17.23
CA PRO A 290 3.72 -10.03 -16.03
C PRO A 290 5.23 -10.25 -16.14
N LEU A 291 5.65 -11.34 -16.79
CA LEU A 291 7.08 -11.56 -16.91
C LEU A 291 7.75 -10.46 -17.75
N GLN A 292 7.06 -9.97 -18.81
CA GLN A 292 7.65 -8.91 -19.61
C GLN A 292 7.72 -7.59 -18.84
N ILE A 293 6.76 -7.33 -17.95
CA ILE A 293 6.84 -6.15 -17.06
C ILE A 293 8.10 -6.21 -16.20
N GLU A 294 8.34 -7.35 -15.55
CA GLU A 294 9.54 -7.51 -14.74
C GLU A 294 10.80 -7.28 -15.57
N LYS A 295 10.92 -7.95 -16.72
CA LYS A 295 12.11 -7.82 -17.58
C LYS A 295 12.26 -6.41 -18.14
N PHE A 297 10.48 -3.44 -17.37
CA PHE A 297 10.37 -2.37 -16.38
C PHE A 297 10.46 -2.98 -14.99
N PRO A 298 11.66 -3.37 -14.56
CA PRO A 298 11.77 -4.04 -13.23
C PRO A 298 11.28 -3.18 -12.08
N ASP A 299 11.38 -1.86 -12.20
CA ASP A 299 10.98 -0.93 -11.16
C ASP A 299 9.47 -0.93 -10.93
N LEU A 300 8.68 -1.29 -11.94
CA LEU A 300 7.23 -1.26 -11.86
C LEU A 300 6.66 -2.54 -11.30
N TRP A 301 7.39 -3.63 -11.46
CA TRP A 301 6.87 -4.93 -11.03
C TRP A 301 7.20 -5.16 -9.54
N VAL A 302 6.17 -5.44 -8.76
CA VAL A 302 6.33 -5.81 -7.35
C VAL A 302 6.17 -7.33 -7.18
N ASP A 303 7.14 -7.93 -6.48
CA ASP A 303 7.19 -9.35 -6.21
C ASP A 303 5.98 -9.82 -5.41
N GLU A 304 5.64 -11.10 -5.57
CA GLU A 304 4.52 -11.66 -4.85
C GLU A 304 4.81 -11.78 -3.35
N GLU A 305 6.09 -11.90 -2.99
CA GLU A 305 6.47 -12.07 -1.58
C GLU A 305 6.54 -10.75 -0.83
N SER A 306 6.55 -9.63 -1.54
CA SER A 306 6.71 -8.30 -0.95
C SER A 306 5.49 -7.91 -0.13
N GLU A 307 5.71 -6.98 0.80
CA GLU A 307 4.63 -6.38 1.56
C GLU A 307 4.07 -5.14 0.87
N GLU A 308 4.77 -4.65 -0.14
CA GLU A 308 4.32 -3.50 -0.92
C GLU A 308 3.07 -3.87 -1.71
N GLY A 309 2.18 -2.89 -1.89
CA GLY A 309 1.01 -3.11 -2.72
C GLY A 309 1.39 -3.51 -4.15
N LYS A 310 0.56 -4.39 -4.74
CA LYS A 310 0.90 -4.99 -6.02
C LYS A 310 0.33 -4.24 -7.23
N ASN A 311 -0.56 -3.29 -7.04
CA ASN A 311 -1.19 -2.59 -8.18
C ASN A 311 -1.14 -1.09 -7.97
N LEU A 312 -0.02 -0.59 -7.48
CA LEU A 312 0.15 0.84 -7.30
C LEU A 312 0.94 1.51 -8.40
N ASN A 313 1.34 0.81 -9.47
CA ASN A 313 2.13 1.41 -10.56
C ASN A 313 1.37 1.40 -11.87
N GLU A 314 0.03 1.36 -11.82
CA GLU A 314 -0.74 1.24 -13.06
C GLU A 314 -0.67 2.50 -13.89
N GLU A 315 -0.63 3.68 -13.28
CA GLU A 315 -0.53 4.91 -14.06
C GLU A 315 0.80 4.98 -14.81
N PRO A 316 1.95 4.68 -14.19
CA PRO A 316 3.20 4.62 -15.00
C PRO A 316 3.14 3.56 -16.07
N ILE A 318 0.51 2.56 -17.76
CA ILE A 318 -0.28 3.06 -18.87
C ILE A 318 0.58 3.99 -19.70
N ARG A 319 1.35 4.85 -19.04
CA ARG A 319 2.22 5.77 -19.76
C ARG A 319 3.23 5.01 -20.62
N THR A 320 3.81 3.93 -20.06
CA THR A 320 4.76 3.16 -20.86
C THR A 320 4.04 2.53 -22.04
N LEU A 321 2.81 2.08 -21.84
CA LEU A 321 2.06 1.39 -22.90
C LEU A 321 1.74 2.34 -24.03
N ILE A 322 1.28 3.55 -23.70
CA ILE A 322 1.01 4.58 -24.70
C ILE A 322 2.27 4.90 -25.50
N GLU A 323 3.43 5.06 -24.83
CA GLU A 323 4.68 5.35 -25.53
C GLU A 323 5.12 4.18 -26.40
N ARG A 324 5.13 2.98 -25.82
CA ARG A 324 5.54 1.79 -26.54
C ARG A 324 4.88 1.68 -27.91
N TYR A 325 3.61 2.08 -28.02
CA TYR A 325 2.91 2.06 -29.29
C TYR A 325 3.01 3.39 -30.03
N ARG A 326 3.90 4.27 -29.57
CA ARG A 326 4.23 5.51 -30.27
C ARG A 326 3.02 6.42 -30.38
N LYS A 327 2.06 6.24 -29.48
CA LYS A 327 0.88 7.10 -29.40
C LYS A 327 1.20 8.27 -28.48
N HIS A 328 0.39 9.31 -28.56
CA HIS A 328 0.63 10.51 -27.76
C HIS A 328 -0.62 10.93 -26.97
N TYR A 329 -1.45 9.97 -26.57
CA TYR A 329 -2.74 10.31 -25.98
C TYR A 329 -2.54 10.99 -24.63
N SER A 330 -3.30 12.06 -24.39
CA SER A 330 -3.43 12.60 -23.04
C SER A 330 -4.35 11.68 -22.20
N PHE A 331 -4.07 11.57 -20.90
CA PHE A 331 -4.90 10.66 -20.13
C PHE A 331 -4.86 10.97 -18.63
N SER A 332 -5.77 10.35 -17.91
CA SER A 332 -5.83 10.42 -16.47
C SER A 332 -6.10 9.02 -15.94
N TYR A 333 -5.82 8.86 -14.65
CA TYR A 333 -5.96 7.59 -13.96
C TYR A 333 -6.47 7.86 -12.56
N ASN A 334 -7.63 7.32 -12.22
CA ASN A 334 -8.14 7.43 -10.86
C ASN A 334 -8.61 6.07 -10.34
N LYS A 335 -8.38 5.83 -9.04
CA LYS A 335 -8.65 4.55 -8.41
C LYS A 335 -9.61 4.82 -7.26
N VAL A 336 -10.68 4.05 -7.16
CA VAL A 336 -11.73 4.34 -6.18
C VAL A 336 -11.99 3.12 -5.31
N TYR A 337 -11.75 3.27 -4.00
N TYR A 337 -12.07 3.33 -4.00
CA TYR A 337 -12.11 2.24 -3.03
CA TYR A 337 -12.43 2.25 -3.09
C TYR A 337 -13.15 2.80 -2.06
C TYR A 337 -13.80 2.42 -2.42
N GLU A 338 -12.68 3.65 -1.14
N GLU A 338 -14.20 3.64 -2.11
CA GLU A 338 -13.53 4.26 -0.12
CA GLU A 338 -15.46 3.93 -1.43
C GLU A 338 -14.55 5.16 -0.79
C GLU A 338 -16.20 5.00 -2.23
N THR A 339 -15.78 5.09 -0.29
N THR A 339 -17.52 4.98 -2.15
CA THR A 339 -16.87 5.82 -0.91
CA THR A 339 -18.27 6.04 -2.80
C THR A 339 -16.54 7.31 -1.05
C THR A 339 -17.75 7.41 -2.37
N LYS A 340 -15.91 7.88 -0.02
N LYS A 340 -17.32 7.53 -1.11
CA LYS A 340 -15.58 9.31 -0.05
CA LYS A 340 -16.91 8.83 -0.57
C LYS A 340 -14.86 9.70 -1.33
C LYS A 340 -15.80 9.47 -1.41
N PHE A 341 -13.95 8.85 -1.79
N PHE A 341 -14.70 8.75 -1.64
CA PHE A 341 -13.22 9.14 -3.03
CA PHE A 341 -13.70 9.24 -2.60
C PHE A 341 -14.15 9.14 -4.25
C PHE A 341 -14.28 9.24 -4.01
N GLY A 342 -15.19 8.31 -4.27
CA GLY A 342 -16.02 8.32 -5.46
C GLY A 342 -16.92 9.55 -5.57
N GLU A 343 -17.39 10.08 -4.44
CA GLU A 343 -18.14 11.32 -4.46
C GLU A 343 -17.24 12.49 -4.87
N ARG A 344 -16.02 12.51 -4.36
CA ARG A 344 -15.03 13.50 -4.78
C ARG A 344 -14.84 13.47 -6.28
N LEU A 345 -14.59 12.27 -6.82
CA LEU A 345 -14.33 12.11 -8.24
C LEU A 345 -15.51 12.58 -9.07
N LEU A 346 -16.73 12.24 -8.61
CA LEU A 346 -17.94 12.72 -9.28
C LEU A 346 -17.98 14.24 -9.33
N GLY A 347 -17.61 14.89 -8.24
CA GLY A 347 -17.59 16.36 -8.24
C GLY A 347 -16.67 16.92 -9.30
N GLN A 348 -15.48 16.36 -9.44
CA GLN A 348 -14.44 16.86 -10.33
C GLN A 348 -14.47 16.21 -11.71
N ILE A 349 -15.52 15.47 -12.05
CA ILE A 349 -15.52 14.64 -13.26
C ILE A 349 -15.42 15.49 -14.52
N ARG A 350 -16.12 16.62 -14.57
CA ARG A 350 -16.13 17.40 -15.80
C ARG A 350 -14.78 18.06 -16.05
N SER A 351 -13.94 18.19 -15.03
CA SER A 351 -12.60 18.71 -15.24
C SER A 351 -11.70 17.73 -15.99
N LEU A 352 -12.14 16.48 -16.19
CA LEU A 352 -11.38 15.53 -16.98
C LEU A 352 -11.67 15.65 -18.46
N SER A 353 -12.54 16.57 -18.88
CA SER A 353 -12.89 16.70 -20.29
C SER A 353 -11.71 17.07 -21.18
N GLN A 354 -10.54 17.37 -20.64
CA GLN A 354 -9.41 17.70 -21.49
C GLN A 354 -8.71 16.45 -22.01
N ASN A 355 -8.83 15.32 -21.32
CA ASN A 355 -8.06 14.16 -21.70
C ASN A 355 -8.78 13.35 -22.76
N GLN A 356 -7.99 12.80 -23.70
CA GLN A 356 -8.54 11.85 -24.64
C GLN A 356 -9.03 10.59 -23.94
N LEU A 357 -8.33 10.16 -22.89
CA LEU A 357 -8.50 8.85 -22.25
C LEU A 357 -8.52 9.06 -20.75
N ASN A 358 -9.61 8.70 -20.11
CA ASN A 358 -9.72 8.78 -18.66
C ASN A 358 -9.96 7.38 -18.16
N VAL A 359 -9.03 6.87 -17.33
CA VAL A 359 -9.11 5.52 -16.76
C VAL A 359 -9.65 5.62 -15.35
N ILE A 360 -10.71 4.87 -15.05
CA ILE A 360 -11.24 4.79 -13.70
C ILE A 360 -11.25 3.33 -13.29
N VAL A 361 -10.64 3.04 -12.14
CA VAL A 361 -10.71 1.73 -11.49
C VAL A 361 -11.67 1.81 -10.30
N LEU A 362 -12.69 0.95 -10.32
CA LEU A 362 -13.62 0.77 -9.21
C LEU A 362 -13.26 -0.55 -8.53
N ASN A 363 -12.95 -0.50 -7.25
CA ASN A 363 -12.57 -1.69 -6.50
C ASN A 363 -13.65 -2.23 -5.59
N PHE A 364 -14.74 -1.52 -5.41
CA PHE A 364 -15.67 -1.98 -4.39
C PHE A 364 -16.24 -3.38 -4.69
N VAL A 365 -16.51 -3.75 -5.96
CA VAL A 365 -17.16 -5.06 -6.16
C VAL A 365 -16.23 -6.20 -5.72
N ASP A 366 -14.93 -6.02 -5.95
CA ASP A 366 -13.96 -7.01 -5.49
C ASP A 366 -13.97 -7.10 -3.95
N SER A 369 -17.09 -8.91 -2.91
CA SER A 369 -16.95 -10.33 -3.21
C SER A 369 -16.10 -11.05 -2.16
N HIS A 370 -14.94 -10.49 -1.81
CA HIS A 370 -14.15 -11.09 -0.73
C HIS A 370 -14.95 -11.12 0.56
N ALA A 371 -15.73 -10.07 0.83
CA ALA A 371 -16.55 -10.02 2.04
C ALA A 371 -17.54 -11.17 2.19
N ARG A 372 -17.91 -11.84 1.10
CA ARG A 372 -18.74 -13.03 1.17
C ARG A 372 -18.09 -14.15 1.96
N THR A 373 -16.79 -14.02 2.24
CA THR A 373 -16.10 -14.98 3.10
C THR A 373 -16.22 -14.62 4.59
N ASP A 374 -15.90 -13.37 4.96
CA ASP A 374 -15.74 -13.06 6.38
C ASP A 374 -16.82 -12.14 6.95
N SER A 375 -17.73 -11.66 6.14
CA SER A 375 -18.74 -10.72 6.61
C SER A 375 -20.07 -11.43 6.73
N LYS A 376 -20.65 -11.38 7.95
CA LYS A 376 -21.96 -12.01 8.14
C LYS A 376 -23.04 -11.29 7.32
N ILE A 378 -22.66 -9.82 4.52
CA ILE A 378 -22.59 -10.16 3.10
C ILE A 378 -23.01 -11.62 2.85
N ARG A 379 -22.71 -12.51 3.79
CA ARG A 379 -23.13 -13.89 3.63
C ARG A 379 -24.64 -13.99 3.57
N GLU A 380 -25.34 -13.07 4.25
CA GLU A 380 -26.80 -13.09 4.18
C GLU A 380 -27.29 -12.40 2.91
N LEU A 381 -26.67 -11.28 2.53
CA LEU A 381 -27.14 -10.49 1.39
C LEU A 381 -26.68 -11.05 0.05
N ALA A 382 -25.72 -11.96 0.03
CA ALA A 382 -25.24 -12.56 -1.19
C ALA A 382 -25.10 -14.04 -0.99
N SER A 383 -26.11 -14.64 -0.33
CA SER A 383 -26.00 -16.03 0.06
C SER A 383 -25.81 -16.94 -1.15
N ASN A 384 -26.47 -16.61 -2.26
CA ASN A 384 -26.34 -17.36 -3.51
C ASN A 384 -26.13 -16.35 -4.63
N GLU A 385 -26.04 -16.88 -5.86
CA GLU A 385 -25.62 -16.08 -7.00
C GLU A 385 -26.73 -15.16 -7.44
N ALA A 386 -28.00 -15.56 -7.30
CA ALA A 386 -29.09 -14.63 -7.57
C ALA A 386 -29.06 -13.44 -6.60
N ALA A 387 -28.82 -13.70 -5.33
CA ALA A 387 -28.68 -12.63 -4.34
C ALA A 387 -27.44 -11.79 -4.62
N TYR A 388 -26.37 -12.43 -5.06
CA TYR A 388 -25.17 -11.67 -5.46
C TYR A 388 -25.47 -10.67 -6.58
N ARG A 389 -26.13 -11.14 -7.64
CA ARG A 389 -26.49 -10.24 -8.73
C ARG A 389 -27.39 -9.11 -8.24
N SER A 390 -28.40 -9.43 -7.41
CA SER A 390 -29.32 -8.40 -6.93
C SER A 390 -28.56 -7.33 -6.13
N LEU A 391 -27.64 -7.78 -5.27
CA LEU A 391 -26.83 -6.86 -4.47
C LEU A 391 -25.91 -5.99 -5.33
N THR A 392 -25.41 -6.59 -6.42
CA THR A 392 -24.61 -5.86 -7.38
C THR A 392 -25.44 -4.75 -7.99
N LYS A 393 -26.70 -5.06 -8.35
CA LYS A 393 -27.55 -4.04 -8.94
C LYS A 393 -27.84 -2.91 -7.96
N SER A 394 -28.11 -3.27 -6.69
CA SER A 394 -28.32 -2.25 -5.65
C SER A 394 -27.06 -1.39 -5.40
N TRP A 395 -25.89 -2.02 -5.36
CA TRP A 395 -24.65 -1.27 -5.27
C TRP A 395 -24.53 -0.28 -6.42
N PHE A 396 -24.72 -0.76 -7.65
CA PHE A 396 -24.52 0.07 -8.82
C PHE A 396 -25.42 1.28 -8.77
N LYS A 397 -26.67 1.08 -8.38
CA LYS A 397 -27.67 2.13 -8.42
C LYS A 397 -27.48 3.18 -7.33
N HIS A 398 -27.12 2.76 -6.13
CA HIS A 398 -27.19 3.61 -4.96
C HIS A 398 -25.82 4.04 -4.47
N SER A 399 -24.75 3.57 -5.10
CA SER A 399 -23.41 4.12 -4.91
C SER A 399 -23.21 5.28 -5.88
N THR A 400 -22.03 5.90 -5.85
CA THR A 400 -21.76 6.93 -6.85
C THR A 400 -21.59 6.38 -8.27
N THR A 401 -21.49 5.06 -8.44
CA THR A 401 -21.29 4.48 -9.77
C THR A 401 -22.37 4.91 -10.76
N TYR A 402 -23.65 4.79 -10.39
CA TYR A 402 -24.72 5.13 -11.32
C TYR A 402 -24.54 6.55 -11.87
N ASN A 403 -24.39 7.52 -10.97
CA ASN A 403 -24.24 8.89 -11.45
C ASN A 403 -22.90 9.12 -12.14
N LEU A 404 -21.89 8.34 -11.86
CA LEU A 404 -20.65 8.49 -12.61
C LEU A 404 -20.89 8.18 -14.08
N PHE A 405 -21.58 7.05 -14.34
CA PHE A 405 -21.89 6.66 -15.71
C PHE A 405 -22.81 7.67 -16.37
N ARG A 406 -23.74 8.21 -15.61
CA ARG A 406 -24.64 9.18 -16.21
C ARG A 406 -23.90 10.47 -16.54
N SER A 407 -22.97 10.89 -15.66
CA SER A 407 -22.20 12.10 -15.91
C SER A 407 -21.31 11.94 -17.14
N ILE A 408 -20.69 10.77 -17.27
CA ILE A 408 -19.77 10.56 -18.38
C ILE A 408 -20.52 10.64 -19.69
N ALA A 409 -21.76 10.13 -19.68
CA ALA A 409 -22.58 10.18 -20.89
C ALA A 409 -22.91 11.59 -21.27
N GLU A 410 -23.27 12.43 -20.32
CA GLU A 410 -23.49 13.85 -20.59
C GLU A 410 -22.24 14.52 -21.14
N GLY A 412 -20.24 13.29 -23.24
CA GLY A 412 -20.06 12.86 -24.61
C GLY A 412 -18.93 11.87 -24.85
N TYR A 413 -18.46 11.19 -23.82
CA TYR A 413 -17.40 10.21 -24.00
C TYR A 413 -17.97 8.82 -24.35
N LYS A 414 -17.26 8.11 -25.22
CA LYS A 414 -17.46 6.68 -25.29
C LYS A 414 -16.87 6.02 -24.04
N VAL A 415 -17.44 4.89 -23.67
CA VAL A 415 -17.01 4.18 -22.47
C VAL A 415 -16.61 2.76 -22.86
N VAL A 416 -15.46 2.33 -22.35
CA VAL A 416 -15.09 0.92 -22.41
C VAL A 416 -15.20 0.41 -20.98
N LEU A 417 -16.19 -0.47 -20.77
CA LEU A 417 -16.52 -1.01 -19.45
C LEU A 417 -16.06 -2.45 -19.42
N THR A 418 -15.13 -2.76 -18.53
CA THR A 418 -14.62 -4.12 -18.49
C THR A 418 -14.17 -4.46 -17.07
N THR A 419 -13.39 -5.53 -16.96
CA THR A 419 -12.91 -6.04 -15.69
C THR A 419 -11.59 -6.76 -15.95
N ASP A 420 -10.92 -7.14 -14.88
CA ASP A 420 -9.71 -7.95 -15.01
C ASP A 420 -9.96 -9.44 -14.84
N HIS A 421 -11.02 -9.81 -14.12
CA HIS A 421 -11.32 -11.20 -13.90
C HIS A 421 -12.67 -11.23 -13.22
N GLY A 422 -13.27 -12.43 -13.18
CA GLY A 422 -14.48 -12.71 -12.40
C GLY A 422 -14.17 -13.45 -11.11
N THR A 423 -15.14 -14.19 -10.62
CA THR A 423 -14.98 -15.01 -9.45
C THR A 423 -16.01 -16.12 -9.56
N ILE A 424 -15.77 -17.22 -8.83
CA ILE A 424 -16.66 -18.38 -8.87
C ILE A 424 -16.96 -18.86 -7.46
N GLN A 425 -18.20 -19.32 -7.23
CA GLN A 425 -18.56 -19.92 -5.95
C GLN A 425 -17.94 -21.32 -5.82
N VAL A 426 -17.13 -21.53 -4.81
CA VAL A 426 -16.35 -22.75 -4.74
C VAL A 426 -17.11 -23.73 -3.88
N LYS A 427 -16.84 -25.03 -4.10
CA LYS A 427 -17.57 -26.12 -3.46
C LYS A 427 -16.67 -27.20 -2.84
N ASN A 428 -15.76 -27.78 -3.63
CA ASN A 428 -15.03 -28.97 -3.21
C ASN A 428 -13.56 -28.68 -2.94
N PRO A 429 -13.01 -29.15 -1.85
CA PRO A 429 -11.61 -28.85 -1.54
C PRO A 429 -10.60 -29.71 -2.30
N VAL A 430 -9.41 -29.15 -2.46
CA VAL A 430 -8.23 -29.85 -2.98
C VAL A 430 -7.08 -29.62 -2.00
N LYS A 431 -6.42 -30.71 -1.59
CA LYS A 431 -5.36 -30.66 -0.59
C LYS A 431 -4.06 -30.16 -1.20
N VAL A 432 -3.30 -29.39 -0.40
CA VAL A 432 -2.01 -28.85 -0.83
C VAL A 432 -1.19 -28.52 0.42
N ILE A 433 0.14 -28.41 0.25
CA ILE A 433 1.06 -28.09 1.35
C ILE A 433 2.29 -27.38 0.79
N GLY A 434 2.87 -26.52 1.62
CA GLY A 434 4.22 -26.02 1.39
C GLY A 434 4.37 -24.86 0.44
N ASP A 435 3.37 -24.01 0.32
CA ASP A 435 3.45 -22.89 -0.60
C ASP A 435 4.02 -21.67 0.12
N ARG A 436 4.63 -20.79 -0.68
N ARG A 436 4.45 -20.68 -0.65
CA ARG A 436 5.36 -19.65 -0.17
CA ARG A 436 5.01 -19.46 -0.06
C ARG A 436 4.51 -18.40 -0.05
C ARG A 436 4.36 -18.21 -0.64
N SER A 437 3.36 -18.40 -0.71
N SER A 437 3.79 -17.39 0.24
CA SER A 437 2.61 -17.16 -0.88
CA SER A 437 3.20 -16.09 -0.06
C SER A 437 1.83 -16.83 0.38
C SER A 437 1.90 -16.20 -0.83
N THR A 438 2.06 -15.62 0.90
N THR A 438 1.35 -17.41 -0.98
CA THR A 438 1.28 -15.03 1.96
CA THR A 438 0.04 -17.64 -1.58
C THR A 438 0.02 -14.35 1.45
C THR A 438 -0.92 -18.31 -0.59
N ASN A 439 -0.33 -14.54 0.16
N ASN A 439 -0.61 -18.25 0.71
CA ASN A 439 -1.54 -13.97 -0.41
CA ASN A 439 -1.49 -18.83 1.72
C ASN A 439 -2.80 -14.72 0.00
C ASN A 439 -2.86 -18.14 1.73
N THR A 440 -2.64 -15.93 0.54
N THR A 440 -2.95 -16.92 1.22
CA THR A 440 -3.76 -16.78 0.95
CA THR A 440 -4.22 -16.20 1.17
C THR A 440 -4.83 -16.87 -0.14
C THR A 440 -5.13 -16.72 0.05
N ASN A 441 -4.38 -17.12 -1.37
N ASN A 441 -4.59 -16.98 -1.13
CA ASN A 441 -5.30 -17.40 -2.47
CA ASN A 441 -5.39 -17.34 -2.28
C ASN A 441 -5.75 -18.86 -2.43
C ASN A 441 -5.80 -18.82 -2.27
N LEU A 442 -7.03 -19.08 -2.67
CA LEU A 442 -7.59 -20.43 -2.63
C LEU A 442 -7.72 -21.08 -3.99
N ARG A 443 -7.34 -20.41 -5.08
CA ARG A 443 -7.51 -20.94 -6.42
C ARG A 443 -6.22 -21.16 -7.16
N TYR A 444 -5.11 -20.52 -6.74
CA TYR A 444 -3.79 -20.82 -7.27
C TYR A 444 -2.77 -20.76 -6.14
N LYS A 445 -1.68 -21.53 -6.29
CA LYS A 445 -0.58 -21.48 -5.33
C LYS A 445 0.74 -21.35 -6.11
N ILE A 446 1.72 -20.73 -5.45
CA ILE A 446 3.09 -20.60 -5.92
C ILE A 446 4.00 -21.21 -4.86
N GLY A 447 4.94 -22.04 -5.28
CA GLY A 447 5.89 -22.60 -4.33
C GLY A 447 6.95 -23.43 -5.01
N LYS A 448 7.66 -24.24 -4.21
CA LYS A 448 8.75 -25.08 -4.69
C LYS A 448 8.43 -26.55 -4.44
N ASN A 449 8.58 -26.99 -3.19
CA ASN A 449 8.21 -28.35 -2.81
C ASN A 449 6.74 -28.41 -2.40
N LEU A 450 5.88 -28.02 -3.32
CA LEU A 450 4.45 -28.13 -3.09
C LEU A 450 4.03 -29.60 -3.15
N ASP A 451 3.24 -30.02 -2.19
CA ASP A 451 2.71 -31.38 -2.16
C ASP A 451 1.22 -31.32 -2.51
N TYR A 452 0.86 -31.94 -3.64
CA TYR A 452 -0.49 -31.90 -4.19
C TYR A 452 -0.63 -33.10 -5.11
N ASN A 453 -1.87 -33.40 -5.49
CA ASN A 453 -2.12 -34.43 -6.49
C ASN A 453 -2.13 -33.80 -7.86
N PRO A 454 -1.19 -34.14 -8.75
CA PRO A 454 -1.17 -33.50 -10.08
C PRO A 454 -2.44 -33.73 -10.89
N LYS A 455 -3.22 -34.74 -10.54
CA LYS A 455 -4.45 -35.00 -11.29
C LYS A 455 -5.52 -33.96 -11.00
N GLU A 456 -5.47 -33.33 -9.83
CA GLU A 456 -6.53 -32.42 -9.41
C GLU A 456 -6.25 -30.97 -9.77
N VAL A 457 -5.13 -30.66 -10.43
CA VAL A 457 -4.79 -29.27 -10.74
C VAL A 457 -4.21 -29.15 -12.15
N PHE A 458 -4.06 -27.89 -12.58
CA PHE A 458 -3.31 -27.52 -13.76
C PHE A 458 -1.94 -27.02 -13.31
N GLU A 459 -0.90 -27.83 -13.49
CA GLU A 459 0.42 -27.46 -12.99
C GLU A 459 1.26 -26.80 -14.07
N ILE A 460 1.81 -25.64 -13.75
CA ILE A 460 2.79 -24.94 -14.56
C ILE A 460 4.13 -25.15 -13.88
N LYS A 461 4.96 -26.06 -14.41
CA LYS A 461 6.30 -26.28 -13.87
C LYS A 461 7.31 -25.30 -14.44
N ASP A 462 6.98 -24.62 -15.55
CA ASP A 462 7.83 -23.63 -16.21
C ASP A 462 7.09 -22.31 -16.32
N PRO A 463 7.04 -21.54 -15.23
CA PRO A 463 6.26 -20.29 -15.27
C PRO A 463 6.69 -19.30 -16.33
N ALA A 464 7.94 -19.29 -16.74
CA ALA A 464 8.38 -18.35 -17.76
C ALA A 464 7.80 -18.67 -19.13
N SER A 465 7.35 -19.91 -19.36
CA SER A 465 6.71 -20.27 -20.63
C SER A 465 5.33 -19.66 -20.78
N VAL A 466 4.71 -19.26 -19.68
CA VAL A 466 3.35 -18.70 -19.74
C VAL A 466 3.39 -17.27 -19.21
N GLY A 467 4.52 -16.60 -19.39
CA GLY A 467 4.65 -15.20 -19.06
C GLY A 467 4.54 -14.82 -17.60
N LEU A 468 4.95 -15.67 -16.67
CA LEU A 468 4.87 -15.38 -15.23
C LEU A 468 6.23 -15.31 -14.56
N PRO A 469 6.49 -14.28 -13.76
CA PRO A 469 7.71 -14.24 -12.96
C PRO A 469 7.52 -14.96 -11.64
N HIS A 470 8.62 -15.14 -10.93
CA HIS A 470 8.57 -15.69 -9.59
C HIS A 470 9.86 -15.39 -8.82
N ASN A 471 9.82 -15.72 -7.54
CA ASN A 471 10.92 -15.66 -6.59
C ASN A 471 11.85 -16.85 -6.76
N ASN A 472 13.06 -16.72 -6.25
CA ASN A 472 14.00 -17.84 -6.31
C ASN A 472 13.54 -19.00 -5.42
N LEU A 473 12.75 -18.72 -4.39
CA LEU A 473 12.24 -19.75 -3.50
C LEU A 473 11.04 -20.49 -4.08
N SER A 474 10.51 -20.05 -5.22
CA SER A 474 9.37 -20.68 -5.88
C SER A 474 9.79 -21.04 -7.29
N ASP A 475 9.34 -22.19 -7.79
CA ASP A 475 9.59 -22.54 -9.17
C ASP A 475 8.36 -23.04 -9.92
N LYS A 476 7.17 -23.02 -9.31
CA LYS A 476 6.00 -23.51 -10.02
C LYS A 476 4.72 -22.81 -9.54
N PHE A 477 3.74 -22.78 -10.44
CA PHE A 477 2.37 -22.37 -10.17
C PHE A 477 1.47 -23.58 -10.26
N ILE A 478 0.44 -23.64 -9.43
CA ILE A 478 -0.64 -24.60 -9.63
C ILE A 478 -1.98 -23.87 -9.52
N PHE A 479 -2.94 -24.32 -10.34
CA PHE A 479 -4.26 -23.70 -10.43
C PHE A 479 -5.36 -24.72 -10.21
N THR A 480 -6.41 -24.30 -9.52
CA THR A 480 -7.60 -25.13 -9.45
C THR A 480 -8.45 -24.87 -10.70
N LYS A 481 -9.34 -25.80 -10.96
CA LYS A 481 -10.27 -25.77 -12.07
C LYS A 481 -11.69 -25.84 -11.52
N GLU A 482 -12.66 -25.54 -12.39
CA GLU A 482 -14.08 -25.75 -12.09
C GLU A 482 -14.34 -24.96 -10.82
N ASP A 483 -14.97 -25.55 -9.79
CA ASP A 483 -15.24 -24.84 -8.55
C ASP A 483 -14.50 -25.46 -7.36
N ASP A 484 -13.37 -26.10 -7.60
CA ASP A 484 -12.51 -26.55 -6.51
C ASP A 484 -11.83 -25.38 -5.77
N PHE A 485 -11.36 -25.65 -4.57
CA PHE A 485 -10.61 -24.65 -3.81
C PHE A 485 -9.57 -25.37 -2.98
N PHE A 486 -8.42 -24.74 -2.82
CA PHE A 486 -7.32 -25.37 -2.11
C PHE A 486 -7.57 -25.32 -0.61
N ALA A 487 -7.19 -26.38 0.08
CA ALA A 487 -7.37 -26.46 1.52
C ALA A 487 -6.17 -27.17 2.13
N TYR A 488 -5.72 -26.65 3.29
CA TYR A 488 -4.59 -27.24 4.00
C TYR A 488 -5.05 -28.29 5.02
N PRO A 489 -4.28 -29.37 5.19
CA PRO A 489 -4.67 -30.42 6.14
C PRO A 489 -4.78 -29.99 7.59
N ASN A 490 -3.88 -29.10 8.05
CA ASN A 490 -3.75 -28.89 9.49
C ASN A 490 -5.04 -28.44 10.15
N ASN A 491 -5.91 -27.73 9.42
CA ASN A 491 -7.22 -27.35 9.95
C ASN A 491 -8.30 -27.62 8.90
N TYR A 492 -8.16 -28.74 8.20
CA TYR A 492 -8.95 -29.02 7.00
C TYR A 492 -10.45 -28.85 7.22
N ASN A 493 -10.97 -29.43 8.30
CA ASN A 493 -12.42 -29.53 8.43
C ASN A 493 -13.06 -28.20 8.79
N TYR A 494 -12.39 -27.36 9.58
CA TYR A 494 -12.86 -26.00 9.72
C TYR A 494 -12.63 -25.23 8.42
N TYR A 495 -11.48 -25.46 7.78
CA TYR A 495 -11.15 -24.76 6.55
C TYR A 495 -12.17 -25.05 5.45
N VAL A 496 -12.57 -26.31 5.32
CA VAL A 496 -13.57 -26.67 4.32
C VAL A 496 -14.92 -26.03 4.61
N GLN A 497 -15.36 -26.04 5.86
CA GLN A 497 -16.68 -25.48 6.19
C GLN A 497 -16.71 -23.96 6.04
N TYR A 498 -15.58 -23.31 6.28
CA TYR A 498 -15.53 -21.84 6.27
C TYR A 498 -15.55 -21.30 4.85
N TYR A 499 -14.88 -21.97 3.91
CA TYR A 499 -14.69 -21.47 2.55
C TYR A 499 -15.65 -22.09 1.53
N ARG A 500 -16.30 -23.20 1.87
CA ARG A 500 -17.32 -23.74 0.98
C ARG A 500 -18.41 -22.69 0.74
N ASN A 501 -18.72 -22.47 -0.53
CA ASN A 501 -19.77 -21.56 -1.00
C ASN A 501 -19.36 -20.09 -0.96
N THR A 502 -18.11 -19.77 -0.67
CA THR A 502 -17.63 -18.40 -0.81
C THR A 502 -17.21 -18.17 -2.26
N PHE A 503 -17.00 -16.89 -2.61
CA PHE A 503 -16.54 -16.50 -3.94
C PHE A 503 -15.02 -16.36 -3.94
N GLN A 504 -14.35 -16.98 -4.91
CA GLN A 504 -12.89 -17.03 -4.97
C GLN A 504 -12.46 -16.90 -6.41
N HIS A 505 -11.31 -16.23 -6.62
CA HIS A 505 -10.74 -16.11 -7.95
C HIS A 505 -9.25 -16.44 -7.94
N GLY A 506 -8.71 -16.63 -9.11
CA GLY A 506 -7.31 -16.99 -9.26
C GLY A 506 -7.11 -18.18 -10.19
N GLY A 507 -8.15 -18.99 -10.41
CA GLY A 507 -8.03 -20.23 -11.16
C GLY A 507 -8.78 -20.21 -12.49
N ILE A 508 -9.16 -21.40 -12.94
CA ILE A 508 -9.72 -21.58 -14.29
C ILE A 508 -11.22 -21.90 -14.18
N SER A 509 -12.03 -21.03 -14.77
CA SER A 509 -13.46 -21.23 -14.86
C SER A 509 -13.99 -20.21 -15.85
N LEU A 510 -15.15 -20.50 -16.39
CA LEU A 510 -15.83 -19.52 -17.23
C LEU A 510 -16.01 -18.20 -16.49
N GLU A 511 -16.43 -18.28 -15.24
CA GLU A 511 -16.83 -17.09 -14.48
C GLU A 511 -15.62 -16.25 -14.19
N GLU A 512 -14.48 -16.91 -13.91
CA GLU A 512 -13.24 -16.17 -13.64
C GLU A 512 -12.57 -15.62 -14.89
N LEU A 514 -13.53 -15.72 -18.53
CA LEU A 514 -14.23 -15.21 -19.68
C LEU A 514 -15.07 -14.03 -19.23
N VAL A 515 -14.61 -12.82 -19.51
CA VAL A 515 -15.13 -11.62 -18.84
C VAL A 515 -15.58 -10.58 -19.86
N PRO A 516 -16.49 -9.68 -19.44
CA PRO A 516 -17.07 -8.72 -20.37
C PRO A 516 -16.13 -7.60 -20.72
N VAL A 517 -16.26 -7.13 -21.96
CA VAL A 517 -15.72 -5.83 -22.33
C VAL A 517 -16.72 -5.15 -23.25
N ILE A 518 -17.32 -4.07 -22.74
CA ILE A 518 -18.46 -3.46 -23.40
C ILE A 518 -18.02 -2.12 -23.93
N THR A 519 -18.24 -1.86 -25.22
CA THR A 519 -18.01 -0.55 -25.79
C THR A 519 -19.33 0.19 -25.89
N GLN A 521 -21.74 3.81 -26.28
CA GLN A 521 -21.85 5.08 -26.93
C GLN A 521 -23.00 5.82 -26.29
N PRO A 522 -22.76 7.04 -25.79
CA PRO A 522 -23.87 7.80 -25.17
C PRO A 522 -25.00 8.06 -26.17
N LYS A 523 -26.23 8.09 -25.68
CA LYS A 523 -27.40 8.40 -26.47
C LYS A 523 -27.62 9.89 -26.63
N ARG B 11 -32.78 14.25 -29.19
CA ARG B 11 -32.76 13.05 -30.02
C ARG B 11 -34.20 12.58 -30.36
N PRO B 12 -34.45 12.24 -31.63
CA PRO B 12 -35.78 11.74 -32.01
C PRO B 12 -35.93 10.30 -31.54
N TYR B 13 -37.12 9.96 -31.05
CA TYR B 13 -37.44 8.55 -30.80
C TYR B 13 -37.57 7.78 -32.12
N THR B 14 -36.95 6.61 -32.19
CA THR B 14 -37.01 5.78 -33.38
C THR B 14 -37.91 4.55 -33.17
N VAL B 15 -38.69 4.20 -34.19
CA VAL B 15 -39.68 3.14 -34.18
C VAL B 15 -39.37 2.24 -35.37
N LEU B 16 -39.14 0.96 -35.08
CA LEU B 16 -39.03 -0.08 -36.10
C LEU B 16 -40.41 -0.69 -36.21
N TRP B 17 -40.99 -0.78 -37.41
CA TRP B 17 -42.35 -1.32 -37.56
C TRP B 17 -42.34 -2.36 -38.68
N ALA B 18 -42.48 -3.64 -38.29
CA ALA B 18 -42.47 -4.81 -39.17
C ALA B 18 -43.93 -5.15 -39.43
N ASP B 19 -44.37 -5.14 -40.68
CA ASP B 19 -45.72 -5.61 -41.02
C ASP B 19 -45.64 -5.91 -42.51
N ASP B 20 -46.16 -7.08 -42.92
CA ASP B 20 -46.18 -7.40 -44.35
C ASP B 20 -47.10 -6.45 -45.11
N GLU B 21 -48.06 -5.82 -44.42
CA GLU B 21 -49.01 -4.91 -45.04
C GLU B 21 -48.71 -3.47 -44.60
N ILE B 22 -47.44 -3.16 -44.38
CA ILE B 22 -47.09 -1.81 -43.93
C ILE B 22 -47.62 -0.73 -44.88
N ASP B 23 -47.83 -1.05 -46.16
CA ASP B 23 -48.50 -0.13 -47.09
C ASP B 23 -49.85 0.37 -46.58
N LEU B 24 -50.63 -0.52 -45.99
CA LEU B 24 -51.91 -0.11 -45.44
C LEU B 24 -51.78 0.76 -44.20
N LEU B 25 -50.62 0.80 -43.57
CA LEU B 25 -50.40 1.57 -42.35
C LEU B 25 -49.76 2.93 -42.61
N LYS B 26 -49.67 3.35 -43.87
CA LYS B 26 -49.16 4.68 -44.20
C LYS B 26 -49.81 5.81 -43.42
N PRO B 27 -51.12 5.85 -43.20
CA PRO B 27 -51.68 6.98 -42.42
C PRO B 27 -51.17 7.03 -40.99
N HIS B 28 -51.01 5.85 -40.37
CA HIS B 28 -50.46 5.82 -39.02
C HIS B 28 -49.01 6.26 -39.00
N ILE B 29 -48.22 5.84 -39.99
CA ILE B 29 -46.83 6.28 -40.03
C ILE B 29 -46.74 7.80 -40.14
N LEU B 30 -47.52 8.37 -41.04
CA LEU B 30 -47.55 9.81 -41.22
C LEU B 30 -47.94 10.52 -39.92
N PHE B 31 -48.98 10.05 -39.26
CA PHE B 31 -49.39 10.62 -37.98
C PHE B 31 -48.24 10.67 -36.97
N LEU B 32 -47.54 9.55 -36.85
CA LEU B 32 -46.39 9.48 -35.93
C LEU B 32 -45.21 10.34 -36.35
N GLU B 33 -44.91 10.40 -37.66
CA GLU B 33 -43.83 11.27 -38.15
C GLU B 33 -44.15 12.75 -37.90
N GLN B 34 -45.43 13.12 -38.01
CA GLN B 34 -45.79 14.49 -37.68
C GLN B 34 -45.59 14.79 -36.20
N LYS B 35 -45.60 13.77 -35.33
CA LYS B 35 -45.39 13.98 -33.91
C LYS B 35 -43.94 13.83 -33.52
N GLY B 36 -43.02 13.74 -34.49
CA GLY B 36 -41.62 13.68 -34.18
C GLY B 36 -40.98 12.31 -34.17
N TYR B 37 -41.75 11.24 -34.33
CA TYR B 37 -41.17 9.89 -34.36
C TYR B 37 -40.57 9.59 -35.74
N GLN B 38 -39.41 8.93 -35.75
CA GLN B 38 -38.78 8.46 -36.98
C GLN B 38 -39.11 6.98 -37.11
N VAL B 39 -39.92 6.63 -38.10
CA VAL B 39 -40.41 5.26 -38.32
C VAL B 39 -39.62 4.62 -39.46
N THR B 40 -39.01 3.48 -39.20
CA THR B 40 -38.43 2.62 -40.22
C THR B 40 -39.37 1.47 -40.49
N PRO B 41 -39.98 1.39 -41.68
CA PRO B 41 -40.83 0.24 -42.00
C PRO B 41 -40.09 -0.91 -42.63
N VAL B 42 -40.38 -2.13 -42.17
CA VAL B 42 -39.89 -3.35 -42.76
C VAL B 42 -41.06 -4.32 -42.96
N LEU B 43 -40.84 -5.36 -43.76
CA LEU B 43 -41.93 -6.19 -44.27
C LEU B 43 -41.97 -7.57 -43.64
N SER B 44 -40.97 -7.94 -42.84
CA SER B 44 -40.93 -9.33 -42.40
C SER B 44 -40.22 -9.44 -41.06
N GLY B 45 -40.44 -10.56 -40.40
CA GLY B 45 -39.76 -10.80 -39.14
C GLY B 45 -38.25 -10.87 -39.28
N ASN B 46 -37.75 -11.55 -40.31
CA ASN B 46 -36.29 -11.62 -40.49
C ASN B 46 -35.68 -10.24 -40.72
N ASP B 47 -36.37 -9.42 -41.52
CA ASP B 47 -35.88 -8.05 -41.71
C ASP B 47 -35.87 -7.28 -40.39
N ALA B 48 -36.84 -7.54 -39.55
CA ALA B 48 -36.89 -6.83 -38.28
C ALA B 48 -35.78 -7.30 -37.36
N ILE B 49 -35.47 -8.58 -37.37
CA ILE B 49 -34.36 -9.07 -36.57
C ILE B 49 -33.06 -8.42 -37.03
N GLU B 50 -32.82 -8.43 -38.31
CA GLU B 50 -31.58 -7.87 -38.85
C GLU B 50 -31.51 -6.37 -38.54
N ALA B 51 -32.66 -5.68 -38.64
CA ALA B 51 -32.63 -4.24 -38.35
C ALA B 51 -32.30 -3.98 -36.88
N VAL B 52 -32.91 -4.76 -36.00
CA VAL B 52 -32.61 -4.62 -34.58
C VAL B 52 -31.13 -4.93 -34.33
N GLN B 53 -30.61 -5.96 -35.00
CA GLN B 53 -29.24 -6.37 -34.76
C GLN B 53 -28.23 -5.29 -35.09
N ASN B 54 -28.52 -4.48 -36.11
CA ASN B 54 -27.59 -3.51 -36.65
C ASN B 54 -27.91 -2.08 -36.28
N ASN B 55 -28.93 -1.83 -35.45
CA ASN B 55 -29.31 -0.48 -35.08
C ASN B 55 -29.71 -0.44 -33.61
N ASP B 56 -30.17 0.70 -33.13
CA ASP B 56 -30.58 0.85 -31.76
C ASP B 56 -31.92 1.57 -31.73
N PHE B 57 -32.95 0.90 -32.21
CA PHE B 57 -34.28 1.47 -32.10
C PHE B 57 -34.74 1.62 -30.64
N ASP B 58 -35.55 2.65 -30.38
CA ASP B 58 -36.14 2.84 -29.05
C ASP B 58 -37.32 1.89 -28.80
N ILE B 59 -37.99 1.47 -29.86
CA ILE B 59 -39.18 0.66 -29.72
C ILE B 59 -39.37 -0.04 -31.04
N VAL B 60 -39.97 -1.20 -30.97
CA VAL B 60 -40.28 -2.05 -32.11
C VAL B 60 -41.77 -2.31 -32.10
N PHE B 61 -42.41 -2.09 -33.25
CA PHE B 61 -43.81 -2.44 -33.47
C PHE B 61 -43.82 -3.69 -34.36
N LEU B 62 -44.56 -4.73 -33.96
CA LEU B 62 -44.46 -6.02 -34.60
C LEU B 62 -45.81 -6.66 -34.91
N ASP B 63 -46.04 -6.91 -36.21
CA ASP B 63 -47.13 -7.75 -36.67
C ASP B 63 -46.89 -9.20 -36.30
N GLU B 64 -47.97 -9.99 -36.29
CA GLU B 64 -47.88 -11.44 -36.02
C GLU B 64 -47.81 -12.28 -37.29
N ASN B 65 -48.71 -12.07 -38.20
CA ASN B 65 -48.88 -12.91 -39.38
C ASN B 65 -48.22 -12.24 -40.59
N PRO B 67 -45.59 -13.30 -44.23
CA PRO B 67 -44.77 -14.26 -44.99
C PRO B 67 -43.36 -14.33 -44.42
N GLY B 68 -42.87 -15.57 -44.25
CA GLY B 68 -41.61 -15.83 -43.59
C GLY B 68 -41.82 -16.22 -42.13
N ILE B 69 -40.93 -15.86 -41.22
CA ILE B 69 -41.17 -16.26 -39.81
C ILE B 69 -42.34 -15.46 -39.21
N GLY B 70 -42.92 -16.03 -38.14
CA GLY B 70 -43.97 -15.36 -37.42
C GLY B 70 -43.46 -14.27 -36.50
N GLY B 71 -44.31 -13.30 -36.27
CA GLY B 71 -43.94 -12.24 -35.38
C GLY B 71 -43.58 -12.74 -34.00
N LEU B 72 -44.22 -13.81 -33.52
CA LEU B 72 -43.83 -14.33 -32.22
C LEU B 72 -42.40 -14.89 -32.23
N ASP B 73 -41.98 -15.39 -33.38
CA ASP B 73 -40.59 -15.83 -33.51
C ASP B 73 -39.64 -14.64 -33.57
N ALA B 74 -40.02 -13.60 -34.30
CA ALA B 74 -39.23 -12.37 -34.29
C ALA B 74 -39.13 -11.78 -32.89
N LEU B 75 -40.22 -11.82 -32.14
CA LEU B 75 -40.22 -11.28 -30.79
C LEU B 75 -39.15 -11.97 -29.94
N GLN B 76 -39.11 -13.31 -30.01
CA GLN B 76 -38.23 -14.04 -29.13
C GLN B 76 -36.78 -13.64 -29.41
N LYS B 77 -36.41 -13.54 -30.69
CA LYS B 77 -35.03 -13.22 -31.05
C LYS B 77 -34.73 -11.76 -30.75
N ILE B 78 -35.70 -10.89 -30.92
CA ILE B 78 -35.44 -9.48 -30.68
C ILE B 78 -35.25 -9.29 -29.19
N LYS B 79 -36.03 -9.99 -28.35
CA LYS B 79 -35.88 -9.86 -26.91
C LYS B 79 -34.56 -10.44 -26.42
N GLU B 80 -34.01 -11.39 -27.18
CA GLU B 80 -32.70 -11.95 -26.86
C GLU B 80 -31.58 -10.96 -27.17
N LEU B 81 -31.70 -10.25 -28.29
CA LEU B 81 -30.68 -9.31 -28.70
C LEU B 81 -30.74 -8.05 -27.87
N LYS B 82 -31.95 -7.56 -27.58
CA LYS B 82 -32.15 -6.26 -26.94
C LYS B 82 -33.19 -6.36 -25.84
N PRO B 83 -32.84 -6.99 -24.70
CA PRO B 83 -33.92 -7.28 -23.70
C PRO B 83 -34.55 -6.05 -23.17
N TYR B 84 -33.85 -4.93 -23.21
CA TYR B 84 -34.28 -3.65 -22.65
C TYR B 84 -35.08 -2.82 -23.64
N THR B 85 -35.23 -3.29 -24.85
CA THR B 85 -36.05 -2.55 -25.82
C THR B 85 -37.50 -3.00 -25.79
N PRO B 86 -38.46 -2.13 -25.59
CA PRO B 86 -39.86 -2.56 -25.57
C PRO B 86 -40.32 -2.96 -26.97
N VAL B 87 -41.24 -3.95 -27.03
CA VAL B 87 -41.80 -4.46 -28.27
C VAL B 87 -43.30 -4.48 -28.10
N VAL B 88 -43.98 -3.84 -29.08
CA VAL B 88 -45.44 -3.73 -29.08
C VAL B 88 -45.92 -4.58 -30.23
N ILE B 90 -48.73 -5.44 -32.80
CA ILE B 90 -49.90 -4.84 -33.49
C ILE B 90 -50.44 -5.81 -34.55
N THR B 91 -51.63 -6.36 -34.29
CA THR B 91 -52.00 -7.53 -35.05
C THR B 91 -53.51 -7.61 -35.21
N LYS B 92 -53.91 -8.16 -36.35
CA LYS B 92 -55.33 -8.47 -36.49
C LYS B 92 -55.76 -9.71 -35.68
N SER B 93 -54.82 -10.49 -35.18
CA SER B 93 -55.19 -11.68 -34.43
C SER B 93 -55.89 -11.37 -33.10
N GLU B 94 -56.97 -12.09 -32.81
CA GLU B 94 -57.72 -11.99 -31.57
C GLU B 94 -57.71 -13.33 -30.84
N GLU B 95 -56.91 -14.27 -31.29
CA GLU B 95 -56.81 -15.58 -30.65
C GLU B 95 -56.14 -15.49 -29.28
N GLU B 96 -56.77 -16.12 -28.31
CA GLU B 96 -56.24 -16.06 -26.95
C GLU B 96 -54.83 -16.67 -26.83
N HIS B 97 -54.55 -17.74 -27.55
CA HIS B 97 -53.26 -18.37 -27.38
C HIS B 97 -52.15 -17.50 -27.97
N ILE B 98 -52.49 -16.64 -28.95
CA ILE B 98 -51.51 -15.69 -29.48
C ILE B 98 -51.23 -14.58 -28.46
N THR B 100 -51.46 -14.90 -25.21
CA THR B 100 -50.70 -15.55 -24.14
C THR B 100 -49.25 -15.71 -24.52
N GLN B 101 -48.99 -16.21 -25.73
CA GLN B 101 -47.61 -16.33 -26.20
C GLN B 101 -46.91 -14.97 -26.27
N ALA B 102 -47.63 -13.92 -26.70
CA ALA B 102 -47.01 -12.59 -26.77
C ALA B 102 -46.66 -12.09 -25.37
N ILE B 103 -47.62 -12.23 -24.44
CA ILE B 103 -47.36 -11.86 -23.06
C ILE B 103 -46.14 -12.61 -22.54
N GLY B 104 -46.16 -13.94 -22.72
CA GLY B 104 -45.05 -14.78 -22.29
C GLY B 104 -43.75 -14.46 -22.94
N GLY B 105 -43.76 -13.89 -24.15
CA GLY B 105 -42.56 -13.45 -24.83
C GLY B 105 -42.11 -12.07 -24.47
N LYS B 106 -42.71 -11.51 -23.41
CA LYS B 106 -42.35 -10.23 -22.84
C LYS B 106 -42.70 -9.05 -23.73
N ILE B 107 -43.84 -9.09 -24.42
CA ILE B 107 -44.23 -7.87 -25.11
C ILE B 107 -44.62 -6.79 -24.09
N ALA B 108 -44.55 -5.56 -24.53
CA ALA B 108 -44.83 -4.38 -23.69
C ALA B 108 -46.29 -4.02 -23.82
N ASP B 109 -46.85 -4.24 -24.97
CA ASP B 109 -48.22 -3.86 -25.25
C ASP B 109 -48.63 -4.79 -26.39
N TYR B 110 -49.95 -4.90 -26.59
CA TYR B 110 -50.54 -5.73 -27.65
C TYR B 110 -51.79 -4.99 -28.08
N LEU B 111 -51.81 -4.55 -29.32
CA LEU B 111 -52.92 -3.80 -29.87
C LEU B 111 -53.53 -4.58 -31.04
N ILE B 112 -54.84 -4.78 -30.97
CA ILE B 112 -55.60 -5.46 -31.99
C ILE B 112 -56.06 -4.46 -33.05
N LYS B 113 -55.77 -4.75 -34.31
CA LYS B 113 -56.19 -3.91 -35.42
C LYS B 113 -57.71 -3.99 -35.55
N PRO B 114 -58.34 -2.96 -36.11
CA PRO B 114 -57.73 -1.70 -36.59
C PRO B 114 -57.38 -0.82 -35.41
N VAL B 115 -56.31 -0.05 -35.48
CA VAL B 115 -55.81 0.69 -34.34
C VAL B 115 -56.05 2.19 -34.55
N ASN B 116 -56.62 2.85 -33.55
CA ASN B 116 -56.66 4.31 -33.50
C ASN B 116 -55.24 4.86 -33.41
N PRO B 117 -54.81 5.72 -34.32
CA PRO B 117 -53.43 6.23 -34.23
C PRO B 117 -53.11 6.90 -32.88
N ASN B 118 -54.12 7.48 -32.23
CA ASN B 118 -53.88 7.99 -30.89
C ASN B 118 -53.57 6.89 -29.89
N GLN B 119 -54.01 5.66 -30.14
CA GLN B 119 -53.64 4.55 -29.28
C GLN B 119 -52.16 4.22 -29.47
N LEU B 120 -51.65 4.38 -30.70
CA LEU B 120 -50.20 4.24 -30.88
C LEU B 120 -49.46 5.31 -30.05
N LEU B 121 -49.93 6.54 -30.14
CA LEU B 121 -49.28 7.59 -29.38
C LEU B 121 -49.25 7.26 -27.89
N LEU B 122 -50.38 6.77 -27.36
CA LEU B 122 -50.42 6.38 -25.96
C LEU B 122 -49.35 5.35 -25.67
N SER B 123 -49.24 4.34 -26.53
N SER B 123 -49.24 4.33 -26.53
CA SER B 123 -48.26 3.29 -26.30
CA SER B 123 -48.24 3.30 -26.27
C SER B 123 -46.83 3.86 -26.32
C SER B 123 -46.81 3.87 -26.30
N LEU B 124 -46.54 4.79 -27.23
CA LEU B 124 -45.17 5.36 -27.31
C LEU B 124 -44.84 6.19 -26.05
N LYS B 125 -45.79 6.97 -25.57
CA LYS B 125 -45.50 7.77 -24.38
C LYS B 125 -45.29 6.88 -23.17
N LYS B 126 -46.20 5.92 -23.01
CA LYS B 126 -46.19 5.06 -21.85
C LYS B 126 -44.95 4.20 -21.84
N ASN B 127 -44.50 3.74 -23.00
CA ASN B 127 -43.38 2.84 -22.99
C ASN B 127 -42.04 3.52 -23.13
N LEU B 128 -42.00 4.78 -23.57
CA LEU B 128 -40.73 5.47 -23.68
C LEU B 128 -40.56 6.62 -22.67
N GLN B 129 -41.64 7.15 -22.08
CA GLN B 129 -41.52 8.34 -21.24
C GLN B 129 -42.20 8.20 -19.87
N GLN B 130 -42.59 7.00 -19.50
CA GLN B 130 -43.36 6.78 -18.28
C GLN B 130 -42.63 7.30 -17.04
N HIS B 131 -41.36 6.96 -16.89
N HIS B 131 -41.36 6.94 -16.89
CA HIS B 131 -40.63 7.33 -15.69
CA HIS B 131 -40.63 7.35 -15.68
C HIS B 131 -40.47 8.85 -15.58
C HIS B 131 -40.56 8.88 -15.59
N SER B 132 -40.24 9.55 -16.70
CA SER B 132 -40.13 11.00 -16.62
C SER B 132 -41.51 11.63 -16.45
N ILE B 133 -42.56 11.03 -17.01
CA ILE B 133 -43.92 11.57 -16.77
C ILE B 133 -44.31 11.41 -15.30
N ILE B 134 -44.12 10.23 -14.72
CA ILE B 134 -44.44 10.01 -13.31
C ILE B 134 -43.63 10.95 -12.41
N SER B 135 -42.33 11.15 -12.71
CA SER B 135 -41.50 12.03 -11.87
C SER B 135 -42.06 13.42 -11.85
N GLU B 136 -42.43 13.96 -13.00
CA GLU B 136 -42.87 15.35 -13.01
C GLU B 136 -44.21 15.46 -12.31
N THR B 137 -45.08 14.49 -12.53
CA THR B 137 -46.36 14.49 -11.82
C THR B 137 -46.16 14.42 -10.29
N THR B 138 -45.30 13.52 -9.81
CA THR B 138 -44.98 13.45 -8.38
C THR B 138 -44.41 14.78 -7.86
N ASN B 139 -43.44 15.37 -8.57
CA ASN B 139 -42.87 16.64 -8.14
C ASN B 139 -43.92 17.73 -8.06
N THR B 140 -44.80 17.80 -9.05
CA THR B 140 -45.85 18.80 -9.05
C THR B 140 -46.80 18.56 -7.91
N ASN B 141 -47.16 17.28 -7.68
CA ASN B 141 -48.20 16.97 -6.69
C ASN B 141 -47.69 17.21 -5.29
N TYR B 142 -46.40 16.91 -5.07
CA TYR B 142 -45.79 17.20 -3.80
C TYR B 142 -45.84 18.70 -3.50
N ARG B 143 -45.40 19.54 -4.46
CA ARG B 143 -45.45 20.99 -4.25
C ARG B 143 -46.86 21.46 -3.96
N GLN B 144 -47.86 20.85 -4.58
CA GLN B 144 -49.25 21.20 -4.27
C GLN B 144 -49.72 20.76 -2.88
N GLU B 145 -49.08 19.78 -2.26
CA GLU B 145 -49.47 19.33 -0.94
C GLU B 145 -48.57 19.89 0.15
N PHE B 146 -47.49 20.59 -0.21
CA PHE B 146 -46.44 20.92 0.75
C PHE B 146 -47.00 21.70 1.96
N VAL B 147 -47.80 22.71 1.67
CA VAL B 147 -48.36 23.55 2.73
C VAL B 147 -49.34 22.77 3.57
N GLN B 148 -50.19 21.97 2.93
CA GLN B 148 -51.15 21.14 3.66
C GLN B 148 -50.43 20.17 4.58
N LEU B 149 -49.31 19.61 4.14
CA LEU B 149 -48.56 18.71 5.01
C LEU B 149 -47.99 19.43 6.23
N GLY B 150 -47.52 20.67 6.04
CA GLY B 150 -47.05 21.44 7.19
C GLY B 150 -48.17 21.72 8.17
N THR B 151 -49.36 22.06 7.66
CA THR B 151 -50.52 22.22 8.53
C THR B 151 -50.89 20.92 9.24
N GLN B 152 -50.75 19.79 8.56
CA GLN B 152 -51.16 18.51 9.13
C GLN B 152 -50.37 18.17 10.38
N SER B 154 -49.13 20.38 12.52
CA SER B 154 -49.23 21.50 13.45
C SER B 154 -50.33 21.30 14.48
N GLY B 155 -50.15 21.91 15.65
CA GLY B 155 -51.09 21.75 16.73
C GLY B 155 -50.89 20.45 17.51
N LYS B 156 -51.94 20.05 18.20
CA LYS B 156 -51.92 18.85 19.02
C LYS B 156 -52.54 17.76 18.18
N LEU B 157 -51.77 16.73 17.88
CA LEU B 157 -52.25 15.62 17.08
C LEU B 157 -52.62 14.46 18.00
N SER B 158 -53.77 13.86 17.74
CA SER B 158 -54.12 12.59 18.35
C SER B 158 -53.19 11.48 17.85
N PHE B 159 -53.19 10.36 18.55
CA PHE B 159 -52.35 9.26 18.11
C PHE B 159 -52.68 8.82 16.70
N GLU B 160 -53.99 8.74 16.35
CA GLU B 160 -54.41 8.33 15.02
C GLU B 160 -53.90 9.30 13.94
N GLU B 161 -53.96 10.60 14.25
CA GLU B 161 -53.44 11.62 13.37
C GLU B 161 -51.92 11.55 13.22
N TRP B 162 -51.21 11.11 14.25
CA TRP B 162 -49.77 10.88 14.09
C TRP B 162 -49.50 9.76 13.10
N LYS B 163 -50.30 8.71 13.16
CA LYS B 163 -50.12 7.57 12.27
C LYS B 163 -50.35 7.98 10.83
N GLU B 164 -51.45 8.71 10.57
CA GLU B 164 -51.74 9.15 9.22
C GLU B 164 -50.66 10.09 8.67
N LEU B 165 -50.15 11.01 9.50
CA LEU B 165 -49.10 11.94 9.07
C LEU B 165 -47.79 11.21 8.74
N TYR B 166 -47.36 10.32 9.62
CA TYR B 166 -46.16 9.54 9.35
C TYR B 166 -46.31 8.72 8.07
N ARG B 167 -47.47 8.07 7.90
CA ARG B 167 -47.73 7.30 6.68
C ARG B 167 -47.63 8.20 5.45
N ARG B 168 -48.15 9.41 5.54
CA ARG B 168 -48.04 10.34 4.40
C ARG B 168 -46.59 10.81 4.15
N ILE B 169 -45.82 11.01 5.21
CA ILE B 169 -44.43 11.44 5.03
C ILE B 169 -43.64 10.32 4.37
N VAL B 170 -43.87 9.09 4.81
CA VAL B 170 -43.16 7.97 4.24
C VAL B 170 -43.53 7.79 2.77
N PHE B 171 -44.83 7.92 2.45
CA PHE B 171 -45.30 7.91 1.08
C PHE B 171 -44.50 8.89 0.24
N TRP B 172 -44.41 10.17 0.67
CA TRP B 172 -43.70 11.16 -0.12
C TRP B 172 -42.22 10.85 -0.19
N GLU B 173 -41.65 10.34 0.89
CA GLU B 173 -40.23 9.98 0.86
C GLU B 173 -39.96 8.97 -0.26
N ILE B 174 -40.77 7.92 -0.31
CA ILE B 174 -40.53 6.91 -1.32
C ILE B 174 -40.92 7.42 -2.72
N GLU B 175 -42.06 8.15 -2.83
CA GLU B 175 -42.45 8.67 -4.14
C GLU B 175 -41.39 9.62 -4.69
N LEU B 176 -40.80 10.42 -3.81
CA LEU B 176 -39.81 11.41 -4.22
C LEU B 176 -38.43 10.82 -4.50
N GLU B 177 -38.12 9.60 -4.06
CA GLU B 177 -36.82 9.10 -4.43
C GLU B 177 -36.73 8.86 -5.92
N GLN B 178 -37.85 8.63 -6.62
CA GLN B 178 -37.94 8.58 -8.09
C GLN B 178 -38.25 9.93 -8.71
N ALA B 179 -37.55 11.00 -8.32
CA ALA B 179 -37.98 12.32 -8.75
C ALA B 179 -36.94 13.38 -8.37
N ASP B 180 -37.37 14.64 -8.31
CA ASP B 180 -36.43 15.74 -8.10
C ASP B 180 -35.73 15.66 -6.74
N ARG B 181 -34.39 15.74 -6.79
CA ARG B 181 -33.56 15.69 -5.59
C ARG B 181 -33.84 16.87 -4.66
N GLN B 182 -34.10 18.05 -5.22
CA GLN B 182 -34.35 19.19 -4.33
C GLN B 182 -35.68 19.05 -3.59
N GLY B 184 -37.09 16.14 -2.60
CA GLY B 184 -36.78 15.23 -1.51
C GLY B 184 -36.10 15.93 -0.34
N GLU B 185 -35.26 16.94 -0.63
CA GLU B 185 -34.63 17.71 0.45
C GLU B 185 -35.67 18.52 1.22
N LEU B 186 -36.64 19.11 0.52
CA LEU B 186 -37.74 19.75 1.23
C LEU B 186 -38.50 18.72 2.07
N LEU B 187 -38.71 17.53 1.53
CA LEU B 187 -39.42 16.54 2.31
C LEU B 187 -38.63 16.22 3.57
N GLU B 188 -37.32 16.05 3.44
CA GLU B 188 -36.48 15.73 4.58
C GLU B 188 -36.65 16.76 5.71
N GLN B 190 -39.33 18.65 6.24
CA GLN B 190 -40.64 18.44 6.83
C GLN B 190 -40.61 17.25 7.78
N LYS B 191 -39.95 16.17 7.38
CA LYS B 191 -39.79 15.01 8.24
C LYS B 191 -39.05 15.34 9.53
N GLN B 192 -38.00 16.15 9.42
CA GLN B 192 -37.23 16.53 10.61
C GLN B 192 -38.11 17.32 11.54
N GLU B 193 -38.98 18.18 10.99
CA GLU B 193 -39.88 18.94 11.85
C GLU B 193 -40.93 18.03 12.49
N ALA B 194 -41.38 17.03 11.72
CA ALA B 194 -42.32 16.06 12.26
C ALA B 194 -41.71 15.31 13.44
N ASN B 195 -40.44 14.89 13.31
CA ASN B 195 -39.77 14.16 14.36
C ASN B 195 -39.53 15.03 15.59
N ARG B 196 -39.29 16.32 15.38
CA ARG B 196 -39.16 17.22 16.52
C ARG B 196 -40.49 17.29 17.29
N LEU B 197 -41.60 17.46 16.54
CA LEU B 197 -42.93 17.54 17.15
C LEU B 197 -43.35 16.22 17.76
N PHE B 198 -42.94 15.10 17.15
CA PHE B 198 -43.29 13.81 17.72
C PHE B 198 -42.53 13.57 19.00
N ALA B 199 -41.25 13.96 19.05
CA ALA B 199 -40.50 13.82 20.30
C ALA B 199 -41.21 14.57 21.43
N ARG B 200 -41.79 15.73 21.15
CA ARG B 200 -42.52 16.46 22.18
CA ARG B 200 -42.52 16.46 22.18
C ARG B 200 -43.77 15.69 22.62
N PHE B 201 -44.51 15.17 21.65
CA PHE B 201 -45.66 14.32 21.95
C PHE B 201 -45.28 13.13 22.83
N VAL B 202 -44.20 12.44 22.49
CA VAL B 202 -43.82 11.30 23.31
C VAL B 202 -43.39 11.74 24.72
N THR B 203 -42.50 12.73 24.83
CA THR B 203 -41.95 13.05 26.15
C THR B 203 -43.04 13.59 27.08
N GLN B 204 -44.01 14.29 26.50
CA GLN B 204 -45.14 14.79 27.31
C GLN B 204 -46.08 13.71 27.84
N ASN B 205 -46.14 12.56 27.18
CA ASN B 205 -47.15 11.56 27.44
C ASN B 205 -46.57 10.23 27.89
N TYR B 206 -45.27 10.00 27.73
CA TYR B 206 -44.74 8.65 27.92
C TYR B 206 -45.10 8.05 29.29
N ARG B 207 -44.80 8.77 30.38
CA ARG B 207 -45.09 8.26 31.73
CA ARG B 207 -45.10 8.28 31.73
C ARG B 207 -46.57 7.95 31.90
N GLU B 208 -47.44 8.84 31.43
CA GLU B 208 -48.87 8.62 31.60
C GLU B 208 -49.28 7.36 30.81
N TRP B 209 -48.62 7.11 29.66
CA TRP B 209 -49.01 5.93 28.89
C TRP B 209 -48.73 4.65 29.66
N ILE B 210 -47.59 4.62 30.36
CA ILE B 210 -47.16 3.39 30.99
C ILE B 210 -48.00 3.19 32.25
N ALA B 211 -48.46 4.30 32.84
CA ALA B 211 -49.24 4.23 34.05
C ALA B 211 -50.68 3.89 33.76
N LYS B 212 -51.14 4.04 32.51
CA LYS B 212 -52.56 3.92 32.19
C LYS B 212 -52.77 2.95 31.03
N PRO B 213 -52.65 1.65 31.30
CA PRO B 213 -52.84 0.68 30.20
C PRO B 213 -54.20 0.75 29.50
N ASP B 214 -55.24 1.15 30.22
CA ASP B 214 -56.58 1.08 29.68
C ASP B 214 -56.85 2.16 28.65
N THR B 215 -56.12 3.28 28.69
CA THR B 215 -56.37 4.33 27.70
C THR B 215 -55.19 4.65 26.76
N ARG B 216 -54.00 4.08 26.95
CA ARG B 216 -52.82 4.47 26.15
C ARG B 216 -52.93 3.94 24.73
N PRO B 217 -52.14 4.46 23.80
CA PRO B 217 -52.02 3.79 22.49
C PRO B 217 -51.48 2.38 22.68
N THR B 218 -51.76 1.52 21.71
CA THR B 218 -51.19 0.17 21.72
C THR B 218 -49.68 0.22 21.72
N SER B 220 -45.79 -2.06 23.05
CA SER B 220 -45.22 -3.40 22.96
C SER B 220 -45.93 -4.42 23.82
N PRO B 221 -46.20 -4.18 25.12
CA PRO B 221 -46.80 -5.23 25.95
C PRO B 221 -48.28 -5.48 25.64
N ASP B 222 -48.92 -4.65 24.80
CA ASP B 222 -50.32 -4.77 24.43
C ASP B 222 -50.48 -5.50 23.11
N LEU B 223 -49.40 -5.74 22.38
CA LEU B 223 -49.56 -6.10 20.97
C LEU B 223 -50.36 -7.39 20.78
N PHE B 224 -49.97 -8.46 21.49
CA PHE B 224 -50.68 -9.72 21.33
C PHE B 224 -52.16 -9.57 21.70
N LYS B 225 -52.41 -8.91 22.81
CA LYS B 225 -53.77 -8.75 23.31
C LYS B 225 -54.62 -8.01 22.29
N GLN B 226 -54.05 -7.00 21.64
CA GLN B 226 -54.80 -6.15 20.69
C GLN B 226 -54.88 -6.70 19.27
N LYS B 227 -53.83 -7.35 18.81
CA LYS B 227 -53.75 -7.70 17.40
C LYS B 227 -53.78 -9.17 17.11
N VAL B 228 -53.48 -10.01 18.09
CA VAL B 228 -53.39 -11.44 17.87
C VAL B 228 -54.54 -12.19 18.52
N PHE B 229 -54.72 -12.04 19.83
CA PHE B 229 -55.74 -12.81 20.52
C PHE B 229 -57.14 -12.61 19.96
N PRO B 230 -57.55 -11.43 19.51
CA PRO B 230 -58.90 -11.32 18.93
C PRO B 230 -59.09 -12.19 17.70
N LEU B 231 -58.03 -12.42 16.93
CA LEU B 231 -58.13 -13.32 15.79
C LEU B 231 -58.28 -14.77 16.27
N LEU B 232 -57.41 -15.18 17.20
CA LEU B 232 -57.44 -16.56 17.69
C LEU B 232 -58.74 -16.85 18.43
N ASP B 233 -59.26 -15.87 19.15
CA ASP B 233 -60.54 -16.05 19.81
C ASP B 233 -61.70 -16.15 18.83
N ASN B 234 -61.52 -15.65 17.61
CA ASN B 234 -62.52 -15.74 16.57
C ASN B 234 -62.41 -17.03 15.74
N GLY B 235 -61.62 -17.99 16.20
CA GLY B 235 -61.37 -19.21 15.48
C GLY B 235 -60.39 -19.17 14.34
N GLU B 236 -59.70 -18.05 14.12
CA GLU B 236 -58.73 -17.95 13.06
C GLU B 236 -57.37 -18.49 13.49
N LYS B 237 -56.61 -18.98 12.53
CA LYS B 237 -55.26 -19.45 12.77
C LYS B 237 -54.29 -18.43 12.19
N VAL B 238 -53.22 -18.18 12.95
CA VAL B 238 -52.40 -16.99 12.82
C VAL B 238 -50.95 -17.38 12.81
N PHE B 239 -50.19 -16.88 11.84
CA PHE B 239 -48.73 -16.74 11.92
C PHE B 239 -48.41 -15.34 12.40
N PHE B 240 -47.62 -15.21 13.48
CA PHE B 240 -47.17 -13.92 13.98
C PHE B 240 -45.72 -13.81 13.60
N ILE B 241 -45.43 -13.04 12.57
CA ILE B 241 -44.08 -12.92 12.02
C ILE B 241 -43.52 -11.59 12.46
N LEU B 242 -42.46 -11.64 13.22
CA LEU B 242 -41.80 -10.45 13.72
C LEU B 242 -40.43 -10.35 13.06
N ILE B 243 -40.25 -9.30 12.25
CA ILE B 243 -38.96 -9.03 11.61
C ILE B 243 -38.22 -8.00 12.44
N ASP B 244 -37.11 -8.41 13.03
CA ASP B 244 -36.33 -7.52 13.87
C ASP B 244 -36.00 -6.25 13.10
N ASN B 245 -36.22 -5.11 13.74
CA ASN B 245 -35.66 -3.86 13.23
C ASN B 245 -36.18 -3.52 11.82
N PHE B 246 -37.49 -3.37 11.73
CA PHE B 246 -38.16 -3.25 10.43
C PHE B 246 -39.09 -2.06 10.44
N ARG B 247 -38.66 -0.94 9.87
CA ARG B 247 -39.48 0.24 10.04
C ARG B 247 -40.55 0.42 8.98
N GLN B 248 -41.37 1.46 9.18
CA GLN B 248 -42.52 1.64 8.34
C GLN B 248 -42.12 1.70 6.87
N ASP B 249 -41.00 2.40 6.52
CA ASP B 249 -40.62 2.51 5.11
C ASP B 249 -40.06 1.22 4.56
N GLN B 250 -39.62 0.32 5.43
CA GLN B 250 -39.25 -1.02 4.97
C GLN B 250 -40.46 -1.87 4.67
N TRP B 251 -41.48 -1.78 5.50
CA TRP B 251 -42.76 -2.38 5.14
C TRP B 251 -43.26 -1.87 3.78
N GLU B 252 -43.22 -0.54 3.61
CA GLU B 252 -43.73 0.00 2.35
C GLU B 252 -42.94 -0.51 1.17
N SER B 253 -41.65 -0.82 1.38
CA SER B 253 -40.77 -1.29 0.33
C SER B 253 -41.05 -2.73 -0.08
N VAL B 254 -41.54 -3.60 0.82
CA VAL B 254 -41.78 -5.00 0.47
C VAL B 254 -43.23 -5.31 0.21
N LYS B 255 -44.16 -4.38 0.38
CA LYS B 255 -45.54 -4.82 0.39
C LYS B 255 -46.07 -5.17 -1.00
N SER B 256 -45.52 -4.59 -2.07
CA SER B 256 -46.00 -4.97 -3.40
C SER B 256 -45.74 -6.44 -3.66
N LEU B 258 -45.66 -8.80 -1.39
CA LEU B 258 -46.61 -9.55 -0.58
C LEU B 258 -48.01 -9.46 -1.14
N SER B 259 -48.33 -8.37 -1.83
CA SER B 259 -49.69 -8.19 -2.32
C SER B 259 -50.06 -9.24 -3.36
N GLU B 260 -49.09 -9.95 -3.93
CA GLU B 260 -49.44 -11.05 -4.82
C GLU B 260 -50.10 -12.19 -4.06
N PHE B 261 -49.94 -12.26 -2.75
CA PHE B 261 -50.44 -13.39 -1.97
C PHE B 261 -51.44 -13.01 -0.88
N TYR B 262 -51.50 -11.73 -0.50
CA TYR B 262 -52.28 -11.33 0.66
C TYR B 262 -53.01 -10.05 0.33
N THR B 263 -54.11 -9.82 1.02
CA THR B 263 -54.71 -8.51 1.20
C THR B 263 -54.31 -8.04 2.60
N PHE B 264 -54.45 -6.73 2.84
CA PHE B 264 -53.84 -6.13 4.01
C PHE B 264 -54.82 -5.30 4.79
N GLU B 265 -54.70 -5.37 6.12
CA GLU B 265 -55.16 -4.31 7.02
C GLU B 265 -53.95 -3.71 7.75
N GLU B 266 -53.59 -2.48 7.38
CA GLU B 266 -52.34 -1.88 7.80
C GLU B 266 -52.59 -1.04 9.03
N ASP B 267 -51.68 -1.15 10.01
CA ASP B 267 -51.75 -0.31 11.20
C ASP B 267 -50.33 -0.08 11.68
N TYR B 269 -48.20 0.70 15.71
CA TYR B 269 -48.31 0.77 17.17
C TYR B 269 -47.02 1.40 17.65
N LEU B 270 -46.93 1.72 18.93
CA LEU B 270 -45.75 2.32 19.54
C LEU B 270 -44.88 1.33 20.31
N SER B 271 -43.60 1.25 19.95
CA SER B 271 -42.60 0.56 20.77
C SER B 271 -42.43 1.29 22.10
N ILE B 272 -42.15 0.53 23.16
CA ILE B 272 -41.67 1.13 24.40
C ILE B 272 -40.23 1.61 24.22
N LEU B 273 -39.75 2.35 25.24
CA LEU B 273 -38.39 2.81 25.34
C LEU B 273 -37.63 1.94 26.32
N PRO B 274 -36.40 1.58 26.11
CA PRO B 274 -35.64 1.82 24.90
C PRO B 274 -36.24 1.12 23.69
N THR B 275 -36.14 1.73 22.49
CA THR B 275 -36.54 1.07 21.24
C THR B 275 -35.45 0.10 20.82
N ALA B 276 -35.34 -0.97 21.59
CA ALA B 276 -34.29 -1.98 21.41
C ALA B 276 -34.86 -3.32 21.82
N THR B 277 -34.33 -4.38 21.17
CA THR B 277 -34.90 -5.72 21.22
C THR B 277 -35.01 -6.27 22.64
N GLN B 278 -33.99 -6.11 23.45
CA GLN B 278 -34.03 -6.67 24.80
C GLN B 278 -35.21 -6.16 25.62
N TYR B 279 -35.67 -4.95 25.35
CA TYR B 279 -36.78 -4.35 26.08
C TYR B 279 -38.09 -4.48 25.32
N ALA B 280 -38.13 -4.01 24.07
CA ALA B 280 -39.37 -4.01 23.31
C ALA B 280 -39.83 -5.42 22.88
N ARG B 281 -38.93 -6.29 22.40
CA ARG B 281 -39.42 -7.58 21.92
C ARG B 281 -39.79 -8.50 23.09
N ASN B 282 -39.06 -8.42 24.21
CA ASN B 282 -39.46 -9.16 25.42
C ASN B 282 -40.78 -8.66 25.99
N ALA B 283 -41.03 -7.35 25.91
CA ALA B 283 -42.36 -6.84 26.25
C ALA B 283 -43.44 -7.46 25.38
N ILE B 284 -43.17 -7.55 24.07
CA ILE B 284 -44.17 -8.11 23.18
C ILE B 284 -44.50 -9.55 23.58
N PHE B 285 -43.47 -10.38 23.73
CA PHE B 285 -43.73 -11.79 23.95
C PHE B 285 -44.16 -12.11 25.39
N SER B 286 -43.85 -11.25 26.36
CA SER B 286 -44.34 -11.53 27.70
C SER B 286 -45.65 -10.83 28.02
N GLY B 287 -46.02 -9.78 27.27
CA GLY B 287 -47.10 -8.89 27.69
C GLY B 287 -46.84 -8.04 28.92
N LEU B 288 -45.57 -7.85 29.28
CA LEU B 288 -45.18 -7.15 30.50
C LEU B 288 -44.11 -6.10 30.19
N PRO B 290 -40.46 -4.45 31.07
CA PRO B 290 -39.21 -5.15 31.38
C PRO B 290 -38.90 -5.30 32.88
N LEU B 291 -39.24 -4.30 33.68
CA LEU B 291 -39.06 -4.46 35.12
C LEU B 291 -39.70 -5.78 35.60
N GLN B 292 -40.91 -6.06 35.15
CA GLN B 292 -41.56 -7.32 35.56
C GLN B 292 -40.94 -8.53 34.85
N ILE B 293 -40.52 -8.37 33.60
CA ILE B 293 -39.88 -9.48 32.90
C ILE B 293 -38.65 -9.98 33.65
N GLU B 294 -37.74 -9.05 33.99
CA GLU B 294 -36.51 -9.42 34.67
C GLU B 294 -36.81 -10.11 36.00
N LYS B 295 -37.81 -9.61 36.72
CA LYS B 295 -38.34 -10.25 37.93
C LYS B 295 -38.71 -11.73 37.70
N PHE B 297 -38.51 -13.76 34.72
CA PHE B 297 -37.63 -14.57 33.87
C PHE B 297 -36.19 -14.05 33.96
N PRO B 298 -35.54 -14.21 35.12
CA PRO B 298 -34.15 -13.72 35.24
C PRO B 298 -33.17 -14.44 34.30
N ASP B 299 -33.35 -15.75 34.12
CA ASP B 299 -32.46 -16.51 33.24
C ASP B 299 -32.64 -16.14 31.79
N LEU B 300 -33.79 -15.54 31.44
CA LEU B 300 -34.06 -15.06 30.08
C LEU B 300 -33.89 -13.55 29.94
N TRP B 301 -33.33 -12.90 30.97
CA TRP B 301 -33.05 -11.47 30.88
C TRP B 301 -31.58 -11.27 30.48
N LYS B 310 -29.83 -11.65 25.09
CA LYS B 310 -30.79 -11.28 26.13
C LYS B 310 -32.26 -11.63 25.73
N ASN B 311 -32.40 -12.38 24.62
CA ASN B 311 -33.69 -12.90 24.14
C ASN B 311 -33.59 -14.38 23.77
N LEU B 312 -32.88 -15.17 24.57
CA LEU B 312 -32.41 -16.47 24.10
C LEU B 312 -33.57 -17.44 23.84
N ASN B 313 -34.45 -17.64 24.81
CA ASN B 313 -35.73 -18.27 24.53
C ASN B 313 -36.85 -17.40 25.10
N GLU B 314 -37.78 -17.04 24.24
CA GLU B 314 -38.94 -16.23 24.58
C GLU B 314 -40.19 -17.10 24.56
N GLU B 315 -40.04 -18.39 24.27
CA GLU B 315 -41.21 -19.28 24.26
C GLU B 315 -41.86 -19.36 25.62
N PRO B 316 -41.12 -19.50 26.74
CA PRO B 316 -41.77 -19.43 28.07
C PRO B 316 -42.56 -18.15 28.32
N ILE B 318 -44.08 -16.37 26.07
CA ILE B 318 -45.32 -16.47 25.29
C ILE B 318 -46.29 -17.42 25.98
N ARG B 319 -45.77 -18.52 26.52
N ARG B 319 -45.77 -18.52 26.52
CA ARG B 319 -46.60 -19.47 27.25
CA ARG B 319 -46.63 -19.46 27.24
C ARG B 319 -47.25 -18.82 28.47
C ARG B 319 -47.27 -18.80 28.46
N THR B 320 -46.48 -18.04 29.24
CA THR B 320 -47.05 -17.42 30.44
C THR B 320 -48.09 -16.35 30.07
N LEU B 321 -47.85 -15.63 28.96
CA LEU B 321 -48.83 -14.65 28.46
C LEU B 321 -50.18 -15.28 28.12
N ILE B 322 -50.13 -16.39 27.40
CA ILE B 322 -51.34 -17.10 27.00
C ILE B 322 -52.11 -17.55 28.25
N GLU B 323 -51.40 -18.17 29.20
CA GLU B 323 -52.05 -18.64 30.43
C GLU B 323 -52.58 -17.48 31.24
N ARG B 324 -51.85 -16.36 31.29
CA ARG B 324 -52.33 -15.23 32.09
C ARG B 324 -53.69 -14.73 31.63
N TYR B 325 -53.96 -14.80 30.33
CA TYR B 325 -55.25 -14.44 29.76
C TYR B 325 -56.24 -15.61 29.69
N ARG B 326 -55.90 -16.72 30.33
CA ARG B 326 -56.82 -17.85 30.44
C ARG B 326 -57.16 -18.46 29.08
N LYS B 327 -56.25 -18.39 28.12
CA LYS B 327 -56.50 -19.00 26.81
C LYS B 327 -55.78 -20.35 26.75
N HIS B 328 -56.10 -21.13 25.72
CA HIS B 328 -55.55 -22.48 25.58
C HIS B 328 -55.12 -22.73 24.15
N TYR B 329 -54.31 -21.81 23.62
CA TYR B 329 -53.88 -21.87 22.24
C TYR B 329 -52.70 -22.82 22.07
N SER B 330 -52.81 -23.76 21.11
CA SER B 330 -51.61 -24.45 20.63
C SER B 330 -50.71 -23.46 19.87
N PHE B 331 -49.41 -23.50 20.14
CA PHE B 331 -48.54 -22.51 19.51
C PHE B 331 -47.15 -23.08 19.31
N SER B 332 -46.47 -22.58 18.28
CA SER B 332 -45.04 -22.85 18.15
C SER B 332 -44.30 -21.52 18.19
N TYR B 333 -42.98 -21.64 18.37
CA TYR B 333 -42.07 -20.50 18.40
C TYR B 333 -40.80 -20.83 17.64
N ASN B 334 -40.45 -20.06 16.62
CA ASN B 334 -39.21 -20.32 15.89
C ASN B 334 -38.47 -19.02 15.56
N LYS B 335 -37.15 -19.06 15.68
CA LYS B 335 -36.30 -17.91 15.44
C LYS B 335 -35.26 -18.24 14.34
N VAL B 336 -35.26 -17.47 13.28
CA VAL B 336 -34.34 -17.69 12.17
C VAL B 336 -33.24 -16.66 12.21
N TYR B 337 -32.03 -17.07 12.60
CA TYR B 337 -30.88 -16.17 12.57
C TYR B 337 -30.30 -16.04 11.16
N GLU B 338 -30.10 -17.16 10.48
CA GLU B 338 -29.35 -17.16 9.23
C GLU B 338 -30.03 -18.06 8.21
N THR B 339 -29.45 -18.02 7.01
CA THR B 339 -30.01 -18.71 5.85
C THR B 339 -30.20 -20.20 6.13
N LYS B 340 -29.17 -20.86 6.66
CA LYS B 340 -29.21 -22.30 6.89
C LYS B 340 -30.51 -22.74 7.56
N PHE B 341 -30.87 -22.09 8.68
N PHE B 341 -30.91 -22.05 8.61
CA PHE B 341 -32.05 -22.51 9.40
CA PHE B 341 -32.06 -22.48 9.40
C PHE B 341 -33.33 -22.04 8.71
C PHE B 341 -33.37 -21.91 8.89
N GLY B 342 -33.29 -20.90 8.02
CA GLY B 342 -34.48 -20.46 7.32
C GLY B 342 -34.88 -21.44 6.23
N GLU B 343 -33.90 -22.02 5.54
N GLU B 343 -33.91 -22.02 5.52
CA GLU B 343 -34.18 -23.05 4.54
CA GLU B 343 -34.24 -23.04 4.53
C GLU B 343 -34.79 -24.30 5.17
C GLU B 343 -34.84 -24.28 5.20
N ARG B 344 -34.29 -24.69 6.34
CA ARG B 344 -34.86 -25.81 7.09
C ARG B 344 -36.33 -25.55 7.42
N LEU B 345 -36.58 -24.45 8.16
CA LEU B 345 -37.94 -24.08 8.51
C LEU B 345 -38.87 -24.03 7.30
N LEU B 346 -38.40 -23.45 6.19
CA LEU B 346 -39.21 -23.41 4.98
C LEU B 346 -39.56 -24.81 4.47
N GLY B 347 -38.58 -25.73 4.45
CA GLY B 347 -38.84 -27.09 4.03
C GLY B 347 -39.90 -27.80 4.84
N GLN B 348 -39.95 -27.55 6.17
CA GLN B 348 -40.90 -28.21 7.08
C GLN B 348 -42.09 -27.32 7.48
N ILE B 349 -42.40 -26.28 6.71
CA ILE B 349 -43.33 -25.26 7.19
C ILE B 349 -44.73 -25.82 7.39
N ARG B 350 -45.14 -26.82 6.59
N ARG B 350 -45.14 -26.82 6.60
CA ARG B 350 -46.49 -27.35 6.71
CA ARG B 350 -46.50 -27.33 6.73
C ARG B 350 -46.68 -28.11 8.02
C ARG B 350 -46.69 -28.11 8.03
N SER B 351 -45.60 -28.57 8.65
CA SER B 351 -45.76 -29.28 9.90
C SER B 351 -46.25 -28.33 11.00
N LEU B 352 -46.06 -27.02 10.80
CA LEU B 352 -46.62 -26.07 11.75
C LEU B 352 -48.14 -25.96 11.64
N SER B 353 -48.76 -26.69 10.69
CA SER B 353 -50.23 -26.63 10.54
C SER B 353 -50.97 -27.14 11.77
N GLN B 354 -50.31 -27.88 12.62
CA GLN B 354 -50.99 -28.42 13.80
C GLN B 354 -51.28 -27.36 14.87
N ASN B 355 -50.67 -26.20 14.76
CA ASN B 355 -50.77 -25.17 15.78
C ASN B 355 -51.70 -24.05 15.32
N GLN B 356 -52.52 -23.55 16.24
CA GLN B 356 -53.35 -22.39 15.97
C GLN B 356 -52.53 -21.10 15.86
N LEU B 357 -51.38 -21.02 16.52
CA LEU B 357 -50.58 -19.80 16.58
C LEU B 357 -49.16 -20.19 16.29
N ASN B 358 -48.59 -19.68 15.21
CA ASN B 358 -47.18 -19.91 14.91
C ASN B 358 -46.41 -18.60 14.96
N VAL B 359 -45.42 -18.49 15.86
CA VAL B 359 -44.61 -17.29 16.04
C VAL B 359 -43.26 -17.53 15.40
N ILE B 360 -42.92 -16.68 14.44
CA ILE B 360 -41.61 -16.74 13.82
C ILE B 360 -40.93 -15.39 13.97
N VAL B 361 -39.66 -15.43 14.41
CA VAL B 361 -38.81 -14.23 14.50
C VAL B 361 -37.79 -14.35 13.38
N LEU B 362 -37.71 -13.33 12.52
CA LEU B 362 -36.75 -13.24 11.44
C LEU B 362 -35.78 -12.11 11.79
N ASN B 363 -34.49 -12.37 11.61
CA ASN B 363 -33.51 -11.31 11.79
C ASN B 363 -33.18 -10.73 10.43
N PHE B 364 -33.39 -9.43 10.29
CA PHE B 364 -32.77 -8.65 9.24
C PHE B 364 -31.25 -8.59 9.53
N VAL B 365 -30.50 -8.09 8.55
CA VAL B 365 -29.06 -7.85 8.56
C VAL B 365 -28.69 -6.95 9.76
N ASP B 366 -27.60 -7.27 10.45
CA ASP B 366 -27.14 -6.46 11.57
C ASP B 366 -26.47 -5.19 11.04
N SER B 369 -23.04 -3.50 13.24
CA SER B 369 -21.84 -4.31 13.39
C SER B 369 -20.59 -3.44 13.30
N HIS B 370 -19.68 -3.63 14.24
CA HIS B 370 -18.44 -2.86 14.28
C HIS B 370 -17.30 -3.53 13.53
N ALA B 371 -17.49 -4.77 13.09
CA ALA B 371 -16.49 -5.44 12.27
C ALA B 371 -16.02 -4.49 11.18
N ARG B 372 -14.72 -4.51 10.92
CA ARG B 372 -14.16 -3.61 9.93
C ARG B 372 -14.83 -3.82 8.58
N THR B 373 -14.97 -5.08 8.16
CA THR B 373 -15.58 -5.38 6.87
C THR B 373 -17.04 -4.95 6.86
N ASP B 374 -17.83 -5.46 7.82
CA ASP B 374 -19.23 -5.06 7.91
C ASP B 374 -19.37 -3.54 7.90
N SER B 375 -18.50 -2.84 8.61
CA SER B 375 -18.62 -1.39 8.66
C SER B 375 -18.36 -0.76 7.29
N LYS B 376 -17.41 -1.29 6.54
CA LYS B 376 -17.13 -0.77 5.19
C LYS B 376 -18.27 -1.06 4.21
N ILE B 378 -21.45 -1.36 4.96
CA ILE B 378 -22.57 -0.49 5.27
C ILE B 378 -22.35 0.88 4.65
N ARG B 379 -21.12 1.42 4.74
CA ARG B 379 -20.91 2.78 4.26
C ARG B 379 -21.16 2.90 2.76
N GLU B 380 -20.94 1.82 2.00
CA GLU B 380 -21.16 1.84 0.57
C GLU B 380 -22.55 1.41 0.22
N LEU B 381 -23.08 0.38 0.92
CA LEU B 381 -24.32 -0.27 0.46
C LEU B 381 -25.56 0.32 1.10
N ALA B 382 -25.38 1.07 2.18
CA ALA B 382 -26.52 1.63 2.89
C ALA B 382 -26.19 3.05 3.32
N SER B 383 -25.68 3.85 2.36
CA SER B 383 -25.21 5.19 2.73
C SER B 383 -26.36 6.15 2.97
N ASN B 384 -27.54 5.81 2.49
CA ASN B 384 -28.72 6.66 2.59
C ASN B 384 -29.95 5.78 2.67
N GLU B 385 -31.10 6.42 2.86
N GLU B 385 -31.10 6.42 2.90
CA GLU B 385 -32.33 5.68 3.11
CA GLU B 385 -32.34 5.68 3.11
C GLU B 385 -32.84 4.97 1.86
C GLU B 385 -32.77 4.93 1.87
N ALA B 386 -32.65 5.54 0.69
CA ALA B 386 -33.04 4.83 -0.51
C ALA B 386 -32.22 3.54 -0.65
N ALA B 387 -30.92 3.63 -0.42
CA ALA B 387 -30.06 2.44 -0.44
C ALA B 387 -30.49 1.40 0.60
N TYR B 388 -30.84 1.85 1.79
CA TYR B 388 -31.31 0.96 2.86
C TYR B 388 -32.59 0.23 2.46
N ARG B 389 -33.52 0.94 1.81
CA ARG B 389 -34.75 0.33 1.31
C ARG B 389 -34.45 -0.66 0.19
N SER B 390 -33.53 -0.31 -0.71
CA SER B 390 -33.21 -1.23 -1.81
C SER B 390 -32.61 -2.53 -1.26
N LEU B 391 -31.67 -2.41 -0.31
CA LEU B 391 -31.13 -3.60 0.36
C LEU B 391 -32.19 -4.44 1.04
N THR B 392 -33.16 -3.79 1.69
CA THR B 392 -34.24 -4.54 2.32
C THR B 392 -35.02 -5.35 1.26
N LYS B 393 -35.34 -4.73 0.13
CA LYS B 393 -36.08 -5.42 -0.91
C LYS B 393 -35.30 -6.61 -1.42
N SER B 394 -33.99 -6.46 -1.56
CA SER B 394 -33.14 -7.52 -2.07
C SER B 394 -33.06 -8.66 -1.08
N TRP B 395 -32.85 -8.34 0.20
CA TRP B 395 -32.87 -9.37 1.24
C TRP B 395 -34.20 -10.11 1.26
N PHE B 396 -35.29 -9.36 1.21
CA PHE B 396 -36.59 -9.98 1.35
C PHE B 396 -36.81 -10.99 0.24
N LYS B 397 -36.42 -10.59 -0.98
CA LYS B 397 -36.67 -11.37 -2.19
C LYS B 397 -35.78 -12.60 -2.31
N HIS B 398 -34.52 -12.50 -1.90
CA HIS B 398 -33.50 -13.53 -2.17
C HIS B 398 -33.10 -14.28 -0.92
N SER B 399 -33.47 -13.84 0.29
CA SER B 399 -33.44 -14.72 1.46
C SER B 399 -34.61 -15.70 1.40
N THR B 400 -34.73 -16.55 2.39
CA THR B 400 -35.91 -17.42 2.42
C THR B 400 -37.22 -16.70 2.83
N THR B 401 -37.15 -15.42 3.19
CA THR B 401 -38.33 -14.70 3.67
C THR B 401 -39.44 -14.68 2.63
N TYR B 402 -39.13 -14.35 1.39
CA TYR B 402 -40.21 -14.25 0.40
C TYR B 402 -40.94 -15.59 0.26
N ASN B 403 -40.18 -16.68 0.11
CA ASN B 403 -40.78 -17.99 -0.02
C ASN B 403 -41.50 -18.42 1.25
N LEU B 404 -41.01 -18.01 2.41
CA LEU B 404 -41.76 -18.31 3.62
C LEU B 404 -43.15 -17.71 3.54
N PHE B 405 -43.24 -16.41 3.24
CA PHE B 405 -44.55 -15.77 3.18
C PHE B 405 -45.43 -16.43 2.12
N ARG B 406 -44.80 -16.86 1.04
CA ARG B 406 -45.52 -17.51 -0.04
C ARG B 406 -46.13 -18.82 0.42
N SER B 407 -45.33 -19.64 1.11
CA SER B 407 -45.81 -20.92 1.62
C SER B 407 -46.90 -20.78 2.68
N ILE B 408 -46.75 -19.84 3.61
CA ILE B 408 -47.75 -19.66 4.64
C ILE B 408 -49.09 -19.28 4.03
N ALA B 409 -49.06 -18.52 2.93
CA ALA B 409 -50.29 -18.11 2.28
C ALA B 409 -51.04 -19.32 1.72
N GLU B 410 -50.33 -20.39 1.36
CA GLU B 410 -50.97 -21.61 0.88
C GLU B 410 -51.58 -22.41 2.02
N GLY B 412 -53.51 -21.20 4.43
CA GLY B 412 -54.76 -20.64 4.92
C GLY B 412 -54.68 -19.93 6.25
N TYR B 413 -53.50 -19.44 6.64
CA TYR B 413 -53.35 -18.76 7.92
C TYR B 413 -53.44 -17.25 7.66
N LYS B 414 -54.13 -16.55 8.56
CA LYS B 414 -53.89 -15.12 8.73
C LYS B 414 -52.45 -14.89 9.16
N VAL B 415 -51.84 -13.79 8.69
CA VAL B 415 -50.46 -13.45 9.08
C VAL B 415 -50.47 -12.06 9.70
N VAL B 416 -49.96 -11.97 10.90
CA VAL B 416 -49.69 -10.68 11.50
C VAL B 416 -48.19 -10.42 11.37
N LEU B 417 -47.84 -9.43 10.57
CA LEU B 417 -46.45 -9.08 10.24
C LEU B 417 -46.10 -7.82 10.98
N THR B 418 -45.05 -7.88 11.78
CA THR B 418 -44.74 -6.74 12.61
C THR B 418 -43.24 -6.72 12.90
N THR B 419 -42.86 -5.87 13.85
CA THR B 419 -41.47 -5.63 14.25
C THR B 419 -41.51 -5.17 15.70
N ASP B 420 -40.35 -5.21 16.36
CA ASP B 420 -40.19 -4.68 17.72
C ASP B 420 -39.76 -3.21 17.77
N HIS B 421 -38.99 -2.74 16.78
CA HIS B 421 -38.60 -1.33 16.74
C HIS B 421 -38.04 -1.07 15.34
N GLY B 422 -37.86 0.21 15.01
CA GLY B 422 -37.16 0.61 13.81
C GLY B 422 -35.75 1.14 14.07
N THR B 423 -35.23 1.88 13.09
CA THR B 423 -33.93 2.52 13.18
C THR B 423 -34.01 3.89 12.52
N ILE B 424 -33.03 4.72 12.88
CA ILE B 424 -32.98 6.07 12.33
C ILE B 424 -31.52 6.30 11.93
N GLN B 425 -31.36 7.03 10.85
CA GLN B 425 -30.03 7.48 10.44
C GLN B 425 -29.64 8.70 11.27
N VAL B 426 -28.60 8.55 12.09
CA VAL B 426 -28.21 9.61 13.03
C VAL B 426 -27.31 10.63 12.35
N LYS B 427 -27.34 11.86 12.88
CA LYS B 427 -26.77 13.02 12.19
C LYS B 427 -25.90 13.86 13.13
N ASN B 428 -26.40 14.23 14.32
CA ASN B 428 -25.66 15.18 15.14
C ASN B 428 -25.39 14.67 16.54
N PRO B 429 -24.20 14.94 17.06
CA PRO B 429 -23.81 14.40 18.36
C PRO B 429 -24.35 15.18 19.54
N VAL B 430 -24.55 14.43 20.63
CA VAL B 430 -24.96 14.97 21.92
C VAL B 430 -23.97 14.41 22.93
N LYS B 431 -23.36 15.30 23.69
CA LYS B 431 -22.28 14.93 24.60
C LYS B 431 -22.82 14.26 25.86
N VAL B 432 -22.07 13.27 26.32
CA VAL B 432 -22.38 12.55 27.54
C VAL B 432 -21.06 12.04 28.11
N ILE B 433 -20.95 12.09 29.43
CA ILE B 433 -19.84 11.50 30.16
C ILE B 433 -20.39 10.44 31.09
N GLY B 434 -19.84 9.24 31.02
CA GLY B 434 -20.24 8.11 31.84
C GLY B 434 -18.99 7.46 32.40
N ASP B 435 -19.14 6.29 33.05
CA ASP B 435 -18.00 5.54 33.55
C ASP B 435 -17.65 4.43 32.55
N ARG B 436 -16.68 3.58 32.89
CA ARG B 436 -16.21 2.58 31.94
C ARG B 436 -17.25 1.49 31.68
N SER B 437 -18.16 1.25 32.62
CA SER B 437 -19.21 0.25 32.46
C SER B 437 -20.43 0.77 31.70
N THR B 438 -20.41 2.03 31.24
CA THR B 438 -21.54 2.57 30.49
C THR B 438 -21.77 1.74 29.22
N ASN B 439 -23.03 1.48 28.94
CA ASN B 439 -23.41 0.71 27.76
C ASN B 439 -22.97 1.42 26.47
N THR B 440 -23.01 0.67 25.36
CA THR B 440 -22.45 1.13 24.09
C THR B 440 -23.47 1.77 23.15
N ASN B 441 -24.77 1.65 23.41
CA ASN B 441 -25.78 2.15 22.48
C ASN B 441 -25.61 3.64 22.21
N LEU B 442 -25.81 4.03 20.94
CA LEU B 442 -25.72 5.45 20.59
C LEU B 442 -26.99 6.26 20.86
N ARG B 443 -28.14 5.62 21.11
CA ARG B 443 -29.38 6.37 21.30
C ARG B 443 -29.90 6.33 22.72
N TYR B 444 -29.41 5.46 23.58
CA TYR B 444 -29.86 5.53 24.97
C TYR B 444 -28.68 5.15 25.84
N LYS B 445 -28.61 5.72 27.06
CA LYS B 445 -27.58 5.35 28.03
C LYS B 445 -28.21 5.01 29.37
N ILE B 446 -27.62 4.03 30.06
CA ILE B 446 -27.94 3.69 31.44
C ILE B 446 -26.70 3.94 32.28
N GLY B 447 -26.88 4.59 33.42
CA GLY B 447 -25.75 4.70 34.32
C GLY B 447 -26.11 5.48 35.57
N LYS B 448 -25.26 5.32 36.59
CA LYS B 448 -25.35 6.06 37.83
C LYS B 448 -24.57 7.36 37.81
N ASN B 449 -23.59 7.47 36.91
CA ASN B 449 -22.68 8.60 36.89
C ASN B 449 -22.80 9.41 35.62
N LEU B 450 -23.96 9.38 34.96
CA LEU B 450 -24.13 10.04 33.69
C LEU B 450 -24.15 11.56 33.88
N ASP B 451 -23.37 12.25 33.07
CA ASP B 451 -23.32 13.69 33.08
C ASP B 451 -23.66 14.17 31.69
N TYR B 452 -24.70 14.97 31.58
CA TYR B 452 -25.25 15.36 30.29
C TYR B 452 -26.03 16.64 30.48
N ASN B 453 -26.37 17.29 29.39
CA ASN B 453 -27.29 18.41 29.42
C ASN B 453 -28.72 17.88 29.37
N PRO B 454 -29.49 18.04 30.45
CA PRO B 454 -30.87 17.49 30.45
C PRO B 454 -31.81 18.06 29.38
N LYS B 455 -31.51 19.23 28.84
CA LYS B 455 -32.31 19.84 27.80
C LYS B 455 -32.12 19.15 26.45
N GLU B 456 -31.13 18.28 26.34
CA GLU B 456 -30.84 17.61 25.08
C GLU B 456 -31.31 16.17 25.06
N VAL B 457 -31.88 15.66 26.14
CA VAL B 457 -32.26 14.26 26.20
C VAL B 457 -33.63 14.14 26.85
N PHE B 458 -34.25 12.98 26.66
CA PHE B 458 -35.37 12.54 27.49
C PHE B 458 -34.80 11.82 28.70
N GLU B 459 -35.02 12.37 29.87
CA GLU B 459 -34.37 11.94 31.10
C GLU B 459 -35.39 11.13 31.92
N ILE B 460 -35.03 9.88 32.26
CA ILE B 460 -35.76 9.05 33.19
C ILE B 460 -34.92 8.84 34.46
N LYS B 461 -35.11 9.69 35.45
CA LYS B 461 -34.32 9.60 36.67
C LYS B 461 -34.61 8.33 37.44
N ASP B 462 -35.83 7.81 37.37
CA ASP B 462 -36.20 6.58 38.08
C ASP B 462 -36.68 5.48 37.13
N PRO B 463 -35.81 4.59 36.70
CA PRO B 463 -36.26 3.57 35.72
C PRO B 463 -37.48 2.78 36.19
N ALA B 464 -37.53 2.44 37.48
CA ALA B 464 -38.64 1.62 37.98
C ALA B 464 -40.00 2.29 37.80
N SER B 465 -40.04 3.60 37.59
CA SER B 465 -41.34 4.25 37.47
C SER B 465 -41.90 4.20 36.05
N VAL B 466 -41.13 3.69 35.08
CA VAL B 466 -41.65 3.45 33.73
C VAL B 466 -41.34 2.02 33.31
N GLY B 467 -41.28 1.13 34.28
CA GLY B 467 -41.21 -0.29 34.01
C GLY B 467 -39.88 -0.76 33.48
N LEU B 468 -38.83 -0.14 33.87
CA LEU B 468 -37.49 -0.53 33.45
C LEU B 468 -36.67 -0.98 34.65
N PRO B 469 -35.88 -2.04 34.51
CA PRO B 469 -35.08 -2.51 35.63
C PRO B 469 -33.84 -1.65 35.85
N HIS B 470 -33.25 -1.81 37.03
CA HIS B 470 -32.02 -1.09 37.36
C HIS B 470 -31.46 -1.63 38.68
N ASN B 471 -30.13 -1.57 38.80
CA ASN B 471 -29.45 -2.09 39.98
C ASN B 471 -29.30 -1.05 41.08
N ASN B 472 -28.96 0.18 40.74
CA ASN B 472 -28.67 1.20 41.74
C ASN B 472 -29.79 2.22 41.82
N LEU B 473 -29.97 2.78 43.01
CA LEU B 473 -30.91 3.88 43.18
C LEU B 473 -30.57 5.02 42.24
N SER B 474 -29.28 5.21 41.98
CA SER B 474 -28.82 6.33 41.17
C SER B 474 -28.77 6.00 39.68
N ASP B 475 -29.08 4.77 39.29
CA ASP B 475 -29.22 4.44 37.86
C ASP B 475 -30.29 5.28 37.18
N LYS B 476 -29.94 5.84 36.02
CA LYS B 476 -30.88 6.62 35.21
C LYS B 476 -30.88 6.05 33.80
N PHE B 477 -31.93 6.31 33.02
CA PHE B 477 -31.96 6.12 31.57
C PHE B 477 -32.05 7.48 30.93
N ILE B 478 -31.26 7.72 29.88
CA ILE B 478 -31.38 8.94 29.09
C ILE B 478 -31.50 8.53 27.63
N PHE B 479 -32.33 9.24 26.88
CA PHE B 479 -32.64 8.87 25.52
C PHE B 479 -32.41 10.08 24.62
N THR B 480 -31.73 9.86 23.47
CA THR B 480 -31.71 10.84 22.39
C THR B 480 -33.07 10.93 21.72
N LYS B 481 -33.30 12.08 21.11
CA LYS B 481 -34.49 12.39 20.34
C LYS B 481 -34.04 12.72 18.92
N GLU B 482 -35.01 12.83 18.02
CA GLU B 482 -34.82 13.20 16.61
C GLU B 482 -33.72 12.29 16.06
N ASP B 483 -32.67 12.82 15.42
CA ASP B 483 -31.65 11.96 14.83
C ASP B 483 -30.30 12.21 15.51
N ASP B 484 -30.34 12.57 16.82
CA ASP B 484 -29.09 12.78 17.54
C ASP B 484 -28.46 11.45 17.89
N PHE B 485 -27.20 11.50 18.28
CA PHE B 485 -26.54 10.33 18.85
C PHE B 485 -25.58 10.80 19.92
N PHE B 486 -25.38 9.93 20.91
CA PHE B 486 -24.47 10.18 22.01
C PHE B 486 -23.03 9.99 21.57
N ALA B 487 -22.13 10.85 22.08
CA ALA B 487 -20.71 10.81 21.82
C ALA B 487 -19.97 11.21 23.09
N TYR B 488 -19.07 10.34 23.56
CA TYR B 488 -18.23 10.66 24.71
C TYR B 488 -17.15 11.69 24.37
N PRO B 489 -16.61 12.36 25.39
CA PRO B 489 -15.59 13.39 25.11
C PRO B 489 -14.30 12.82 24.54
N ASN B 490 -13.88 11.63 24.98
CA ASN B 490 -12.60 11.09 24.55
C ASN B 490 -12.69 10.64 23.09
N ASN B 491 -11.89 11.24 22.25
CA ASN B 491 -11.95 10.99 20.83
C ASN B 491 -13.30 11.35 20.24
N TYR B 492 -13.91 12.38 20.82
CA TYR B 492 -15.17 12.90 20.29
C TYR B 492 -15.12 13.13 18.79
N ASN B 493 -14.08 13.79 18.30
CA ASN B 493 -14.01 14.10 16.88
C ASN B 493 -13.94 12.85 16.04
N TYR B 494 -13.25 11.81 16.53
CA TYR B 494 -13.14 10.59 15.73
C TYR B 494 -14.46 9.83 15.68
N TYR B 495 -15.10 9.67 16.83
CA TYR B 495 -16.34 8.91 16.89
C TYR B 495 -17.51 9.65 16.26
N VAL B 496 -17.52 10.98 16.29
CA VAL B 496 -18.56 11.73 15.61
C VAL B 496 -18.47 11.50 14.10
N GLN B 497 -17.25 11.52 13.54
CA GLN B 497 -17.05 11.23 12.12
C GLN B 497 -17.43 9.79 11.81
N TYR B 498 -17.06 8.86 12.70
CA TYR B 498 -17.29 7.44 12.42
C TYR B 498 -18.78 7.07 12.47
N TYR B 499 -19.56 7.71 13.35
CA TYR B 499 -20.95 7.28 13.53
C TYR B 499 -21.97 8.16 12.81
N ARG B 500 -21.60 9.36 12.43
CA ARG B 500 -22.53 10.17 11.66
C ARG B 500 -23.02 9.40 10.46
N ASN B 501 -24.31 9.51 10.16
CA ASN B 501 -24.98 8.83 9.04
C ASN B 501 -25.11 7.33 9.17
N THR B 502 -24.76 6.74 10.31
CA THR B 502 -25.05 5.33 10.52
C THR B 502 -26.47 5.20 11.03
N PHE B 503 -26.96 3.99 10.94
CA PHE B 503 -28.33 3.66 11.31
C PHE B 503 -28.33 3.09 12.72
N GLN B 504 -29.12 3.69 13.60
CA GLN B 504 -29.08 3.31 15.01
C GLN B 504 -30.50 3.20 15.57
N HIS B 505 -30.61 2.60 16.76
CA HIS B 505 -31.90 2.52 17.42
C HIS B 505 -31.72 2.53 18.91
N GLY B 506 -32.82 2.83 19.59
CA GLY B 506 -32.84 2.81 21.04
C GLY B 506 -33.50 4.06 21.61
N GLY B 507 -33.74 5.03 20.75
CA GLY B 507 -34.19 6.34 21.17
C GLY B 507 -35.60 6.66 20.71
N ILE B 508 -35.90 7.95 20.67
CA ILE B 508 -37.24 8.44 20.36
C ILE B 508 -37.22 9.02 18.95
N SER B 509 -37.97 8.42 18.03
CA SER B 509 -38.20 8.99 16.69
C SER B 509 -39.39 8.24 16.10
N LEU B 510 -40.00 8.84 15.07
CA LEU B 510 -41.02 8.16 14.28
C LEU B 510 -40.47 6.83 13.76
N GLU B 511 -39.27 6.89 13.18
CA GLU B 511 -38.72 5.71 12.55
C GLU B 511 -38.53 4.58 13.56
N GLU B 512 -38.02 4.87 14.75
CA GLU B 512 -37.71 3.82 15.72
C GLU B 512 -38.94 3.35 16.47
N LEU B 514 -42.63 4.33 16.03
CA LEU B 514 -43.95 4.17 15.43
C LEU B 514 -43.80 3.13 14.33
N VAL B 515 -44.18 1.90 14.65
CA VAL B 515 -43.79 0.75 13.83
C VAL B 515 -44.98 -0.03 13.27
N PRO B 516 -44.81 -0.68 12.13
CA PRO B 516 -45.95 -1.34 11.48
C PRO B 516 -46.43 -2.59 12.18
N VAL B 517 -47.75 -2.78 12.12
CA VAL B 517 -48.35 -4.07 12.44
C VAL B 517 -49.45 -4.34 11.40
N ILE B 518 -49.18 -5.32 10.52
CA ILE B 518 -50.04 -5.54 9.36
C ILE B 518 -50.77 -6.86 9.52
N THR B 519 -52.11 -6.83 9.42
CA THR B 519 -52.91 -8.06 9.45
C THR B 519 -53.22 -8.44 8.01
N GLN B 521 -54.46 -11.36 5.04
CA GLN B 521 -55.34 -12.46 4.75
C GLN B 521 -54.91 -13.04 3.39
N PRO B 522 -54.63 -14.34 3.33
CA PRO B 522 -54.24 -14.93 2.04
C PRO B 522 -55.28 -14.70 0.96
N LYS B 523 -54.83 -14.46 -0.24
CA LYS B 523 -55.68 -14.40 -1.41
C LYS B 523 -56.00 -15.84 -1.86
N ARG C 11 63.67 -0.11 12.39
CA ARG C 11 63.55 0.98 11.42
C ARG C 11 63.17 2.29 12.13
N PRO C 12 64.02 3.31 12.02
CA PRO C 12 63.69 4.60 12.61
C PRO C 12 62.77 5.45 11.74
N TYR C 13 61.87 6.17 12.41
CA TYR C 13 61.06 7.17 11.75
C TYR C 13 61.95 8.30 11.26
N THR C 14 61.60 8.82 10.07
CA THR C 14 62.38 9.85 9.42
C THR C 14 61.64 11.18 9.44
N VAL C 15 62.37 12.24 9.72
CA VAL C 15 61.83 13.57 9.91
C VAL C 15 62.54 14.51 8.96
N LEU C 16 61.78 15.23 8.16
CA LEU C 16 62.32 16.31 7.35
C LEU C 16 62.01 17.62 8.06
N TRP C 17 63.03 18.43 8.30
CA TRP C 17 62.86 19.67 9.06
C TRP C 17 63.40 20.80 8.20
N ALA C 18 62.52 21.68 7.73
CA ALA C 18 62.89 22.83 6.93
C ALA C 18 62.79 24.08 7.79
N ASP C 19 63.92 24.76 7.96
CA ASP C 19 64.00 26.02 8.70
C ASP C 19 65.22 26.77 8.19
N ASP C 20 65.02 28.03 7.79
CA ASP C 20 66.16 28.86 7.36
C ASP C 20 67.15 29.08 8.49
N GLU C 21 66.73 28.89 9.74
CA GLU C 21 67.59 29.10 10.91
C GLU C 21 67.81 27.77 11.66
N ILE C 22 68.18 26.73 10.91
CA ILE C 22 68.23 25.39 11.49
C ILE C 22 69.30 25.27 12.57
N ASP C 23 70.38 26.07 12.47
CA ASP C 23 71.42 25.98 13.49
C ASP C 23 70.87 26.30 14.86
N LEU C 24 69.86 27.18 14.93
CA LEU C 24 69.23 27.47 16.20
C LEU C 24 68.48 26.26 16.76
N LEU C 25 68.18 25.29 15.89
CA LEU C 25 67.39 24.13 16.25
C LEU C 25 68.26 22.92 16.51
N LYS C 26 69.58 23.12 16.54
CA LYS C 26 70.53 22.04 16.84
C LYS C 26 70.22 21.29 18.12
N PRO C 27 69.96 21.93 19.26
CA PRO C 27 69.60 21.15 20.47
C PRO C 27 68.41 20.25 20.28
N HIS C 28 67.38 20.75 19.59
CA HIS C 28 66.18 19.93 19.35
C HIS C 28 66.46 18.75 18.43
N ILE C 29 67.25 18.99 17.37
CA ILE C 29 67.70 17.92 16.48
C ILE C 29 68.54 16.88 17.22
N LEU C 30 69.51 17.32 18.04
CA LEU C 30 70.21 16.35 18.89
C LEU C 30 69.22 15.51 19.68
N PHE C 31 68.26 16.17 20.30
CA PHE C 31 67.29 15.49 21.16
C PHE C 31 66.55 14.41 20.38
N LEU C 32 66.00 14.77 19.23
CA LEU C 32 65.26 13.79 18.43
C LEU C 32 66.16 12.63 18.00
N GLU C 33 67.42 12.92 17.64
CA GLU C 33 68.30 11.84 17.21
C GLU C 33 68.58 10.88 18.37
N GLN C 34 68.79 11.42 19.55
CA GLN C 34 68.94 10.58 20.73
C GLN C 34 67.68 9.75 21.05
N LYS C 35 66.51 10.23 20.66
CA LYS C 35 65.28 9.43 20.82
C LYS C 35 65.02 8.44 19.70
N GLY C 36 65.86 8.38 18.67
CA GLY C 36 65.74 7.33 17.66
C GLY C 36 65.29 7.83 16.32
N TYR C 37 64.96 9.11 16.20
CA TYR C 37 64.53 9.67 14.94
C TYR C 37 65.70 10.06 14.06
N GLN C 38 65.54 9.91 12.75
N GLN C 38 65.52 9.94 12.75
CA GLN C 38 66.52 10.34 11.76
CA GLN C 38 66.52 10.32 11.75
C GLN C 38 66.03 11.64 11.17
C GLN C 38 66.05 11.63 11.12
N VAL C 39 66.83 12.69 11.32
CA VAL C 39 66.43 14.04 10.94
C VAL C 39 67.21 14.50 9.73
N THR C 40 66.50 14.93 8.68
CA THR C 40 67.10 15.54 7.52
C THR C 40 66.82 17.02 7.56
N PRO C 41 67.82 17.88 7.79
CA PRO C 41 67.57 19.33 7.74
C PRO C 41 67.78 19.91 6.35
N VAL C 42 66.87 20.81 5.97
CA VAL C 42 67.00 21.65 4.79
C VAL C 42 66.67 23.07 5.21
N LEU C 43 67.00 24.03 4.34
CA LEU C 43 66.92 25.43 4.72
C LEU C 43 65.83 26.22 4.00
N SER C 44 65.07 25.60 3.11
CA SER C 44 64.05 26.36 2.38
C SER C 44 62.88 25.47 1.98
N GLY C 45 61.79 26.15 1.61
CA GLY C 45 60.60 25.47 1.14
C GLY C 45 60.85 24.68 -0.12
N ASN C 46 61.62 25.23 -1.06
CA ASN C 46 61.90 24.52 -2.31
C ASN C 46 62.72 23.26 -2.04
N ASP C 47 63.78 23.38 -1.24
CA ASP C 47 64.50 22.17 -0.85
C ASP C 47 63.56 21.13 -0.25
N ALA C 48 62.61 21.58 0.59
CA ALA C 48 61.70 20.65 1.23
C ALA C 48 60.76 20.00 0.24
N ILE C 49 60.24 20.77 -0.71
CA ILE C 49 59.40 20.18 -1.76
C ILE C 49 60.18 19.14 -2.55
N GLU C 50 61.43 19.46 -2.90
CA GLU C 50 62.31 18.48 -3.54
C GLU C 50 62.39 17.21 -2.72
N ALA C 51 62.67 17.39 -1.41
CA ALA C 51 62.84 16.27 -0.49
C ALA C 51 61.60 15.41 -0.47
N VAL C 52 60.42 16.01 -0.33
CA VAL C 52 59.21 15.19 -0.28
C VAL C 52 58.97 14.47 -1.62
N GLN C 53 59.20 15.15 -2.75
CA GLN C 53 59.02 14.52 -4.06
C GLN C 53 59.83 13.22 -4.19
N ASN C 54 61.11 13.28 -3.82
CA ASN C 54 62.05 12.21 -4.12
C ASN C 54 62.27 11.23 -2.98
N ASN C 55 61.55 11.37 -1.86
CA ASN C 55 61.73 10.46 -0.74
C ASN C 55 60.35 10.16 -0.17
N ASP C 56 60.34 9.41 0.97
CA ASP C 56 59.12 9.01 1.64
C ASP C 56 59.31 9.26 3.13
N PHE C 57 59.43 10.53 3.49
CA PHE C 57 59.62 10.90 4.89
C PHE C 57 58.39 10.55 5.72
N ASP C 58 58.61 10.09 6.96
CA ASP C 58 57.48 9.82 7.86
C ASP C 58 56.73 11.09 8.29
N ILE C 59 57.42 12.22 8.39
CA ILE C 59 56.79 13.44 8.88
C ILE C 59 57.63 14.60 8.41
N VAL C 60 56.99 15.76 8.25
CA VAL C 60 57.65 16.98 7.84
C VAL C 60 57.43 18.06 8.90
N PHE C 61 58.51 18.71 9.32
CA PHE C 61 58.48 19.89 10.19
C PHE C 61 58.79 21.09 9.31
N LEU C 62 57.91 22.10 9.34
CA LEU C 62 58.07 23.25 8.45
C LEU C 62 58.08 24.56 9.25
N ASP C 63 59.11 25.38 9.04
CA ASP C 63 59.14 26.78 9.43
C ASP C 63 58.25 27.60 8.49
N GLU C 64 57.86 28.79 8.94
CA GLU C 64 56.99 29.62 8.11
C GLU C 64 57.76 30.69 7.36
N ASN C 65 58.58 31.48 8.04
CA ASN C 65 59.30 32.59 7.41
C ASN C 65 60.68 32.11 6.98
N PRO C 67 63.57 32.72 3.52
CA PRO C 67 63.85 33.28 2.19
C PRO C 67 63.38 32.33 1.10
N GLY C 68 62.60 32.86 0.18
CA GLY C 68 62.04 32.04 -0.87
C GLY C 68 60.53 31.89 -0.70
N ILE C 69 59.97 30.77 -1.15
CA ILE C 69 58.55 30.55 -0.92
C ILE C 69 58.32 30.29 0.57
N GLY C 70 57.15 30.66 1.06
CA GLY C 70 56.84 30.50 2.46
C GLY C 70 56.51 29.07 2.84
N GLY C 71 56.51 28.83 4.15
CA GLY C 71 56.15 27.51 4.63
C GLY C 71 54.71 27.14 4.31
N LEU C 72 53.81 28.14 4.22
CA LEU C 72 52.43 27.85 3.87
C LEU C 72 52.32 27.49 2.41
N ASP C 73 53.24 28.01 1.58
CA ASP C 73 53.23 27.61 0.17
C ASP C 73 53.83 26.21 0.02
N ALA C 74 54.91 25.95 0.76
CA ALA C 74 55.46 24.59 0.78
C ALA C 74 54.43 23.61 1.29
N LEU C 75 53.70 23.99 2.34
CA LEU C 75 52.68 23.10 2.88
C LEU C 75 51.69 22.66 1.81
N GLN C 76 51.15 23.61 1.05
CA GLN C 76 50.19 23.30 0.00
C GLN C 76 50.75 22.32 -1.03
N LYS C 77 51.99 22.53 -1.48
N LYS C 77 51.99 22.53 -1.49
CA LYS C 77 52.61 21.64 -2.45
CA LYS C 77 52.58 21.63 -2.46
C LYS C 77 52.80 20.25 -1.88
C LYS C 77 52.78 20.24 -1.86
N ILE C 78 53.34 20.17 -0.65
CA ILE C 78 53.64 18.88 -0.04
C ILE C 78 52.37 18.08 0.21
N LYS C 79 51.28 18.75 0.55
CA LYS C 79 50.03 18.04 0.79
C LYS C 79 49.41 17.50 -0.50
N GLU C 80 49.75 18.09 -1.65
CA GLU C 80 49.27 17.55 -2.92
C GLU C 80 50.13 16.38 -3.37
N LEU C 81 51.44 16.46 -3.17
CA LEU C 81 52.32 15.32 -3.41
C LEU C 81 51.98 14.13 -2.50
N LYS C 82 51.91 14.36 -1.19
CA LYS C 82 51.77 13.29 -0.20
C LYS C 82 50.71 13.70 0.80
N PRO C 83 49.43 13.63 0.42
CA PRO C 83 48.38 14.14 1.34
C PRO C 83 48.33 13.36 2.64
N TYR C 84 48.83 12.13 2.68
CA TYR C 84 48.76 11.29 3.86
C TYR C 84 49.93 11.53 4.80
N THR C 85 50.88 12.33 4.40
CA THR C 85 52.04 12.56 5.26
C THR C 85 51.79 13.71 6.23
N PRO C 86 51.93 13.50 7.54
CA PRO C 86 51.69 14.60 8.49
C PRO C 86 52.75 15.69 8.40
N VAL C 87 52.29 16.94 8.47
CA VAL C 87 53.15 18.11 8.43
C VAL C 87 52.91 18.94 9.69
N VAL C 88 53.97 19.30 10.39
CA VAL C 88 53.92 20.05 11.64
C VAL C 88 54.60 21.40 11.39
N ILE C 90 56.40 24.65 12.71
CA ILE C 90 57.15 25.07 13.88
C ILE C 90 57.70 26.45 13.58
N THR C 91 57.19 27.47 14.25
CA THR C 91 57.35 28.84 13.76
C THR C 91 57.34 29.79 14.94
N LYS C 92 58.06 30.90 14.75
CA LYS C 92 58.01 31.98 15.73
C LYS C 92 56.76 32.85 15.60
N SER C 93 55.97 32.70 14.54
CA SER C 93 54.81 33.57 14.38
C SER C 93 53.69 33.25 15.36
N GLU C 94 53.09 34.31 15.92
CA GLU C 94 51.92 34.23 16.79
C GLU C 94 50.72 34.89 16.13
N GLU C 95 50.80 35.12 14.83
CA GLU C 95 49.72 35.75 14.09
C GLU C 95 48.52 34.80 13.94
N GLU C 96 47.32 35.36 14.09
CA GLU C 96 46.12 34.55 13.95
C GLU C 96 45.94 34.09 12.52
N HIS C 97 46.19 34.98 11.54
CA HIS C 97 45.97 34.61 10.14
C HIS C 97 47.00 33.59 9.67
N ILE C 98 48.18 33.57 10.29
CA ILE C 98 49.12 32.48 9.99
C ILE C 98 48.64 31.17 10.61
N THR C 100 45.50 30.43 11.24
CA THR C 100 44.33 30.07 10.45
C THR C 100 44.72 29.46 9.10
N GLN C 101 45.70 30.06 8.42
CA GLN C 101 46.10 29.50 7.12
C GLN C 101 46.75 28.13 7.29
N ALA C 102 47.56 27.96 8.33
CA ALA C 102 48.19 26.66 8.52
C ALA C 102 47.14 25.59 8.79
N ILE C 103 46.18 25.88 9.71
CA ILE C 103 45.10 24.92 9.98
C ILE C 103 44.33 24.57 8.69
N GLY C 104 43.95 25.59 7.92
CA GLY C 104 43.22 25.35 6.70
C GLY C 104 43.99 24.63 5.64
N GLY C 105 45.32 24.69 5.68
CA GLY C 105 46.21 23.90 4.87
C GLY C 105 46.48 22.51 5.38
N LYS C 106 45.72 22.06 6.43
CA LYS C 106 45.74 20.66 6.87
C LYS C 106 47.03 20.31 7.64
N ILE C 107 47.57 21.30 8.35
CA ILE C 107 48.66 21.05 9.27
C ILE C 107 48.20 20.08 10.35
N ALA C 108 49.09 19.20 10.73
CA ALA C 108 48.77 18.25 11.78
C ALA C 108 49.00 18.82 13.18
N ASP C 109 49.97 19.71 13.34
CA ASP C 109 50.26 20.44 14.56
C ASP C 109 50.87 21.79 14.18
N TYR C 110 50.86 22.71 15.14
CA TYR C 110 51.43 24.04 14.95
C TYR C 110 52.03 24.39 16.30
N LEU C 111 53.36 24.54 16.35
CA LEU C 111 54.08 24.80 17.59
C LEU C 111 54.80 26.12 17.47
N ILE C 112 54.58 26.97 18.49
CA ILE C 112 55.19 28.31 18.55
C ILE C 112 56.55 28.24 19.24
N LYS C 113 57.60 28.74 18.56
CA LYS C 113 58.92 28.91 19.14
C LYS C 113 58.90 29.94 20.28
N PRO C 114 59.67 29.71 21.34
CA PRO C 114 60.57 28.57 21.57
C PRO C 114 59.80 27.29 21.94
N VAL C 115 60.35 26.14 21.59
CA VAL C 115 59.67 24.86 21.72
C VAL C 115 60.42 23.99 22.70
N ASN C 116 59.70 23.44 23.63
CA ASN C 116 60.26 22.40 24.49
C ASN C 116 60.45 21.15 23.64
N PRO C 117 61.64 20.56 23.64
CA PRO C 117 61.86 19.37 22.80
C PRO C 117 60.83 18.28 23.02
N ASN C 118 60.33 18.16 24.26
CA ASN C 118 59.38 17.11 24.62
C ASN C 118 58.05 17.34 23.91
N GLN C 119 57.74 18.58 23.57
CA GLN C 119 56.57 18.85 22.75
C GLN C 119 56.75 18.27 21.36
N LEU C 120 57.98 18.26 20.84
CA LEU C 120 58.21 17.61 19.54
C LEU C 120 58.06 16.10 19.62
N LEU C 121 58.52 15.50 20.71
CA LEU C 121 58.30 14.08 20.91
C LEU C 121 56.81 13.73 21.01
N LEU C 122 56.06 14.56 21.72
CA LEU C 122 54.62 14.34 21.79
C LEU C 122 54.02 14.37 20.40
N SER C 123 54.42 15.34 19.59
N SER C 123 54.41 15.35 19.59
CA SER C 123 53.90 15.44 18.23
CA SER C 123 53.86 15.41 18.24
C SER C 123 54.27 14.23 17.41
C SER C 123 54.26 14.20 17.41
N LEU C 124 55.46 13.66 17.65
CA LEU C 124 55.91 12.52 16.85
C LEU C 124 55.15 11.25 17.22
N LYS C 125 54.98 11.04 18.51
CA LYS C 125 54.20 9.90 18.96
C LYS C 125 52.77 10.00 18.50
N LYS C 126 52.18 11.20 18.62
CA LYS C 126 50.78 11.34 18.31
C LYS C 126 50.54 11.25 16.82
N ASN C 127 51.41 11.85 16.00
CA ASN C 127 51.09 11.82 14.57
C ASN C 127 51.66 10.61 13.83
N LEU C 128 52.53 9.81 14.45
CA LEU C 128 53.06 8.64 13.80
C LEU C 128 52.65 7.34 14.47
N GLN C 129 52.18 7.36 15.71
CA GLN C 129 51.89 6.12 16.41
C GLN C 129 50.54 6.06 17.12
N GLN C 130 49.68 7.06 16.94
CA GLN C 130 48.46 7.12 17.73
C GLN C 130 47.61 5.88 17.52
N HIS C 131 47.52 5.37 16.30
CA HIS C 131 46.63 4.24 16.07
C HIS C 131 47.09 3.01 16.84
N SER C 132 48.38 2.69 16.79
CA SER C 132 48.88 1.54 17.54
C SER C 132 48.78 1.79 19.05
N ILE C 133 49.00 3.04 19.48
CA ILE C 133 48.93 3.35 20.91
C ILE C 133 47.51 3.20 21.40
N ILE C 134 46.56 3.76 20.66
CA ILE C 134 45.14 3.61 20.98
C ILE C 134 44.70 2.15 20.91
N SER C 135 45.24 1.41 19.93
CA SER C 135 44.86 0.00 19.80
C SER C 135 45.29 -0.81 21.02
N GLU C 136 46.48 -0.58 21.53
CA GLU C 136 46.93 -1.32 22.70
C GLU C 136 46.23 -0.83 23.98
N THR C 137 45.88 0.45 24.07
CA THR C 137 45.15 0.92 25.24
C THR C 137 43.74 0.31 25.29
N THR C 138 43.07 0.29 24.15
CA THR C 138 41.77 -0.35 24.03
C THR C 138 41.83 -1.80 24.46
N ASN C 139 42.80 -2.54 23.95
CA ASN C 139 42.93 -3.96 24.31
C ASN C 139 43.17 -4.11 25.81
N THR C 140 44.09 -3.34 26.36
CA THR C 140 44.29 -3.39 27.80
C THR C 140 42.97 -3.10 28.53
N ASN C 141 42.31 -1.99 28.20
CA ASN C 141 41.12 -1.60 28.94
C ASN C 141 40.01 -2.64 28.83
N TYR C 142 39.81 -3.24 27.64
CA TYR C 142 38.74 -4.24 27.53
C TYR C 142 39.08 -5.46 28.35
N ARG C 143 40.35 -5.91 28.30
CA ARG C 143 40.78 -6.99 29.19
C ARG C 143 40.47 -6.64 30.63
N GLN C 144 40.92 -5.46 31.08
CA GLN C 144 40.59 -4.98 32.42
C GLN C 144 39.09 -5.06 32.68
N GLU C 145 38.30 -4.69 31.70
CA GLU C 145 36.87 -4.46 31.88
C GLU C 145 36.01 -5.65 31.47
N PHE C 146 36.57 -6.62 30.77
CA PHE C 146 35.77 -7.75 30.30
C PHE C 146 35.14 -8.51 31.47
N VAL C 147 35.95 -8.85 32.46
CA VAL C 147 35.42 -9.60 33.59
C VAL C 147 34.38 -8.78 34.36
N GLN C 148 34.67 -7.50 34.59
CA GLN C 148 33.70 -6.60 35.22
C GLN C 148 32.35 -6.59 34.49
N LEU C 149 32.37 -6.61 33.16
CA LEU C 149 31.12 -6.70 32.41
C LEU C 149 30.45 -8.06 32.59
N GLY C 150 31.24 -9.13 32.48
N GLY C 150 31.23 -9.14 32.65
CA GLY C 150 30.70 -10.47 32.51
CA GLY C 150 30.64 -10.40 33.07
C GLY C 150 30.26 -10.86 33.90
C GLY C 150 29.86 -10.23 34.36
N THR C 151 31.12 -10.64 34.91
N THR C 151 30.46 -9.52 35.33
CA THR C 151 30.71 -10.92 36.28
CA THR C 151 29.80 -9.24 36.60
C THR C 151 29.40 -10.22 36.60
C THR C 151 28.57 -8.36 36.41
N GLN C 152 29.28 -8.95 36.19
N GLN C 152 28.72 -7.27 35.67
CA GLN C 152 28.09 -8.16 36.47
CA GLN C 152 27.62 -6.31 35.50
C GLN C 152 26.84 -8.85 35.96
C GLN C 152 26.36 -7.00 34.99
N SER C 154 25.81 -11.58 35.47
N SER C 154 26.01 -10.53 35.14
CA SER C 154 25.33 -12.82 36.07
CA SER C 154 25.78 -11.71 35.96
C SER C 154 24.29 -12.56 37.17
C SER C 154 24.86 -11.33 37.11
N GLY C 155 24.33 -11.40 37.80
N GLY C 155 23.85 -12.17 37.35
CA GLY C 155 23.26 -11.04 38.69
CA GLY C 155 22.81 -11.86 38.31
C GLY C 155 22.03 -10.57 37.94
C GLY C 155 21.65 -11.12 37.67
N LYS C 156 20.89 -10.56 38.64
N LYS C 156 20.69 -10.77 38.51
CA LYS C 156 19.67 -10.00 38.09
CA LYS C 156 19.51 -10.05 38.05
C LYS C 156 19.83 -8.51 37.89
C LYS C 156 19.83 -8.57 37.83
N LEU C 157 19.15 -7.99 36.85
CA LEU C 157 19.29 -6.58 36.52
C LEU C 157 17.95 -5.85 36.42
N SER C 158 17.95 -4.59 36.85
CA SER C 158 16.82 -3.73 36.49
C SER C 158 16.86 -3.41 34.99
N PHE C 159 15.74 -2.86 34.49
CA PHE C 159 15.73 -2.28 33.17
C PHE C 159 16.81 -1.24 33.02
N GLU C 160 16.93 -0.33 34.01
CA GLU C 160 17.95 0.71 33.93
C GLU C 160 19.33 0.10 33.81
N GLU C 161 19.60 -0.96 34.58
CA GLU C 161 20.90 -1.64 34.49
C GLU C 161 21.10 -2.30 33.13
N TRP C 162 20.02 -2.76 32.48
CA TRP C 162 20.14 -3.37 31.16
C TRP C 162 20.46 -2.32 30.11
N LYS C 163 19.85 -1.14 30.21
CA LYS C 163 20.22 -0.03 29.33
C LYS C 163 21.72 0.28 29.42
N GLU C 164 22.25 0.43 30.63
CA GLU C 164 23.65 0.78 30.77
C GLU C 164 24.58 -0.35 30.33
N LEU C 165 24.20 -1.60 30.60
CA LEU C 165 25.01 -2.72 30.12
C LEU C 165 25.03 -2.76 28.60
N TYR C 166 23.85 -2.71 27.95
CA TYR C 166 23.82 -2.74 26.48
C TYR C 166 24.64 -1.59 25.88
N ARG C 167 24.51 -0.40 26.46
CA ARG C 167 25.28 0.74 25.96
C ARG C 167 26.77 0.43 25.99
N ARG C 168 27.25 -0.20 27.06
CA ARG C 168 28.65 -0.51 27.23
C ARG C 168 29.08 -1.64 26.29
N ILE C 169 28.20 -2.60 26.02
CA ILE C 169 28.58 -3.65 25.08
C ILE C 169 28.71 -3.07 23.68
N VAL C 170 27.78 -2.18 23.28
CA VAL C 170 27.87 -1.52 21.97
C VAL C 170 29.11 -0.67 21.86
N PHE C 171 29.44 0.09 22.93
CA PHE C 171 30.66 0.88 22.96
C PHE C 171 31.85 -0.01 22.62
N TRP C 172 31.97 -1.14 23.30
CA TRP C 172 33.10 -2.02 23.04
C TRP C 172 33.05 -2.63 21.65
N GLU C 173 31.86 -2.95 21.19
CA GLU C 173 31.71 -3.47 19.84
C GLU C 173 32.38 -2.56 18.81
N ILE C 174 32.13 -1.26 18.92
CA ILE C 174 32.70 -0.32 17.97
C ILE C 174 34.16 -0.10 18.27
N GLU C 175 34.55 0.00 19.54
CA GLU C 175 35.96 0.29 19.83
C GLU C 175 36.86 -0.83 19.37
N LEU C 176 36.39 -2.07 19.40
N LEU C 176 36.42 -2.07 19.50
CA LEU C 176 37.23 -3.22 19.04
CA LEU C 176 37.22 -3.24 19.15
C LEU C 176 37.14 -3.60 17.54
C LEU C 176 37.20 -3.56 17.65
N GLU C 177 36.77 -2.65 16.67
N GLU C 177 36.56 -2.71 16.83
CA GLU C 177 36.40 -3.02 15.30
CA GLU C 177 36.87 -2.71 15.41
C GLU C 177 37.52 -3.76 14.57
C GLU C 177 38.33 -2.30 15.20
N GLN C 178 38.74 -3.22 14.59
N GLN C 178 38.78 -1.32 15.97
CA GLN C 178 39.84 -3.77 13.81
CA GLN C 178 40.11 -0.73 15.87
C GLN C 178 40.85 -4.55 14.65
C GLN C 178 40.97 -1.16 17.05
N ALA C 179 40.53 -4.83 15.91
N ALA C 179 40.91 -2.44 17.38
CA ALA C 179 41.43 -5.56 16.81
CA ALA C 179 41.75 -3.05 18.40
C ALA C 179 41.67 -6.97 16.28
C ALA C 179 42.14 -4.44 17.92
N ASP C 180 42.57 -7.69 16.94
N ASP C 180 42.73 -5.24 18.80
CA ASP C 180 42.86 -9.04 16.50
CA ASP C 180 43.17 -6.58 18.42
C ASP C 180 41.70 -9.98 16.86
C ASP C 180 41.98 -7.48 18.10
N ARG C 181 41.65 -11.12 16.19
N ARG C 181 42.13 -8.31 17.07
CA ARG C 181 40.50 -12.01 16.29
CA ARG C 181 40.99 -9.10 16.59
C ARG C 181 40.21 -12.41 17.74
C ARG C 181 40.54 -10.12 17.63
N GLN C 182 41.26 -12.55 18.55
N GLN C 182 41.47 -10.90 18.19
CA GLN C 182 41.08 -12.98 19.94
CA GLN C 182 41.10 -11.92 19.16
C GLN C 182 40.20 -12.00 20.72
C GLN C 182 40.28 -11.36 20.32
N GLY C 184 38.03 -9.49 19.37
N GLY C 184 37.93 -9.38 19.61
CA GLY C 184 36.69 -9.48 18.84
CA GLY C 184 36.63 -9.45 18.98
C GLY C 184 35.90 -10.70 19.29
C GLY C 184 35.88 -10.72 19.35
N GLU C 185 36.52 -11.88 19.18
CA GLU C 185 35.94 -13.12 19.69
C GLU C 185 35.40 -12.94 21.09
N LEU C 186 36.24 -12.41 21.99
CA LEU C 186 35.88 -12.22 23.38
C LEU C 186 34.61 -11.42 23.49
N LEU C 187 34.57 -10.26 22.83
CA LEU C 187 33.39 -9.44 22.99
C LEU C 187 32.18 -10.12 22.39
N GLU C 188 32.35 -10.85 21.28
CA GLU C 188 31.22 -11.52 20.69
C GLU C 188 30.61 -12.51 21.67
N GLN C 190 30.65 -12.46 24.70
CA GLN C 190 30.05 -11.70 25.77
C GLN C 190 28.71 -11.12 25.35
N LYS C 191 28.60 -10.72 24.09
CA LYS C 191 27.34 -10.25 23.59
C LYS C 191 26.32 -11.37 23.50
N GLN C 192 26.77 -12.58 23.12
CA GLN C 192 25.87 -13.73 23.10
C GLN C 192 25.28 -13.98 24.48
N GLU C 193 26.14 -13.91 25.50
CA GLU C 193 25.69 -14.12 26.87
C GLU C 193 24.67 -13.05 27.28
N ALA C 194 24.95 -11.79 26.95
CA ALA C 194 23.99 -10.73 27.26
C ALA C 194 22.65 -10.94 26.56
N ASN C 195 22.67 -11.42 25.31
CA ASN C 195 21.40 -11.63 24.63
C ASN C 195 20.62 -12.77 25.26
N ARG C 196 21.30 -13.84 25.65
CA ARG C 196 20.66 -14.97 26.30
C ARG C 196 20.03 -14.55 27.61
N LEU C 197 20.74 -13.76 28.41
CA LEU C 197 20.16 -13.31 29.67
C LEU C 197 19.09 -12.26 29.45
N PHE C 198 19.23 -11.45 28.40
CA PHE C 198 18.18 -10.47 28.12
C PHE C 198 16.92 -11.17 27.70
N ALA C 199 17.04 -12.25 26.89
CA ALA C 199 15.88 -13.03 26.50
C ALA C 199 15.12 -13.53 27.73
N ARG C 200 15.84 -14.02 28.74
CA ARG C 200 15.20 -14.44 29.99
C ARG C 200 14.50 -13.28 30.70
N PHE C 201 15.18 -12.15 30.83
CA PHE C 201 14.55 -10.94 31.38
C PHE C 201 13.22 -10.66 30.71
N VAL C 202 13.19 -10.71 29.38
CA VAL C 202 11.98 -10.37 28.66
C VAL C 202 10.90 -11.43 28.87
N THR C 203 11.25 -12.71 28.72
CA THR C 203 10.19 -13.72 28.74
C THR C 203 9.63 -13.88 30.15
N GLN C 204 10.42 -13.56 31.16
CA GLN C 204 9.93 -13.61 32.52
C GLN C 204 9.00 -12.44 32.84
N ASN C 205 9.19 -11.29 32.17
CA ASN C 205 8.47 -10.09 32.56
C ASN C 205 7.47 -9.59 31.55
N TYR C 206 7.51 -10.07 30.31
CA TYR C 206 6.78 -9.40 29.25
C TYR C 206 5.29 -9.33 29.52
N ARG C 207 4.68 -10.45 29.95
CA ARG C 207 3.23 -10.45 30.20
C ARG C 207 2.84 -9.42 31.27
N GLU C 208 3.63 -9.34 32.35
CA GLU C 208 3.32 -8.36 33.39
C GLU C 208 3.48 -6.92 32.91
N TRP C 209 4.46 -6.65 32.03
CA TRP C 209 4.63 -5.31 31.49
C TRP C 209 3.38 -4.81 30.77
N ILE C 210 2.75 -5.70 29.99
CA ILE C 210 1.54 -5.33 29.27
C ILE C 210 0.39 -5.24 30.25
N ALA C 211 0.36 -6.16 31.23
CA ALA C 211 -0.75 -6.23 32.17
C ALA C 211 -0.76 -5.04 33.14
N LYS C 212 0.41 -4.59 33.61
CA LYS C 212 0.50 -3.49 34.57
C LYS C 212 1.23 -2.33 33.94
N PRO C 213 0.52 -1.43 33.24
CA PRO C 213 1.21 -0.31 32.56
C PRO C 213 1.87 0.70 33.49
N ASP C 214 1.46 0.76 34.76
CA ASP C 214 1.96 1.83 35.60
C ASP C 214 3.38 1.58 36.09
N THR C 215 3.82 0.32 36.11
CA THR C 215 5.15 0.00 36.59
C THR C 215 6.09 -0.50 35.50
N ARG C 216 5.61 -0.62 34.24
CA ARG C 216 6.47 -1.15 33.17
C ARG C 216 7.50 -0.13 32.69
N PRO C 217 8.60 -0.56 32.12
CA PRO C 217 9.47 0.38 31.41
C PRO C 217 8.73 1.01 30.23
N THR C 218 9.26 2.15 29.77
CA THR C 218 8.69 2.82 28.61
C THR C 218 8.70 1.92 27.39
N SER C 220 6.66 1.05 23.28
CA SER C 220 6.10 1.70 22.10
C SER C 220 4.86 2.54 22.37
N PRO C 221 3.79 2.04 23.02
CA PRO C 221 2.59 2.88 23.23
C PRO C 221 2.81 4.03 24.20
N ASP C 222 3.88 3.98 24.97
CA ASP C 222 4.19 5.03 25.94
C ASP C 222 5.06 6.15 25.35
N LEU C 223 5.60 5.95 24.14
CA LEU C 223 6.75 6.74 23.69
C LEU C 223 6.42 8.22 23.55
N PHE C 224 5.31 8.52 22.88
CA PHE C 224 4.92 9.93 22.75
C PHE C 224 4.60 10.54 24.12
N LYS C 225 3.92 9.77 24.97
CA LYS C 225 3.56 10.32 26.28
C LYS C 225 4.80 10.67 27.10
N GLN C 226 5.79 9.77 27.11
CA GLN C 226 6.97 9.96 27.93
C GLN C 226 7.95 10.95 27.30
N LYS C 227 8.10 10.93 25.97
CA LYS C 227 9.20 11.65 25.36
C LYS C 227 8.84 12.77 24.43
N VAL C 228 7.58 12.92 24.01
CA VAL C 228 7.19 14.01 23.12
C VAL C 228 6.27 15.00 23.79
N PHE C 229 5.20 14.51 24.41
CA PHE C 229 4.21 15.43 24.97
C PHE C 229 4.83 16.39 25.98
N PRO C 230 5.72 15.96 26.87
CA PRO C 230 6.25 16.93 27.88
C PRO C 230 6.95 18.11 27.23
N LEU C 231 7.70 17.85 26.15
CA LEU C 231 8.31 18.94 25.39
C LEU C 231 7.23 19.86 24.83
N LEU C 232 6.22 19.27 24.19
CA LEU C 232 5.18 20.09 23.59
C LEU C 232 4.38 20.87 24.63
N ASP C 233 4.15 20.27 25.80
CA ASP C 233 3.44 20.95 26.87
C ASP C 233 4.25 22.05 27.52
N ASN C 234 5.57 22.07 27.34
CA ASN C 234 6.45 23.13 27.83
C ASN C 234 6.65 24.21 26.79
N GLY C 235 5.89 24.18 25.71
CA GLY C 235 5.94 25.21 24.70
C GLY C 235 6.98 24.99 23.60
N GLU C 236 7.73 23.90 23.65
CA GLU C 236 8.77 23.64 22.67
C GLU C 236 8.16 23.10 21.39
N LYS C 237 8.81 23.36 20.27
CA LYS C 237 8.41 22.83 18.98
C LYS C 237 9.37 21.70 18.62
N VAL C 238 8.82 20.59 18.09
CA VAL C 238 9.53 19.33 18.02
C VAL C 238 9.38 18.70 16.64
N PHE C 239 10.47 18.15 16.12
CA PHE C 239 10.47 17.24 14.98
C PHE C 239 10.70 15.87 15.56
N PHE C 240 9.72 14.97 15.36
CA PHE C 240 9.82 13.57 15.77
C PHE C 240 10.24 12.82 14.50
N ILE C 241 11.47 12.32 14.53
CA ILE C 241 12.02 11.68 13.36
C ILE C 241 12.15 10.20 13.69
N LEU C 242 11.43 9.38 12.97
CA LEU C 242 11.42 7.95 13.19
C LEU C 242 12.14 7.31 12.02
N ILE C 243 13.34 6.78 12.28
CA ILE C 243 14.10 6.01 11.29
C ILE C 243 13.78 4.55 11.53
N ASP C 244 13.00 3.94 10.63
CA ASP C 244 12.57 2.56 10.84
C ASP C 244 13.81 1.68 10.86
N ASN C 245 13.81 0.70 11.77
CA ASN C 245 14.88 -0.30 11.85
C ASN C 245 16.25 0.34 12.09
N PHE C 246 16.40 1.01 13.23
CA PHE C 246 17.63 1.76 13.54
C PHE C 246 18.17 1.34 14.90
N ARG C 247 19.17 0.49 14.88
CA ARG C 247 19.73 -0.12 16.09
C ARG C 247 20.48 0.92 16.94
N GLN C 248 20.70 0.59 18.20
CA GLN C 248 21.54 1.41 19.06
C GLN C 248 22.93 1.62 18.50
N ASP C 249 23.56 0.58 17.94
CA ASP C 249 24.89 0.79 17.38
C ASP C 249 24.88 1.63 16.09
N GLN C 250 23.72 1.81 15.45
CA GLN C 250 23.62 2.74 14.33
C GLN C 250 23.47 4.17 14.82
N TRP C 251 22.71 4.38 15.90
CA TRP C 251 22.74 5.68 16.55
C TRP C 251 24.16 6.08 16.90
N GLU C 252 24.90 5.17 17.54
CA GLU C 252 26.28 5.48 17.92
C GLU C 252 27.14 5.80 16.72
N SER C 253 26.81 5.23 15.56
CA SER C 253 27.60 5.46 14.37
C SER C 253 27.37 6.85 13.78
N VAL C 254 26.17 7.41 13.93
CA VAL C 254 25.88 8.70 13.33
C VAL C 254 25.95 9.88 14.29
N LYS C 255 26.05 9.64 15.61
CA LYS C 255 25.92 10.76 16.53
C LYS C 255 27.07 11.78 16.40
N SER C 256 28.26 11.33 16.02
CA SER C 256 29.34 12.32 15.92
C SER C 256 29.02 13.35 14.84
N LEU C 258 25.94 14.25 13.85
CA LEU C 258 24.88 15.10 14.41
C LEU C 258 25.39 16.04 15.50
N SER C 259 26.48 15.68 16.17
CA SER C 259 26.98 16.51 17.27
C SER C 259 27.48 17.88 16.80
N GLU C 260 27.81 18.02 15.51
CA GLU C 260 28.12 19.35 15.00
C GLU C 260 26.95 20.30 15.13
N PHE C 261 25.70 19.80 15.08
CA PHE C 261 24.56 20.70 15.04
C PHE C 261 23.67 20.59 16.27
N TYR C 262 23.83 19.55 17.09
CA TYR C 262 22.91 19.34 18.19
C TYR C 262 23.70 18.93 19.41
N THR C 263 23.11 19.12 20.60
CA THR C 263 23.46 18.45 21.84
C THR C 263 22.39 17.40 22.17
N PHE C 264 22.78 16.38 22.93
CA PHE C 264 21.96 15.18 23.12
C PHE C 264 21.62 14.90 24.57
N GLU C 265 20.38 14.41 24.76
CA GLU C 265 19.98 13.60 25.92
C GLU C 265 19.69 12.19 25.39
N GLU C 266 20.58 11.23 25.67
CA GLU C 266 20.46 9.89 25.12
C GLU C 266 19.66 8.98 26.03
N ASP C 267 18.80 8.17 25.44
CA ASP C 267 18.01 7.23 26.24
C ASP C 267 17.64 6.09 25.32
N TYR C 269 14.44 2.80 24.95
CA TYR C 269 13.16 2.29 25.44
C TYR C 269 12.94 0.92 24.83
N LEU C 270 11.85 0.25 25.21
CA LEU C 270 11.61 -1.10 24.74
C LEU C 270 10.52 -1.17 23.67
N SER C 271 10.85 -1.78 22.54
CA SER C 271 9.81 -2.12 21.58
C SER C 271 8.88 -3.19 22.11
N ILE C 272 7.62 -3.12 21.74
CA ILE C 272 6.76 -4.27 21.99
C ILE C 272 7.11 -5.43 21.06
N LEU C 273 6.50 -6.58 21.32
CA LEU C 273 6.55 -7.75 20.45
C LEU C 273 5.28 -7.86 19.63
N PRO C 274 5.33 -8.24 18.35
CA PRO C 274 6.58 -8.47 17.57
C PRO C 274 7.36 -7.17 17.37
N THR C 275 8.70 -7.25 17.33
CA THR C 275 9.53 -6.13 16.90
C THR C 275 9.43 -5.90 15.39
N ALA C 276 8.21 -5.56 14.97
CA ALA C 276 7.93 -5.37 13.57
C ALA C 276 7.08 -4.11 13.42
N THR C 277 7.20 -3.49 12.25
CA THR C 277 6.63 -2.16 12.02
C THR C 277 5.13 -2.15 12.25
N GLN C 278 4.46 -3.17 11.72
CA GLN C 278 2.99 -3.19 11.77
C GLN C 278 2.48 -3.05 13.21
N TYR C 279 3.20 -3.63 14.16
CA TYR C 279 2.80 -3.64 15.56
C TYR C 279 3.46 -2.51 16.36
N ALA C 280 4.79 -2.46 16.33
CA ALA C 280 5.49 -1.47 17.15
C ALA C 280 5.27 -0.05 16.63
N ARG C 281 5.29 0.18 15.31
CA ARG C 281 5.26 1.56 14.88
C ARG C 281 3.85 2.14 14.93
N ASN C 282 2.83 1.32 14.70
CA ASN C 282 1.46 1.75 14.91
C ASN C 282 1.20 1.98 16.40
N ALA C 283 1.80 1.16 17.27
CA ALA C 283 1.66 1.41 18.70
C ALA C 283 2.26 2.76 19.08
N ILE C 284 3.37 3.15 18.45
CA ILE C 284 3.98 4.45 18.74
C ILE C 284 3.02 5.57 18.35
N PHE C 285 2.52 5.52 17.14
CA PHE C 285 1.77 6.67 16.63
C PHE C 285 0.33 6.72 17.14
N SER C 286 -0.21 5.57 17.60
CA SER C 286 -1.54 5.52 18.21
C SER C 286 -1.47 5.71 19.72
N GLY C 287 -0.34 5.38 20.35
CA GLY C 287 -0.22 5.37 21.78
C GLY C 287 -0.95 4.22 22.43
N LEU C 288 -1.18 3.14 21.70
CA LEU C 288 -2.00 2.03 22.17
C LEU C 288 -1.35 0.73 21.73
N PRO C 290 -1.52 -2.79 19.84
CA PRO C 290 -2.24 -3.16 18.60
C PRO C 290 -3.68 -3.58 18.88
N LEU C 291 -3.90 -4.48 19.83
CA LEU C 291 -5.27 -4.91 20.14
C LEU C 291 -6.20 -3.73 20.50
N GLN C 292 -5.71 -2.75 21.26
CA GLN C 292 -6.58 -1.63 21.59
C GLN C 292 -6.83 -0.72 20.39
N ILE C 293 -5.91 -0.64 19.42
CA ILE C 293 -6.20 0.03 18.15
C ILE C 293 -7.40 -0.63 17.44
N GLU C 294 -7.34 -1.96 17.29
CA GLU C 294 -8.43 -2.66 16.60
C GLU C 294 -9.77 -2.51 17.33
N LYS C 295 -9.78 -2.59 18.66
CA LYS C 295 -11.00 -2.43 19.42
C LYS C 295 -11.51 -0.98 19.37
N PHE C 297 -10.36 1.68 17.45
CA PHE C 297 -10.34 2.25 16.10
C PHE C 297 -10.25 1.15 15.06
N PRO C 298 -11.27 0.28 14.98
CA PRO C 298 -11.19 -0.85 14.04
C PRO C 298 -10.88 -0.44 12.60
N ASP C 299 -11.34 0.76 12.21
CA ASP C 299 -11.14 1.26 10.85
C ASP C 299 -9.70 1.66 10.56
N LEU C 300 -8.88 1.85 11.58
CA LEU C 300 -7.48 2.19 11.39
C LEU C 300 -6.58 0.97 11.43
N TRP C 301 -7.04 -0.14 12.00
CA TRP C 301 -6.21 -1.32 12.14
C TRP C 301 -6.36 -2.26 10.95
N VAL C 302 -5.22 -2.64 10.37
CA VAL C 302 -5.23 -3.52 9.21
C VAL C 302 -4.78 -4.91 9.62
N ASP C 303 -5.69 -5.87 9.49
CA ASP C 303 -5.44 -7.29 9.75
C ASP C 303 -4.17 -7.76 9.04
N GLU C 304 -3.46 -8.69 9.66
CA GLU C 304 -2.22 -9.20 9.10
C GLU C 304 -2.43 -9.93 7.77
N GLU C 305 -3.60 -10.50 7.53
CA GLU C 305 -3.84 -11.29 6.33
C GLU C 305 -4.32 -10.46 5.17
N SER C 306 -4.51 -9.17 5.36
CA SER C 306 -4.96 -8.29 4.29
C SER C 306 -3.84 -8.04 3.30
N GLU C 307 -4.23 -7.76 2.05
CA GLU C 307 -3.30 -7.31 1.03
C GLU C 307 -2.92 -5.85 1.23
N GLU C 308 -3.77 -5.11 1.92
CA GLU C 308 -3.58 -3.70 2.18
C GLU C 308 -2.33 -3.42 3.01
N GLY C 309 -1.71 -2.28 2.75
CA GLY C 309 -0.57 -1.86 3.56
C GLY C 309 -0.93 -1.79 5.03
N LYS C 310 0.08 -2.13 5.88
CA LYS C 310 -0.14 -2.22 7.34
C LYS C 310 0.22 -0.94 8.12
N ASN C 311 0.77 0.07 7.48
CA ASN C 311 1.13 1.30 8.16
C ASN C 311 0.74 2.51 7.34
N LEU C 312 -0.44 2.49 6.74
CA LEU C 312 -0.93 3.60 5.93
C LEU C 312 -1.77 4.61 6.71
N ASN C 313 -2.03 4.35 8.00
CA ASN C 313 -2.98 5.13 8.77
C ASN C 313 -2.33 5.77 9.99
N GLU C 314 -1.03 6.02 9.92
CA GLU C 314 -0.33 6.57 11.07
C GLU C 314 -0.72 8.01 11.36
N GLU C 315 -0.99 8.81 10.34
CA GLU C 315 -1.40 10.19 10.57
C GLU C 315 -2.76 10.26 11.26
N PRO C 316 -3.79 9.53 10.82
CA PRO C 316 -5.06 9.54 11.59
C PRO C 316 -4.88 9.07 13.02
N ILE C 318 -2.09 9.45 14.86
CA ILE C 318 -1.49 10.60 15.55
C ILE C 318 -2.58 11.57 15.98
N ARG C 319 -3.51 11.84 15.07
CA ARG C 319 -4.58 12.77 15.38
C ARG C 319 -5.44 12.27 16.55
N THR C 320 -5.76 10.97 16.58
CA THR C 320 -6.53 10.45 17.70
C THR C 320 -5.73 10.47 18.98
N LEU C 321 -4.41 10.28 18.90
CA LEU C 321 -3.56 10.33 20.08
C LEU C 321 -3.56 11.72 20.70
N ILE C 322 -3.25 12.73 19.89
CA ILE C 322 -3.31 14.12 20.34
C ILE C 322 -4.68 14.40 20.96
N GLU C 323 -5.76 14.09 20.25
CA GLU C 323 -7.10 14.40 20.74
C GLU C 323 -7.43 13.62 22.03
N ARG C 324 -6.95 12.40 22.12
CA ARG C 324 -7.24 11.57 23.28
C ARG C 324 -6.65 12.12 24.55
N TYR C 325 -5.49 12.78 24.47
CA TYR C 325 -4.88 13.42 25.62
C TYR C 325 -5.27 14.89 25.74
N ARG C 326 -6.36 15.29 25.08
N ARG C 326 -6.34 15.29 25.06
CA ARG C 326 -6.92 16.63 25.19
CA ARG C 326 -6.91 16.62 25.21
C ARG C 326 -5.90 17.70 24.81
C ARG C 326 -5.92 17.71 24.81
N LYS C 327 -5.06 17.41 23.85
CA LYS C 327 -4.13 18.39 23.30
C LYS C 327 -4.68 18.90 21.98
N HIS C 328 -4.16 20.06 21.57
CA HIS C 328 -4.62 20.74 20.36
C HIS C 328 -3.44 21.02 19.42
N TYR C 329 -2.34 20.31 19.60
CA TYR C 329 -1.12 20.61 18.86
C TYR C 329 -1.39 20.58 17.36
N SER C 330 -0.82 21.57 16.65
CA SER C 330 -0.74 21.48 15.18
C SER C 330 0.38 20.52 14.78
N PHE C 331 0.17 19.74 13.72
CA PHE C 331 1.16 18.73 13.39
C PHE C 331 1.10 18.37 11.91
N SER C 332 2.23 17.86 11.44
CA SER C 332 2.41 17.39 10.08
C SER C 332 2.95 15.97 10.13
N TYR C 333 2.76 15.22 9.05
CA TYR C 333 3.26 13.85 8.97
C TYR C 333 3.76 13.63 7.56
N ASN C 334 5.02 13.18 7.45
CA ASN C 334 5.61 12.88 6.16
C ASN C 334 6.42 11.59 6.20
N LYS C 335 6.27 10.76 5.17
CA LYS C 335 6.83 9.42 5.06
C LYS C 335 7.76 9.41 3.87
N VAL C 336 8.99 8.96 4.04
CA VAL C 336 9.99 9.01 2.99
C VAL C 336 10.55 7.61 2.72
N TYR C 337 10.24 7.08 1.52
N TYR C 337 10.46 7.15 1.48
CA TYR C 337 10.94 5.93 0.96
CA TYR C 337 11.09 5.89 1.09
C TYR C 337 11.89 6.39 -0.14
C TYR C 337 12.43 6.06 0.39
N GLU C 338 11.33 6.87 -1.25
N GLU C 338 12.64 7.15 -0.34
CA GLU C 338 12.10 7.16 -2.45
CA GLU C 338 13.88 7.35 -1.09
C GLU C 338 13.02 8.35 -2.24
C GLU C 338 14.33 8.79 -0.97
N THR C 339 14.20 8.27 -2.82
N THR C 339 15.57 9.03 -1.35
CA THR C 339 15.16 9.37 -2.74
CA THR C 339 16.17 10.35 -1.21
C THR C 339 14.52 10.69 -3.16
C THR C 339 15.48 11.40 -2.09
N LYS C 340 13.69 10.66 -4.20
N LYS C 340 14.79 11.01 -3.17
CA LYS C 340 13.15 11.91 -4.72
CA LYS C 340 14.21 12.03 -4.02
C LYS C 340 12.27 12.62 -3.70
C LYS C 340 12.94 12.65 -3.41
N PHE C 341 11.55 11.88 -2.86
N PHE C 341 12.04 11.85 -2.82
CA PHE C 341 10.69 12.58 -1.91
CA PHE C 341 10.95 12.42 -2.05
C PHE C 341 11.49 13.25 -0.78
C PHE C 341 11.46 13.09 -0.78
N GLY C 342 12.64 12.67 -0.35
CA GLY C 342 13.38 13.37 0.68
C GLY C 342 13.86 14.73 0.20
N GLU C 343 14.35 14.81 -1.04
CA GLU C 343 14.77 16.09 -1.62
C GLU C 343 13.60 17.05 -1.70
N ARG C 344 12.45 16.57 -2.22
CA ARG C 344 11.20 17.32 -2.20
C ARG C 344 10.90 17.85 -0.80
N LEU C 345 10.79 16.94 0.17
CA LEU C 345 10.54 17.31 1.55
C LEU C 345 11.56 18.33 2.05
N LEU C 346 12.85 18.08 1.79
CA LEU C 346 13.87 19.02 2.19
C LEU C 346 13.63 20.39 1.57
N GLY C 347 13.24 20.42 0.29
CA GLY C 347 12.90 21.68 -0.35
C GLY C 347 11.76 22.41 0.34
N GLN C 348 10.83 21.67 0.95
CA GLN C 348 9.66 22.25 1.59
C GLN C 348 9.75 22.29 3.10
N ILE C 349 10.91 21.95 3.67
CA ILE C 349 11.01 21.77 5.12
C ILE C 349 10.68 23.04 5.88
N ARG C 350 11.03 24.21 5.33
CA ARG C 350 10.79 25.47 6.01
C ARG C 350 9.29 25.75 6.15
N SER C 351 8.49 25.31 5.18
CA SER C 351 7.06 25.58 5.27
C SER C 351 6.38 24.84 6.40
N LEU C 352 7.06 23.91 7.07
CA LEU C 352 6.53 23.21 8.22
C LEU C 352 6.70 23.99 9.52
N SER C 353 7.36 25.15 9.47
CA SER C 353 7.63 25.92 10.68
C SER C 353 6.35 26.36 11.38
N GLN C 354 5.19 26.25 10.71
CA GLN C 354 3.92 26.64 11.30
C GLN C 354 3.36 25.58 12.25
N ASN C 355 3.99 24.41 12.34
CA ASN C 355 3.50 23.31 13.14
C ASN C 355 4.32 23.17 14.41
N GLN C 356 3.64 22.91 15.51
CA GLN C 356 4.32 22.58 16.76
C GLN C 356 5.07 21.25 16.66
N LEU C 357 4.51 20.28 15.92
CA LEU C 357 5.02 18.92 15.89
C LEU C 357 5.11 18.50 14.43
N ASN C 358 6.29 18.10 13.99
CA ASN C 358 6.45 17.67 12.60
C ASN C 358 7.04 16.26 12.63
N VAL C 359 6.26 15.28 12.21
CA VAL C 359 6.63 13.87 12.22
C VAL C 359 7.22 13.51 10.86
N ILE C 360 8.40 12.91 10.87
CA ILE C 360 9.02 12.41 9.66
C ILE C 360 9.40 10.96 9.88
N VAL C 361 8.92 10.08 9.01
CA VAL C 361 9.28 8.67 9.02
C VAL C 361 10.23 8.46 7.86
N LEU C 362 11.40 7.86 8.12
CA LEU C 362 12.37 7.53 7.09
C LEU C 362 12.46 6.01 7.01
N ASN C 363 12.16 5.45 5.82
CA ASN C 363 12.10 4.00 5.65
C ASN C 363 13.33 3.39 4.99
N PHE C 364 14.28 4.20 4.54
CA PHE C 364 15.35 3.59 3.75
C PHE C 364 16.22 2.59 4.53
N VAL C 365 16.49 2.81 5.81
CA VAL C 365 17.37 1.86 6.48
C VAL C 365 16.69 0.49 6.59
N ASP C 366 15.38 0.47 6.83
CA ASP C 366 14.64 -0.79 6.87
C ASP C 366 14.72 -1.49 5.50
N SER C 369 18.27 -2.81 5.16
CA SER C 369 18.50 -3.95 6.04
C SER C 369 17.89 -5.22 5.45
N HIS C 370 16.68 -5.11 4.90
CA HIS C 370 16.05 -6.27 4.26
C HIS C 370 16.82 -6.70 3.03
N ALA C 371 17.35 -5.72 2.28
CA ALA C 371 18.18 -5.98 1.08
C ALA C 371 19.45 -6.80 1.38
N ARG C 372 19.92 -6.83 2.64
CA ARG C 372 21.00 -7.73 3.00
C ARG C 372 20.65 -9.21 2.77
N THR C 373 19.38 -9.54 2.58
CA THR C 373 18.95 -10.87 2.15
C THR C 373 19.08 -11.13 0.64
N ASP C 374 18.42 -10.31 -0.20
CA ASP C 374 18.26 -10.65 -1.61
C ASP C 374 19.10 -9.82 -2.58
N SER C 375 19.87 -8.85 -2.08
CA SER C 375 20.66 -7.95 -2.91
C SER C 375 22.12 -8.30 -2.80
N LYS C 376 22.70 -8.77 -3.90
CA LYS C 376 24.13 -9.10 -3.90
C LYS C 376 24.99 -7.90 -3.49
N ILE C 378 24.19 -5.40 -1.47
CA ILE C 378 24.18 -5.18 -0.02
C ILE C 378 24.87 -6.33 0.74
N ARG C 379 24.85 -7.54 0.19
N ARG C 379 24.84 -7.54 0.19
CA ARG C 379 25.61 -8.60 0.84
CA ARG C 379 25.61 -8.61 0.84
C ARG C 379 27.11 -8.30 0.84
C ARG C 379 27.11 -8.30 0.85
N GLU C 380 27.58 -7.53 -0.15
CA GLU C 380 28.99 -7.15 -0.19
C GLU C 380 29.27 -5.94 0.69
N LEU C 381 28.37 -4.95 0.68
CA LEU C 381 28.60 -3.71 1.39
C LEU C 381 28.24 -3.77 2.86
N ALA C 382 27.47 -4.76 3.27
CA ALA C 382 27.11 -4.96 4.67
C ALA C 382 27.34 -6.40 5.08
N SER C 383 28.49 -6.93 4.68
CA SER C 383 28.77 -8.35 4.92
C SER C 383 28.69 -8.66 6.41
N ASN C 384 29.27 -7.82 7.24
CA ASN C 384 29.20 -7.98 8.70
C ASN C 384 28.68 -6.69 9.35
N GLU C 385 28.65 -6.68 10.68
CA GLU C 385 27.98 -5.61 11.42
C GLU C 385 28.80 -4.31 11.36
N ALA C 386 30.12 -4.39 11.41
CA ALA C 386 30.93 -3.18 11.21
C ALA C 386 30.70 -2.59 9.80
N ALA C 387 30.52 -3.44 8.82
CA ALA C 387 30.24 -2.95 7.48
C ALA C 387 28.86 -2.32 7.41
N TYR C 388 27.90 -2.93 8.11
CA TYR C 388 26.55 -2.38 8.18
C TYR C 388 26.55 -1.01 8.83
N ARG C 389 27.24 -0.87 9.96
CA ARG C 389 27.41 0.45 10.57
C ARG C 389 28.10 1.44 9.61
N SER C 390 29.19 1.00 8.96
CA SER C 390 29.87 1.86 7.98
C SER C 390 28.92 2.31 6.86
N LEU C 391 28.13 1.35 6.35
CA LEU C 391 27.18 1.67 5.29
C LEU C 391 26.09 2.64 5.77
N THR C 392 25.68 2.50 7.04
CA THR C 392 24.68 3.39 7.64
C THR C 392 25.19 4.81 7.71
N LYS C 393 26.45 4.98 8.12
CA LYS C 393 27.05 6.32 8.16
C LYS C 393 27.13 6.93 6.76
N SER C 394 27.45 6.10 5.76
CA SER C 394 27.54 6.59 4.39
C SER C 394 26.18 7.04 3.88
N TRP C 395 25.15 6.21 4.12
CA TRP C 395 23.80 6.58 3.79
C TRP C 395 23.40 7.91 4.43
N PHE C 396 23.62 8.03 5.74
CA PHE C 396 23.20 9.22 6.47
C PHE C 396 23.84 10.45 5.86
N LYS C 397 25.17 10.38 5.62
CA LYS C 397 25.92 11.53 5.13
C LYS C 397 25.50 11.94 3.73
N HIS C 398 25.30 10.98 2.85
CA HIS C 398 25.24 11.29 1.43
C HIS C 398 23.83 11.27 0.88
N SER C 399 22.88 10.76 1.63
CA SER C 399 21.47 10.90 1.28
C SER C 399 21.01 12.30 1.68
N THR C 400 19.72 12.56 1.56
CA THR C 400 19.20 13.85 2.01
C THR C 400 19.06 13.92 3.53
N THR C 401 19.34 12.82 4.24
CA THR C 401 19.11 12.78 5.69
C THR C 401 20.01 13.77 6.42
N TYR C 402 21.28 13.87 6.04
CA TYR C 402 22.18 14.82 6.68
C TYR C 402 21.65 16.25 6.60
N ASN C 403 21.32 16.70 5.39
CA ASN C 403 20.86 18.08 5.24
C ASN C 403 19.49 18.30 5.86
N LEU C 404 18.68 17.26 5.94
CA LEU C 404 17.42 17.38 6.67
C LEU C 404 17.66 17.72 8.13
N PHE C 405 18.48 16.93 8.81
CA PHE C 405 18.81 17.23 10.21
C PHE C 405 19.52 18.56 10.36
N ARG C 406 20.29 18.96 9.35
CA ARG C 406 20.99 20.23 9.44
C ARG C 406 20.02 21.38 9.28
N SER C 407 19.01 21.22 8.42
CA SER C 407 18.02 22.27 8.21
C SER C 407 17.08 22.38 9.41
N ILE C 408 16.71 21.25 10.02
CA ILE C 408 15.86 21.29 11.20
C ILE C 408 16.56 22.04 12.33
N ALA C 409 17.89 21.89 12.43
CA ALA C 409 18.63 22.58 13.48
C ALA C 409 18.61 24.07 13.26
N GLU C 410 18.68 24.49 12.00
CA GLU C 410 18.61 25.90 11.66
C GLU C 410 17.24 26.50 11.94
N GLY C 412 15.57 25.85 14.51
CA GLY C 412 15.41 25.92 15.95
C GLY C 412 14.38 25.00 16.55
N TYR C 413 14.11 23.87 15.92
CA TYR C 413 13.25 22.87 16.52
C TYR C 413 14.08 21.90 17.36
N LYS C 414 13.48 21.44 18.45
CA LYS C 414 14.00 20.27 19.13
C LYS C 414 13.63 19.00 18.33
N VAL C 415 14.51 18.02 18.40
CA VAL C 415 14.34 16.80 17.61
C VAL C 415 14.32 15.62 18.56
N VAL C 416 13.30 14.78 18.44
CA VAL C 416 13.29 13.45 19.03
C VAL C 416 13.62 12.49 17.89
N LEU C 417 14.74 11.79 18.03
CA LEU C 417 15.19 10.85 17.03
C LEU C 417 15.04 9.44 17.60
N THR C 418 14.23 8.61 16.97
CA THR C 418 14.03 7.28 17.51
C THR C 418 13.73 6.33 16.36
N THR C 419 13.24 5.15 16.74
CA THR C 419 12.98 4.06 15.84
C THR C 419 11.86 3.22 16.44
N ASP C 420 11.28 2.32 15.61
CA ASP C 420 10.28 1.37 16.09
C ASP C 420 10.90 0.07 16.59
N HIS C 421 12.04 -0.36 16.06
CA HIS C 421 12.66 -1.65 16.38
C HIS C 421 14.03 -1.67 15.72
N GLY C 422 14.90 -2.58 16.17
CA GLY C 422 16.14 -2.87 15.50
C GLY C 422 16.07 -4.14 14.65
N THR C 423 17.24 -4.75 14.48
CA THR C 423 17.35 -5.98 13.72
C THR C 423 18.58 -6.72 14.21
N ILE C 424 18.57 -8.04 14.01
CA ILE C 424 19.69 -8.87 14.47
C ILE C 424 20.20 -9.76 13.36
N GLN C 425 21.52 -9.96 13.32
CA GLN C 425 22.12 -10.89 12.37
C GLN C 425 21.84 -12.32 12.83
N VAL C 426 21.01 -13.07 12.03
CA VAL C 426 20.59 -14.38 12.47
C VAL C 426 21.63 -15.42 12.11
N LYS C 427 21.71 -16.46 12.92
CA LYS C 427 22.76 -17.46 12.78
C LYS C 427 22.24 -18.90 12.68
N ASN C 428 21.35 -19.31 13.55
CA ASN C 428 21.00 -20.73 13.54
C ASN C 428 19.50 -20.95 13.41
N PRO C 429 19.12 -22.05 12.75
CA PRO C 429 17.70 -22.26 12.46
C PRO C 429 16.94 -22.93 13.59
N VAL C 430 15.67 -22.57 13.68
CA VAL C 430 14.66 -23.22 14.52
C VAL C 430 13.55 -23.68 13.59
N LYS C 431 13.26 -24.99 13.59
CA LYS C 431 12.32 -25.51 12.60
C LYS C 431 10.87 -25.19 13.02
N VAL C 432 9.97 -25.14 12.04
CA VAL C 432 8.56 -24.86 12.27
C VAL C 432 7.77 -25.22 11.02
N ILE C 433 6.48 -25.60 11.18
CA ILE C 433 5.58 -25.91 10.08
C ILE C 433 4.18 -25.35 10.39
N GLY C 434 3.46 -24.98 9.33
CA GLY C 434 2.00 -24.82 9.39
C GLY C 434 1.43 -23.42 9.65
N ASP C 435 2.21 -22.34 9.49
CA ASP C 435 1.72 -21.02 9.86
C ASP C 435 0.98 -20.34 8.70
N ARG C 436 0.39 -19.18 8.97
N ARG C 436 0.29 -19.25 9.07
CA ARG C 436 -0.52 -18.61 7.97
CA ARG C 436 -0.57 -18.46 8.20
C ARG C 436 0.05 -17.49 7.11
C ARG C 436 -0.01 -17.09 7.87
N SER C 437 0.04 -16.26 7.61
N SER C 437 0.97 -16.62 8.63
CA SER C 437 0.41 -15.08 6.82
CA SER C 437 1.55 -15.31 8.40
C SER C 437 1.71 -14.44 7.32
C SER C 437 2.01 -15.18 6.94
N THR C 438 2.65 -15.26 7.78
N THR C 438 1.38 -14.25 6.22
CA THR C 438 3.93 -14.78 8.28
CA THR C 438 1.69 -13.93 4.84
C THR C 438 5.07 -15.59 7.66
C THR C 438 2.81 -12.91 4.72
N ASN C 439 4.80 -16.24 6.52
N ASN C 439 3.33 -12.42 5.86
CA ASN C 439 5.84 -17.01 5.83
CA ASN C 439 4.49 -11.53 5.91
C ASN C 439 7.04 -16.15 5.46
C ASN C 439 5.81 -12.28 5.81
N THR C 440 6.85 -14.82 5.34
N THR C 440 5.78 -13.61 5.94
CA THR C 440 7.93 -13.89 5.01
CA THR C 440 6.97 -14.47 5.87
C THR C 440 8.81 -13.56 6.22
C THR C 440 8.13 -13.99 6.76
N ASN C 441 8.22 -13.48 7.44
N ASN C 441 7.81 -13.52 7.95
CA ASN C 441 8.98 -13.08 8.62
CA ASN C 441 8.83 -13.09 8.90
C ASN C 441 9.66 -14.29 9.26
C ASN C 441 9.62 -14.29 9.45
N LEU C 442 10.91 -14.11 9.63
CA LEU C 442 11.76 -15.19 10.11
C LEU C 442 11.95 -15.21 11.63
N ARG C 443 11.36 -14.27 12.36
CA ARG C 443 11.58 -14.13 13.79
C ARG C 443 10.30 -14.32 14.60
N TYR C 444 9.15 -14.22 13.96
CA TYR C 444 7.92 -14.53 14.67
C TYR C 444 6.97 -15.15 13.67
N LYS C 445 6.07 -15.99 14.19
CA LYS C 445 5.03 -16.59 13.40
C LYS C 445 3.70 -16.46 14.14
N ILE C 446 2.63 -16.37 13.35
CA ILE C 446 1.24 -16.46 13.80
C ILE C 446 0.60 -17.68 13.15
N GLY C 447 -0.12 -18.48 13.94
CA GLY C 447 -0.84 -19.60 13.35
C GLY C 447 -1.80 -20.22 14.33
N LYS C 448 -2.34 -21.38 13.97
CA LYS C 448 -3.15 -22.12 14.91
C LYS C 448 -2.41 -23.52 15.25
N ASN C 449 -2.32 -24.39 14.28
CA ASN C 449 -1.68 -25.68 14.59
C ASN C 449 -0.25 -25.67 14.09
N LEU C 450 0.52 -24.77 14.68
CA LEU C 450 1.95 -24.71 14.43
C LEU C 450 2.62 -25.89 15.12
N ASP C 451 3.54 -26.55 14.42
CA ASP C 451 4.37 -27.59 15.01
C ASP C 451 5.79 -27.05 15.21
N TYR C 452 6.24 -27.03 16.46
CA TYR C 452 7.54 -26.48 16.81
C TYR C 452 7.93 -27.03 18.17
N ASN C 453 9.13 -26.68 18.63
CA ASN C 453 9.54 -27.03 19.99
C ASN C 453 9.30 -25.85 20.91
N PRO C 454 8.54 -26.02 22.00
CA PRO C 454 8.24 -24.87 22.87
C PRO C 454 9.43 -24.35 23.67
N LYS C 455 10.47 -25.15 23.89
CA LYS C 455 11.63 -24.65 24.62
C LYS C 455 12.52 -23.75 23.77
N GLU C 456 12.31 -23.73 22.45
CA GLU C 456 13.09 -22.91 21.54
C GLU C 456 12.43 -21.58 21.20
N VAL C 457 11.22 -21.31 21.70
CA VAL C 457 10.50 -20.09 21.36
C VAL C 457 9.86 -19.49 22.62
N PHE C 458 9.41 -18.24 22.48
CA PHE C 458 8.52 -17.58 23.43
C PHE C 458 7.11 -17.74 22.89
N GLU C 459 6.30 -18.56 23.58
CA GLU C 459 4.95 -18.89 23.16
C GLU C 459 3.97 -17.88 23.74
N ILE C 460 3.19 -17.26 22.85
CA ILE C 460 2.04 -16.48 23.31
C ILE C 460 0.82 -17.25 22.85
N LYS C 461 0.33 -18.17 23.70
CA LYS C 461 -0.89 -18.92 23.41
C LYS C 461 -2.13 -18.09 23.65
N ASP C 462 -1.99 -16.94 24.30
CA ASP C 462 -3.11 -16.04 24.60
C ASP C 462 -2.78 -14.65 24.09
N PRO C 463 -2.79 -14.45 22.78
CA PRO C 463 -2.37 -13.14 22.25
C PRO C 463 -3.05 -11.94 22.89
N ALA C 464 -4.32 -12.09 23.25
CA ALA C 464 -5.08 -10.99 23.83
C ALA C 464 -4.45 -10.51 25.14
N SER C 465 -3.75 -11.39 25.85
CA SER C 465 -3.11 -10.98 27.10
C SER C 465 -1.93 -10.04 26.91
N VAL C 466 -1.29 -10.06 25.73
CA VAL C 466 -0.15 -9.21 25.44
C VAL C 466 -0.53 -8.17 24.39
N GLY C 467 -1.79 -7.77 24.40
CA GLY C 467 -2.25 -6.71 23.54
C GLY C 467 -2.09 -6.94 22.05
N LEU C 468 -2.29 -8.17 21.59
CA LEU C 468 -2.16 -8.49 20.17
C LEU C 468 -3.45 -9.04 19.58
N PRO C 469 -3.92 -8.46 18.46
CA PRO C 469 -5.06 -9.05 17.76
C PRO C 469 -4.65 -10.09 16.72
N HIS C 470 -5.62 -10.74 16.06
CA HIS C 470 -5.32 -11.78 15.09
C HIS C 470 -6.61 -12.20 14.41
N ASN C 471 -6.44 -12.99 13.33
CA ASN C 471 -7.55 -13.64 12.64
C ASN C 471 -8.18 -14.72 13.52
N ASN C 472 -9.35 -15.22 13.09
CA ASN C 472 -9.92 -16.43 13.68
C ASN C 472 -9.24 -17.69 13.17
N LEU C 473 -8.54 -17.61 12.04
CA LEU C 473 -7.74 -18.73 11.54
C LEU C 473 -6.41 -18.88 12.27
N SER C 474 -6.07 -17.98 13.19
CA SER C 474 -4.85 -18.09 14.00
C SER C 474 -5.18 -17.84 15.46
N ASP C 475 -4.52 -18.56 16.36
CA ASP C 475 -4.77 -18.38 17.79
C ASP C 475 -3.50 -18.22 18.63
N LYS C 476 -2.32 -18.16 18.03
CA LYS C 476 -1.11 -18.02 18.83
C LYS C 476 0.00 -17.36 18.02
N PHE C 477 0.94 -16.75 18.76
CA PHE C 477 2.18 -16.16 18.28
C PHE C 477 3.34 -16.91 18.91
N ILE C 478 4.40 -17.13 18.15
CA ILE C 478 5.64 -17.65 18.68
C ILE C 478 6.78 -16.76 18.22
N PHE C 479 7.74 -16.54 19.09
CA PHE C 479 8.85 -15.62 18.80
C PHE C 479 10.18 -16.32 19.00
N THR C 480 11.14 -16.07 18.11
CA THR C 480 12.52 -16.49 18.31
C THR C 480 13.22 -15.58 19.31
N LYS C 481 14.30 -16.10 19.86
CA LYS C 481 15.15 -15.42 20.82
C LYS C 481 16.58 -15.45 20.28
N GLU C 482 17.43 -14.58 20.83
CA GLU C 482 18.87 -14.60 20.54
C GLU C 482 18.99 -14.39 19.04
N ASP C 483 19.81 -15.14 18.32
CA ASP C 483 20.03 -14.93 16.89
C ASP C 483 19.49 -16.09 16.07
N ASP C 484 18.45 -16.75 16.59
CA ASP C 484 17.77 -17.80 15.86
C ASP C 484 16.91 -17.24 14.71
N PHE C 485 16.58 -18.12 13.78
CA PHE C 485 15.60 -17.78 12.76
C PHE C 485 14.77 -19.02 12.43
N PHE C 486 13.52 -18.79 12.06
CA PHE C 486 12.62 -19.87 11.70
C PHE C 486 12.91 -20.40 10.30
N ALA C 487 12.91 -21.72 10.16
CA ALA C 487 13.18 -22.39 8.90
C ALA C 487 12.16 -23.49 8.68
N TYR C 488 11.60 -23.58 7.40
CA TYR C 488 10.64 -24.61 7.06
C TYR C 488 11.33 -25.85 6.53
N PRO C 489 10.69 -27.00 6.70
CA PRO C 489 11.32 -28.27 6.30
C PRO C 489 11.45 -28.51 4.81
N ASN C 490 10.55 -27.97 3.98
CA ASN C 490 10.43 -28.50 2.62
C ASN C 490 11.67 -28.19 1.78
N ASN C 491 12.29 -27.03 1.95
CA ASN C 491 13.53 -26.67 1.26
C ASN C 491 14.58 -26.24 2.29
N TYR C 492 14.72 -27.03 3.36
CA TYR C 492 15.39 -26.61 4.59
C TYR C 492 16.85 -26.28 4.35
N ASN C 493 17.56 -27.13 3.62
CA ASN C 493 18.99 -26.87 3.41
C ASN C 493 19.23 -25.57 2.62
N TYR C 494 18.51 -25.37 1.52
CA TYR C 494 18.63 -24.09 0.81
C TYR C 494 18.26 -22.93 1.72
N TYR C 495 17.14 -23.07 2.42
CA TYR C 495 16.60 -21.99 3.25
C TYR C 495 17.60 -21.54 4.32
N VAL C 496 18.30 -22.49 4.95
CA VAL C 496 19.22 -22.15 6.02
C VAL C 496 20.43 -21.40 5.48
N GLN C 497 21.03 -21.94 4.43
CA GLN C 497 22.17 -21.29 3.79
C GLN C 497 21.82 -19.90 3.29
N TYR C 498 20.60 -19.72 2.73
CA TYR C 498 20.19 -18.44 2.17
C TYR C 498 20.00 -17.38 3.25
N TYR C 499 19.48 -17.76 4.41
CA TYR C 499 19.08 -16.79 5.41
C TYR C 499 20.06 -16.64 6.57
N ARG C 500 20.97 -17.58 6.73
CA ARG C 500 22.04 -17.42 7.69
C ARG C 500 22.86 -16.16 7.41
N ASN C 501 23.09 -15.38 8.46
CA ASN C 501 23.88 -14.14 8.45
C ASN C 501 23.20 -12.93 7.81
N THR C 502 21.91 -13.03 7.49
CA THR C 502 21.11 -11.90 7.11
C THR C 502 20.57 -11.21 8.37
N PHE C 503 19.97 -10.05 8.18
CA PHE C 503 19.43 -9.23 9.26
C PHE C 503 17.92 -9.44 9.25
N GLN C 504 17.38 -9.72 10.42
CA GLN C 504 15.99 -10.06 10.55
C GLN C 504 15.49 -9.43 11.84
N HIS C 505 14.23 -8.97 11.82
CA HIS C 505 13.60 -8.44 13.03
C HIS C 505 12.26 -9.13 13.24
N GLY C 506 11.72 -8.96 14.44
CA GLY C 506 10.43 -9.55 14.73
C GLY C 506 10.41 -10.24 16.07
N GLY C 507 11.60 -10.57 16.59
CA GLY C 507 11.67 -11.39 17.79
C GLY C 507 12.30 -10.69 18.98
N ILE C 508 13.02 -11.44 19.82
CA ILE C 508 13.49 -10.94 21.11
C ILE C 508 15.01 -10.90 21.08
N SER C 509 15.57 -9.70 21.21
CA SER C 509 17.00 -9.54 21.36
C SER C 509 17.25 -8.13 21.86
N LEU C 510 18.46 -7.90 22.36
CA LEU C 510 18.86 -6.54 22.65
C LEU C 510 18.76 -5.68 21.39
N GLU C 511 19.36 -6.16 20.30
CA GLU C 511 19.41 -5.37 19.07
C GLU C 511 18.02 -4.97 18.61
N GLU C 512 17.08 -5.91 18.66
CA GLU C 512 15.73 -5.65 18.16
C GLU C 512 14.90 -4.81 19.10
N LEU C 514 15.70 -3.14 22.41
CA LEU C 514 16.18 -2.03 23.22
C LEU C 514 16.75 -0.96 22.28
N VAL C 515 15.95 0.08 22.03
CA VAL C 515 16.20 0.94 20.89
C VAL C 515 16.38 2.39 21.31
N PRO C 516 17.21 3.14 20.60
CA PRO C 516 17.48 4.52 21.01
C PRO C 516 16.25 5.41 20.88
N VAL C 517 16.17 6.38 21.79
CA VAL C 517 15.32 7.56 21.66
C VAL C 517 16.16 8.75 22.17
N ILE C 518 16.49 9.65 21.26
CA ILE C 518 17.42 10.75 21.55
C ILE C 518 16.66 12.07 21.48
N THR C 519 16.78 12.88 22.50
CA THR C 519 16.21 14.23 22.47
C THR C 519 17.36 15.22 22.23
N GLN C 521 18.85 19.07 21.10
CA GLN C 521 18.71 20.51 21.10
C GLN C 521 19.70 21.11 20.12
N PRO C 522 19.26 21.97 19.20
CA PRO C 522 20.21 22.60 18.27
C PRO C 522 21.14 23.54 19.00
N LYS C 523 22.39 23.62 18.50
CA LYS C 523 23.44 24.47 19.03
C LYS C 523 23.35 25.89 18.49
N ARG D 11 27.55 32.86 19.09
CA ARG D 11 27.68 31.96 20.25
C ARG D 11 29.14 31.91 20.71
N PRO D 12 29.38 32.04 22.01
CA PRO D 12 30.74 31.84 22.54
C PRO D 12 31.04 30.36 22.74
N TYR D 13 32.27 29.96 22.44
CA TYR D 13 32.71 28.61 22.75
C TYR D 13 33.04 28.49 24.25
N THR D 14 32.63 27.37 24.82
CA THR D 14 32.76 27.14 26.25
C THR D 14 33.90 26.15 26.49
N VAL D 15 34.76 26.50 27.45
CA VAL D 15 35.92 25.73 27.85
C VAL D 15 35.79 25.30 29.30
N LEU D 16 35.96 24.02 29.57
CA LEU D 16 36.02 23.51 30.94
C LEU D 16 37.49 23.28 31.26
N TRP D 17 38.00 23.91 32.31
CA TRP D 17 39.42 23.77 32.66
C TRP D 17 39.59 23.25 34.09
N ALA D 18 40.05 22.01 34.21
CA ALA D 18 40.32 21.36 35.48
C ALA D 18 41.82 21.37 35.74
N ASP D 19 42.20 21.98 36.88
CA ASP D 19 43.58 22.02 37.31
C ASP D 19 43.58 22.36 38.80
N ASP D 20 44.26 21.54 39.61
CA ASP D 20 44.30 21.83 41.05
C ASP D 20 44.96 23.19 41.33
N GLU D 21 45.72 23.71 40.38
CA GLU D 21 46.40 24.98 40.53
C GLU D 21 45.80 26.04 39.62
N ILE D 22 44.49 25.97 39.38
CA ILE D 22 43.88 26.83 38.39
C ILE D 22 43.99 28.29 38.77
N ASP D 23 44.26 28.60 40.04
N ASP D 23 44.25 28.58 40.06
CA ASP D 23 44.43 30.00 40.41
CA ASP D 23 44.48 29.96 40.47
C ASP D 23 45.76 30.57 39.88
C ASP D 23 45.73 30.54 39.83
N LEU D 24 46.76 29.71 39.69
CA LEU D 24 47.98 30.15 39.00
C LEU D 24 47.81 30.32 37.49
N LEU D 25 46.66 29.93 36.93
CA LEU D 25 46.41 30.04 35.50
C LEU D 25 45.47 31.20 35.18
N LYS D 26 45.19 32.05 36.16
CA LYS D 26 44.35 33.22 35.91
C LYS D 26 44.76 34.03 34.69
N PRO D 27 46.05 34.32 34.44
CA PRO D 27 46.40 35.08 33.22
C PRO D 27 45.94 34.40 31.94
N HIS D 28 46.06 33.07 31.87
CA HIS D 28 45.60 32.31 30.71
C HIS D 28 44.09 32.42 30.56
N ILE D 29 43.36 32.26 31.68
CA ILE D 29 41.90 32.35 31.63
C ILE D 29 41.47 33.71 31.11
N LEU D 30 42.10 34.78 31.62
CA LEU D 30 41.74 36.13 31.18
C LEU D 30 42.02 36.34 29.71
N PHE D 31 43.18 35.89 29.23
CA PHE D 31 43.53 35.97 27.81
C PHE D 31 42.48 35.27 26.93
N LEU D 32 41.99 34.10 27.38
CA LEU D 32 40.97 33.38 26.61
C LEU D 32 39.61 34.06 26.70
N GLU D 33 39.25 34.56 27.87
CA GLU D 33 38.01 35.33 27.97
C GLU D 33 38.04 36.58 27.09
N GLN D 34 39.18 37.26 27.02
CA GLN D 34 39.27 38.43 26.13
C GLN D 34 39.20 38.04 24.67
N LYS D 35 39.72 36.88 24.30
CA LYS D 35 39.51 36.33 22.96
C LYS D 35 38.09 35.78 22.73
N GLY D 36 37.21 35.85 23.71
CA GLY D 36 35.82 35.53 23.51
C GLY D 36 35.37 34.18 23.96
N TYR D 37 36.22 33.40 24.62
CA TYR D 37 35.85 32.11 25.17
C TYR D 37 35.30 32.25 26.57
N GLN D 38 34.31 31.40 26.91
CA GLN D 38 33.78 31.32 28.27
C GLN D 38 34.43 30.13 28.97
N VAL D 39 35.16 30.39 30.05
CA VAL D 39 36.00 29.39 30.69
C VAL D 39 35.37 29.05 32.04
N THR D 40 35.15 27.78 32.29
CA THR D 40 34.66 27.33 33.57
C THR D 40 35.78 26.61 34.29
N PRO D 41 36.30 27.18 35.38
CA PRO D 41 37.38 26.52 36.13
C PRO D 41 36.91 25.58 37.22
N VAL D 42 37.48 24.36 37.26
CA VAL D 42 37.29 23.41 38.34
C VAL D 42 38.64 22.90 38.82
N LEU D 43 38.63 22.28 39.99
CA LEU D 43 39.84 21.97 40.72
C LEU D 43 40.24 20.50 40.70
N SER D 44 39.40 19.60 40.17
CA SER D 44 39.73 18.19 40.23
C SER D 44 39.13 17.42 39.05
N GLY D 45 39.60 16.19 38.88
CA GLY D 45 39.02 15.33 37.88
C GLY D 45 37.56 14.94 38.12
N ASN D 46 37.19 14.71 39.38
CA ASN D 46 35.80 14.37 39.65
C ASN D 46 34.88 15.54 39.35
N ASP D 47 35.28 16.75 39.76
CA ASP D 47 34.52 17.96 39.42
C ASP D 47 34.41 18.10 37.91
N ALA D 48 35.48 17.76 37.18
CA ALA D 48 35.42 17.88 35.73
C ALA D 48 34.44 16.88 35.16
N ILE D 49 34.45 15.66 35.66
CA ILE D 49 33.54 14.61 35.21
C ILE D 49 32.11 15.04 35.43
N GLU D 50 31.83 15.61 36.60
CA GLU D 50 30.47 16.01 36.90
C GLU D 50 30.06 17.21 36.07
N ALA D 51 30.98 18.14 35.81
CA ALA D 51 30.65 19.27 34.94
C ALA D 51 30.35 18.80 33.52
N VAL D 52 31.19 17.94 32.95
CA VAL D 52 30.89 17.38 31.64
C VAL D 52 29.53 16.67 31.66
N GLN D 53 29.27 15.90 32.71
CA GLN D 53 28.05 15.11 32.76
C GLN D 53 26.79 15.97 32.66
N ASN D 54 26.83 17.21 33.13
CA ASN D 54 25.62 18.00 33.30
C ASN D 54 25.61 19.23 32.42
N ASN D 55 26.60 19.41 31.53
CA ASN D 55 26.68 20.55 30.63
C ASN D 55 27.10 20.04 29.26
N ASP D 56 27.26 20.97 28.33
CA ASP D 56 27.65 20.63 26.96
C ASP D 56 28.79 21.56 26.57
N PHE D 57 29.93 21.42 27.26
CA PHE D 57 31.13 22.19 26.92
C PHE D 57 31.63 21.87 25.53
N ASP D 58 32.15 22.90 24.83
CA ASP D 58 32.74 22.68 23.52
C ASP D 58 34.11 21.99 23.61
N ILE D 59 34.86 22.23 24.68
CA ILE D 59 36.20 21.62 24.82
C ILE D 59 36.54 21.55 26.29
N VAL D 60 37.36 20.57 26.63
CA VAL D 60 37.84 20.37 27.99
C VAL D 60 39.37 20.46 28.00
N PHE D 61 39.89 21.24 28.97
CA PHE D 61 41.30 21.38 29.29
C PHE D 61 41.55 20.61 30.58
N LEU D 62 42.48 19.67 30.56
CA LEU D 62 42.70 18.78 31.69
C LEU D 62 44.16 18.76 32.16
N ASP D 63 44.37 19.01 33.46
CA ASP D 63 45.63 18.78 34.14
C ASP D 63 45.77 17.28 34.37
N GLU D 64 47.00 16.83 34.55
CA GLU D 64 47.21 15.41 34.86
C GLU D 64 47.33 15.12 36.36
N ASN D 65 48.18 15.85 37.07
CA ASN D 65 48.48 15.57 38.48
C ASN D 65 47.59 16.47 39.35
N PRO D 67 45.19 16.32 43.22
CA PRO D 67 44.59 15.61 44.37
C PRO D 67 43.22 15.06 43.98
N GLY D 68 42.98 13.80 44.31
CA GLY D 68 41.80 13.10 43.87
C GLY D 68 42.16 12.13 42.76
N ILE D 69 41.27 11.92 41.80
CA ILE D 69 41.65 11.06 40.68
C ILE D 69 42.63 11.77 39.77
N GLY D 70 43.42 10.98 39.04
CA GLY D 70 44.33 11.55 38.04
C GLY D 70 43.60 12.05 36.80
N GLY D 71 44.25 12.99 36.10
CA GLY D 71 43.64 13.55 34.90
C GLY D 71 43.47 12.48 33.82
N LEU D 72 44.32 11.46 33.86
CA LEU D 72 44.19 10.37 32.90
C LEU D 72 42.92 9.58 33.16
N ASP D 73 42.55 9.42 34.45
CA ASP D 73 41.30 8.76 34.81
C ASP D 73 40.10 9.60 34.45
N ALA D 74 40.17 10.91 34.73
CA ALA D 74 39.10 11.80 34.29
C ALA D 74 38.92 11.75 32.78
N LEU D 75 40.05 11.67 32.04
CA LEU D 75 39.98 11.65 30.58
C LEU D 75 39.18 10.45 30.09
N GLN D 76 39.46 9.28 30.65
CA GLN D 76 38.74 8.08 30.24
C GLN D 76 37.24 8.25 30.43
N LYS D 77 36.82 8.76 31.60
CA LYS D 77 35.40 8.89 31.88
C LYS D 77 34.78 9.99 31.01
N ILE D 78 35.50 11.08 30.79
CA ILE D 78 34.92 12.14 29.97
C ILE D 78 34.72 11.65 28.56
N LYS D 79 35.68 10.88 28.04
CA LYS D 79 35.53 10.32 26.71
C LYS D 79 34.37 9.32 26.64
N GLU D 80 34.10 8.61 27.72
CA GLU D 80 32.95 7.71 27.70
C GLU D 80 31.67 8.52 27.55
N LEU D 81 31.59 9.65 28.23
CA LEU D 81 30.36 10.43 28.26
C LEU D 81 30.15 11.24 26.99
N LYS D 82 31.23 11.79 26.45
CA LYS D 82 31.17 12.76 25.35
C LYS D 82 32.29 12.45 24.43
N PRO D 83 32.24 11.33 23.69
N PRO D 83 32.24 11.32 23.70
CA PRO D 83 33.32 10.97 22.77
CA PRO D 83 33.36 10.91 22.84
C PRO D 83 33.60 12.02 21.72
C PRO D 83 33.73 11.93 21.80
N TYR D 84 32.62 12.87 21.40
N TYR D 84 32.82 12.84 21.44
CA TYR D 84 32.77 13.85 20.33
CA TYR D 84 33.02 13.77 20.34
C TYR D 84 33.34 15.19 20.83
C TYR D 84 33.24 15.20 20.84
N THR D 85 33.58 15.34 22.12
CA THR D 85 34.07 16.59 22.68
C THR D 85 35.59 16.51 22.74
N PRO D 86 36.32 17.43 22.13
CA PRO D 86 37.80 17.36 22.23
C PRO D 86 38.28 17.59 23.66
N VAL D 87 39.34 16.89 24.05
CA VAL D 87 40.01 17.06 25.35
C VAL D 87 41.50 17.32 25.12
N VAL D 88 41.97 18.44 25.66
CA VAL D 88 43.38 18.83 25.58
C VAL D 88 44.01 18.70 26.97
N ILE D 90 46.86 19.61 29.60
CA ILE D 90 47.77 20.72 29.86
C ILE D 90 48.47 20.41 31.17
N THR D 91 49.75 20.04 31.09
CA THR D 91 50.38 19.38 32.22
C THR D 91 51.85 19.75 32.32
N LYS D 92 52.36 19.76 33.55
CA LYS D 92 53.79 19.89 33.72
C LYS D 92 54.49 18.57 33.51
N SER D 93 53.78 17.45 33.33
CA SER D 93 54.49 16.17 33.16
C SER D 93 55.15 16.01 31.79
N GLU D 94 56.37 15.52 31.77
CA GLU D 94 57.17 15.32 30.57
C GLU D 94 57.53 13.85 30.41
N GLU D 95 56.87 12.99 31.16
CA GLU D 95 57.19 11.57 31.15
C GLU D 95 56.55 10.92 29.94
N GLU D 96 57.35 10.13 29.22
CA GLU D 96 56.83 9.49 28.02
C GLU D 96 55.61 8.61 28.30
N HIS D 97 55.58 7.89 29.43
CA HIS D 97 54.45 6.99 29.65
C HIS D 97 53.16 7.78 29.89
N ILE D 98 53.26 8.99 30.42
CA ILE D 98 52.08 9.84 30.55
C ILE D 98 51.61 10.28 29.17
N THR D 100 52.08 8.74 26.34
CA THR D 100 51.53 7.56 25.67
C THR D 100 50.14 7.25 26.18
N GLN D 101 49.96 7.30 27.49
CA GLN D 101 48.63 7.04 28.03
C GLN D 101 47.65 8.12 27.62
N ALA D 102 48.10 9.36 27.52
CA ALA D 102 47.15 10.40 27.12
C ALA D 102 46.75 10.25 25.66
N ILE D 103 47.73 9.96 24.80
CA ILE D 103 47.44 9.66 23.40
C ILE D 103 46.49 8.48 23.31
N GLY D 104 46.78 7.43 24.06
CA GLY D 104 45.93 6.26 24.03
C GLY D 104 44.51 6.50 24.52
N GLY D 105 44.31 7.46 25.42
CA GLY D 105 43.02 7.91 25.92
C GLY D 105 42.32 8.88 25.00
N LYS D 106 42.84 9.10 23.78
CA LYS D 106 42.24 9.94 22.74
C LYS D 106 42.23 11.45 23.06
N ILE D 107 43.30 11.97 23.69
CA ILE D 107 43.37 13.43 23.80
C ILE D 107 43.51 14.00 22.37
N ALA D 108 43.02 15.22 22.15
CA ALA D 108 43.20 15.93 20.90
C ALA D 108 44.57 16.62 20.85
N ASP D 109 45.07 17.08 22.00
CA ASP D 109 46.26 17.91 22.10
C ASP D 109 46.86 17.68 23.49
N TYR D 110 48.17 17.88 23.61
CA TYR D 110 48.89 17.67 24.85
C TYR D 110 49.93 18.77 24.93
N LEU D 111 49.74 19.68 25.88
CA LEU D 111 50.59 20.86 25.97
C LEU D 111 51.35 20.84 27.28
N ILE D 112 52.68 20.99 27.19
CA ILE D 112 53.52 20.94 28.38
C ILE D 112 53.69 22.33 28.98
N LYS D 113 53.37 22.47 30.28
CA LYS D 113 53.56 23.73 30.97
C LYS D 113 55.06 24.07 31.04
N PRO D 114 55.41 25.38 31.02
CA PRO D 114 54.52 26.55 30.93
C PRO D 114 54.05 26.75 29.52
N VAL D 115 52.79 27.14 29.34
CA VAL D 115 52.18 27.19 28.01
C VAL D 115 52.09 28.64 27.56
N ASN D 116 52.52 28.90 26.33
CA ASN D 116 52.23 30.14 25.65
C ASN D 116 50.73 30.29 25.46
N PRO D 117 50.13 31.39 25.92
CA PRO D 117 48.67 31.53 25.74
C PRO D 117 48.21 31.41 24.28
N ASN D 118 49.05 31.81 23.33
CA ASN D 118 48.69 31.75 21.92
C ASN D 118 48.65 30.32 21.47
N GLN D 119 49.45 29.45 22.11
CA GLN D 119 49.38 28.02 21.87
C GLN D 119 48.03 27.49 22.31
N LEU D 120 47.45 28.06 23.38
CA LEU D 120 46.06 27.69 23.75
C LEU D 120 45.09 28.08 22.64
N LEU D 121 45.27 29.28 22.10
CA LEU D 121 44.40 29.76 21.04
C LEU D 121 44.51 28.88 19.81
N LEU D 122 45.74 28.52 19.44
CA LEU D 122 45.90 27.64 18.30
C LEU D 122 45.10 26.37 18.52
N SER D 123 45.21 25.79 19.73
N SER D 123 45.23 25.77 19.71
CA SER D 123 44.54 24.53 20.03
CA SER D 123 44.53 24.52 19.99
C SER D 123 43.03 24.69 20.00
C SER D 123 43.02 24.70 19.93
N LEU D 124 42.52 25.85 20.38
CA LEU D 124 41.08 26.07 20.33
C LEU D 124 40.57 26.22 18.89
N LYS D 125 41.32 26.94 18.04
CA LYS D 125 40.92 27.07 16.65
C LYS D 125 40.95 25.71 15.96
N LYS D 126 42.04 24.98 16.17
CA LYS D 126 42.26 23.73 15.47
C LYS D 126 41.24 22.69 15.86
N ASN D 127 40.78 22.69 17.10
CA ASN D 127 39.89 21.64 17.55
C ASN D 127 38.42 22.03 17.58
N LEU D 128 38.09 23.30 17.34
CA LEU D 128 36.68 23.67 17.29
C LEU D 128 36.23 24.28 15.97
N GLN D 129 37.15 24.68 15.09
CA GLN D 129 36.77 25.35 13.85
C GLN D 129 37.54 24.80 12.64
N GLN D 130 38.26 23.69 12.80
CA GLN D 130 39.11 23.19 11.72
C GLN D 130 38.31 22.94 10.45
N HIS D 131 37.09 22.38 10.56
CA HIS D 131 36.32 22.12 9.36
C HIS D 131 36.00 23.41 8.61
N SER D 132 35.48 24.42 9.32
CA SER D 132 35.14 25.67 8.64
C SER D 132 36.40 26.33 8.05
N ILE D 133 37.51 26.25 8.78
CA ILE D 133 38.75 26.87 8.31
C ILE D 133 39.23 26.20 7.03
N ILE D 134 39.23 24.87 7.00
CA ILE D 134 39.66 24.14 5.81
C ILE D 134 38.74 24.42 4.61
N SER D 135 37.44 24.36 4.80
CA SER D 135 36.54 24.72 3.70
C SER D 135 36.89 26.08 3.10
N GLU D 136 37.04 27.10 3.94
CA GLU D 136 37.32 28.43 3.40
C GLU D 136 38.68 28.42 2.70
N THR D 137 39.66 27.72 3.26
CA THR D 137 40.99 27.74 2.66
C THR D 137 41.00 26.97 1.34
N THR D 138 40.29 25.84 1.28
CA THR D 138 40.20 25.06 0.04
C THR D 138 39.55 25.85 -1.09
N ASN D 139 38.43 26.50 -0.80
CA ASN D 139 37.78 27.34 -1.80
C ASN D 139 38.77 28.38 -2.32
N THR D 140 39.45 29.06 -1.40
CA THR D 140 40.39 30.08 -1.81
C THR D 140 41.49 29.50 -2.68
N ASN D 141 42.12 28.41 -2.24
CA ASN D 141 43.26 27.89 -2.97
C ASN D 141 42.86 27.33 -4.33
N TYR D 142 41.66 26.76 -4.45
CA TYR D 142 41.25 26.25 -5.75
C TYR D 142 41.27 27.37 -6.81
N ARG D 143 40.59 28.48 -6.51
CA ARG D 143 40.54 29.57 -7.50
C ARG D 143 41.94 30.10 -7.84
N GLN D 144 42.84 30.20 -6.85
N GLN D 144 42.88 30.06 -6.89
CA GLN D 144 44.20 30.59 -7.19
CA GLN D 144 44.20 30.65 -7.13
C GLN D 144 44.89 29.54 -8.06
C GLN D 144 45.06 29.82 -8.07
N GLU D 145 44.33 28.33 -8.13
N GLU D 145 44.94 28.49 -8.05
CA GLU D 145 44.78 27.28 -9.02
CA GLU D 145 45.79 27.67 -8.93
C GLU D 145 43.68 26.81 -9.98
C GLU D 145 45.59 28.03 -10.39
N PHE D 146 42.50 27.45 -9.99
N PHE D 146 44.47 28.66 -10.73
CA PHE D 146 41.57 27.31 -11.11
CA PHE D 146 44.23 29.13 -12.08
C PHE D 146 42.21 27.82 -12.39
C PHE D 146 45.23 30.17 -12.53
N VAL D 147 43.05 28.86 -12.27
N VAL D 147 45.53 31.14 -11.64
CA VAL D 147 43.79 29.41 -13.41
CA VAL D 147 46.49 32.17 -12.01
C VAL D 147 44.64 28.33 -14.07
C VAL D 147 47.80 31.54 -12.46
N GLN D 148 45.56 27.76 -13.30
N GLN D 148 48.18 30.43 -11.85
CA GLN D 148 46.49 26.78 -13.86
CA GLN D 148 49.37 29.68 -12.24
C GLN D 148 45.74 25.64 -14.56
C GLN D 148 49.00 28.53 -13.18
N LEU D 149 44.75 25.06 -13.88
N LEU D 149 48.36 28.90 -14.28
CA LEU D 149 44.02 23.95 -14.47
CA LEU D 149 47.85 27.97 -15.29
C LEU D 149 43.35 24.35 -15.79
C LEU D 149 47.15 26.78 -14.63
N GLY D 150 42.97 25.63 -15.92
N GLY D 150 46.13 27.08 -13.83
CA GLY D 150 42.43 26.08 -17.20
CA GLY D 150 45.35 26.02 -13.23
C GLY D 150 43.48 26.17 -18.28
C GLY D 150 44.47 25.29 -14.23
N THR D 151 44.68 26.64 -17.94
N THR D 151 44.06 25.98 -15.29
CA THR D 151 45.76 26.71 -18.91
CA THR D 151 43.36 25.37 -16.41
C THR D 151 46.48 25.38 -19.06
C THR D 151 44.14 24.14 -16.85
N GLN D 152 46.46 24.54 -18.02
N GLN D 152 45.32 24.35 -17.44
CA GLN D 152 47.04 23.19 -18.13
CA GLN D 152 46.28 23.30 -17.75
C GLN D 152 46.30 22.36 -19.18
C GLN D 152 45.80 22.42 -18.89
N SER D 154 45.00 23.82 -21.85
CA SER D 154 45.28 24.51 -23.10
C SER D 154 46.39 23.80 -23.86
N GLY D 155 46.28 23.82 -25.17
CA GLY D 155 47.29 23.25 -26.05
C GLY D 155 46.91 21.88 -26.55
N LYS D 156 47.87 21.24 -27.20
CA LYS D 156 47.79 19.82 -27.50
C LYS D 156 48.58 19.15 -26.38
N LEU D 157 47.87 18.54 -25.46
CA LEU D 157 48.51 17.87 -24.35
C LEU D 157 49.14 16.58 -24.85
N SER D 158 50.34 16.30 -24.38
CA SER D 158 50.87 14.96 -24.45
C SER D 158 50.16 14.03 -23.46
N PHE D 159 50.45 12.73 -23.61
CA PHE D 159 49.86 11.77 -22.71
C PHE D 159 50.31 12.04 -21.28
N GLU D 160 51.60 12.36 -21.10
N GLU D 160 51.59 12.37 -21.10
CA GLU D 160 52.08 12.66 -19.76
CA GLU D 160 52.12 12.67 -19.79
C GLU D 160 51.36 13.86 -19.16
C GLU D 160 51.41 13.87 -19.17
N GLU D 161 51.08 14.87 -19.99
CA GLU D 161 50.34 16.03 -19.50
C GLU D 161 48.87 15.70 -19.20
N TRP D 162 48.28 14.76 -19.96
CA TRP D 162 46.91 14.32 -19.66
C TRP D 162 46.86 13.68 -18.28
N LYS D 163 47.82 12.79 -18.01
CA LYS D 163 47.86 12.14 -16.71
C LYS D 163 47.99 13.15 -15.58
N GLU D 164 48.86 14.16 -15.70
CA GLU D 164 49.02 15.14 -14.62
C GLU D 164 47.80 16.05 -14.50
N LEU D 165 47.16 16.39 -15.61
CA LEU D 165 45.94 17.18 -15.55
C LEU D 165 44.81 16.42 -14.87
N TYR D 166 44.63 15.13 -15.18
CA TYR D 166 43.49 14.39 -14.64
C TYR D 166 43.70 14.12 -13.17
N ARG D 167 44.93 13.77 -12.78
CA ARG D 167 45.29 13.67 -11.36
C ARG D 167 44.96 14.95 -10.60
N ARG D 168 45.32 16.12 -11.14
CA ARG D 168 45.02 17.37 -10.44
C ARG D 168 43.52 17.60 -10.32
N ILE D 169 42.76 17.31 -11.38
CA ILE D 169 41.29 17.47 -11.32
C ILE D 169 40.69 16.57 -10.24
N VAL D 170 41.10 15.29 -10.21
CA VAL D 170 40.61 14.37 -9.19
C VAL D 170 40.99 14.86 -7.80
N PHE D 171 42.22 15.37 -7.64
CA PHE D 171 42.62 15.90 -6.33
C PHE D 171 41.62 16.96 -5.89
N TRP D 172 41.35 17.93 -6.76
CA TRP D 172 40.47 19.04 -6.37
C TRP D 172 39.04 18.58 -6.16
N GLU D 173 38.60 17.59 -6.93
CA GLU D 173 37.25 17.05 -6.75
C GLU D 173 37.05 16.55 -5.33
N ILE D 174 37.98 15.71 -4.86
CA ILE D 174 37.90 15.19 -3.51
C ILE D 174 38.07 16.30 -2.49
N GLU D 175 39.10 17.16 -2.66
CA GLU D 175 39.32 18.27 -1.73
C GLU D 175 38.08 19.15 -1.61
N LEU D 176 37.40 19.41 -2.70
CA LEU D 176 36.23 20.29 -2.64
C LEU D 176 35.01 19.59 -2.07
N GLU D 177 35.09 18.28 -1.76
CA GLU D 177 33.99 17.60 -1.05
C GLU D 177 33.65 18.30 0.26
N GLN D 178 34.66 18.74 1.01
CA GLN D 178 34.49 19.42 2.28
C GLN D 178 34.62 20.93 2.12
N ALA D 179 33.93 21.48 1.12
CA ALA D 179 34.03 22.90 0.79
C ALA D 179 32.69 23.41 0.26
N ASP D 180 32.69 24.66 -0.21
CA ASP D 180 31.48 25.31 -0.69
C ASP D 180 30.94 24.58 -1.92
N ARG D 181 29.62 24.58 -2.05
CA ARG D 181 28.98 23.88 -3.16
C ARG D 181 29.31 24.54 -4.50
N GLN D 182 29.10 25.85 -4.61
CA GLN D 182 29.28 26.52 -5.90
C GLN D 182 30.68 26.36 -6.47
N GLY D 184 32.28 23.38 -6.19
CA GLY D 184 32.19 22.10 -6.87
C GLY D 184 31.65 22.19 -8.29
N GLU D 185 30.87 23.24 -8.57
CA GLU D 185 30.27 23.42 -9.89
C GLU D 185 31.27 23.95 -10.90
N LEU D 186 32.10 24.93 -10.53
CA LEU D 186 33.15 25.39 -11.43
C LEU D 186 34.14 24.27 -11.72
N LEU D 187 34.47 23.48 -10.71
CA LEU D 187 35.27 22.28 -10.95
C LEU D 187 34.58 21.34 -11.91
N GLU D 188 33.24 21.25 -11.82
CA GLU D 188 32.51 20.44 -12.77
C GLU D 188 32.58 20.98 -14.20
N GLN D 190 35.01 22.47 -15.41
CA GLN D 190 36.38 22.17 -15.81
C GLN D 190 36.59 20.72 -16.14
N LYS D 191 35.97 19.85 -15.36
CA LYS D 191 35.95 18.44 -15.67
C LYS D 191 35.25 18.17 -16.98
N GLN D 192 34.15 18.87 -17.24
CA GLN D 192 33.42 18.67 -18.49
C GLN D 192 34.29 19.00 -19.70
N GLU D 193 34.93 20.16 -19.65
CA GLU D 193 35.82 20.57 -20.73
C GLU D 193 37.01 19.62 -20.88
N ALA D 194 37.62 19.17 -19.75
CA ALA D 194 38.69 18.17 -19.86
C ALA D 194 38.19 16.90 -20.54
N ASN D 195 36.99 16.44 -20.17
CA ASN D 195 36.47 15.22 -20.80
C ASN D 195 36.15 15.43 -22.26
N ARG D 196 35.69 16.61 -22.63
CA ARG D 196 35.43 16.88 -24.03
C ARG D 196 36.74 16.88 -24.83
N LEU D 197 37.78 17.56 -24.30
CA LEU D 197 39.07 17.60 -25.01
C LEU D 197 39.69 16.23 -25.05
N PHE D 198 39.47 15.45 -23.98
CA PHE D 198 40.09 14.14 -23.91
C PHE D 198 39.46 13.18 -24.92
N ALA D 199 38.16 13.27 -25.11
CA ALA D 199 37.51 12.51 -26.17
C ALA D 199 38.10 12.85 -27.55
N ARG D 200 38.39 14.11 -27.77
CA ARG D 200 38.97 14.48 -29.07
C ARG D 200 40.38 13.88 -29.20
N PHE D 201 41.18 13.99 -28.14
CA PHE D 201 42.48 13.33 -28.08
C PHE D 201 42.40 11.83 -28.42
N VAL D 202 41.47 11.11 -27.79
CA VAL D 202 41.33 9.68 -28.03
C VAL D 202 40.88 9.40 -29.46
N THR D 203 39.83 10.10 -29.94
CA THR D 203 39.31 9.76 -31.25
C THR D 203 40.29 10.12 -32.36
N GLN D 204 41.10 11.17 -32.13
CA GLN D 204 42.12 11.55 -33.11
C GLN D 204 43.21 10.50 -33.25
N ASN D 205 43.52 9.82 -32.15
CA ASN D 205 44.77 9.04 -32.09
C ASN D 205 44.55 7.54 -31.97
N TYR D 206 43.32 7.09 -31.72
CA TYR D 206 43.09 5.70 -31.29
C TYR D 206 43.57 4.68 -32.32
N ARG D 207 43.18 4.85 -33.58
CA ARG D 207 43.63 3.93 -34.61
C ARG D 207 45.15 3.87 -34.72
N GLU D 208 45.84 5.00 -34.59
CA GLU D 208 47.30 5.03 -34.70
C GLU D 208 47.94 4.30 -33.52
N TRP D 209 47.37 4.47 -32.32
CA TRP D 209 47.87 3.74 -31.14
C TRP D 209 47.84 2.23 -31.35
N ILE D 210 46.71 1.69 -31.88
CA ILE D 210 46.60 0.25 -32.08
C ILE D 210 47.56 -0.18 -33.20
N ALA D 211 47.75 0.71 -34.18
CA ALA D 211 48.62 0.38 -35.31
C ALA D 211 50.09 0.38 -34.91
N LYS D 212 50.47 1.18 -33.89
CA LYS D 212 51.87 1.46 -33.58
C LYS D 212 52.24 1.09 -32.15
N PRO D 213 52.44 -0.19 -31.87
CA PRO D 213 52.67 -0.61 -30.47
C PRO D 213 53.99 -0.16 -29.88
N ASP D 214 54.97 0.23 -30.70
CA ASP D 214 56.25 0.64 -30.16
C ASP D 214 56.27 2.09 -29.68
N THR D 215 55.34 2.91 -30.18
CA THR D 215 55.25 4.31 -29.83
C THR D 215 53.99 4.75 -29.09
N ARG D 216 53.01 3.89 -28.90
CA ARG D 216 51.78 4.34 -28.22
C ARG D 216 51.95 4.49 -26.70
N PRO D 217 51.07 5.22 -26.04
CA PRO D 217 50.95 5.07 -24.58
C PRO D 217 50.72 3.64 -24.15
N THR D 218 51.15 3.36 -22.94
CA THR D 218 50.86 2.06 -22.35
C THR D 218 49.35 1.81 -22.33
N SER D 220 46.12 -1.58 -22.25
CA SER D 220 45.84 -2.88 -21.67
C SER D 220 46.77 -4.03 -22.10
N PRO D 221 46.94 -4.31 -23.40
CA PRO D 221 47.82 -5.43 -23.78
C PRO D 221 49.31 -5.19 -23.53
N ASP D 222 49.71 -3.98 -23.10
CA ASP D 222 51.11 -3.72 -22.78
C ASP D 222 51.38 -3.79 -21.28
N LEU D 223 50.34 -3.88 -20.46
CA LEU D 223 50.49 -3.52 -19.04
C LEU D 223 51.51 -4.43 -18.34
N PHE D 224 51.42 -5.74 -18.57
CA PHE D 224 52.32 -6.65 -17.89
C PHE D 224 53.76 -6.43 -18.32
N LYS D 225 53.95 -6.22 -19.61
CA LYS D 225 55.28 -5.99 -20.15
C LYS D 225 55.91 -4.74 -19.55
N GLN D 226 55.13 -3.67 -19.46
CA GLN D 226 55.64 -2.37 -19.02
C GLN D 226 55.76 -2.30 -17.51
N LYS D 227 54.83 -2.88 -16.75
CA LYS D 227 54.74 -2.62 -15.33
C LYS D 227 55.00 -3.82 -14.41
N VAL D 228 55.04 -5.05 -14.92
CA VAL D 228 55.22 -6.25 -14.10
C VAL D 228 56.51 -6.98 -14.43
N PHE D 229 56.73 -7.33 -15.70
CA PHE D 229 57.95 -8.06 -16.05
C PHE D 229 59.25 -7.37 -15.64
N PRO D 230 59.39 -6.04 -15.76
CA PRO D 230 60.64 -5.42 -15.29
C PRO D 230 60.93 -5.71 -13.83
N LEU D 231 59.87 -5.75 -12.99
CA LEU D 231 60.05 -6.07 -11.58
C LEU D 231 60.54 -7.51 -11.41
N LEU D 232 59.84 -8.46 -12.03
CA LEU D 232 60.24 -9.86 -11.93
C LEU D 232 61.66 -10.04 -12.46
N ASP D 233 61.98 -9.36 -13.56
CA ASP D 233 63.30 -9.51 -14.16
C ASP D 233 64.41 -8.87 -13.32
N ASN D 234 64.06 -8.04 -12.36
CA ASN D 234 65.01 -7.54 -11.37
C ASN D 234 65.03 -8.40 -10.10
N GLY D 235 64.46 -9.59 -10.14
CA GLY D 235 64.48 -10.47 -9.00
C GLY D 235 63.46 -10.16 -7.92
N GLU D 236 62.45 -9.36 -8.18
CA GLU D 236 61.53 -8.95 -7.15
C GLU D 236 60.30 -9.85 -7.17
N LYS D 237 59.70 -10.04 -5.99
CA LYS D 237 58.45 -10.78 -5.84
C LYS D 237 57.31 -9.79 -6.02
N VAL D 238 56.28 -10.17 -6.79
CA VAL D 238 55.20 -9.26 -7.14
C VAL D 238 53.83 -9.90 -6.91
N PHE D 239 52.98 -9.18 -6.24
CA PHE D 239 51.56 -9.45 -6.21
C PHE D 239 50.90 -8.47 -7.19
N PHE D 240 50.17 -8.99 -8.16
CA PHE D 240 49.46 -8.17 -9.14
C PHE D 240 48.00 -8.22 -8.77
N ILE D 241 47.48 -7.12 -8.24
CA ILE D 241 46.11 -7.11 -7.74
C ILE D 241 45.26 -6.24 -8.65
N LEU D 242 44.31 -6.83 -9.36
CA LEU D 242 43.44 -6.07 -10.25
C LEU D 242 42.07 -5.97 -9.62
N ILE D 243 41.64 -4.74 -9.33
CA ILE D 243 40.30 -4.51 -8.82
C ILE D 243 39.44 -4.09 -9.99
N ASP D 244 38.44 -4.90 -10.32
N ASP D 244 38.43 -4.90 -10.33
CA ASP D 244 37.54 -4.59 -11.42
CA ASP D 244 37.61 -4.59 -11.48
C ASP D 244 36.89 -3.23 -11.23
C ASP D 244 36.84 -3.28 -11.27
N ASN D 245 36.83 -2.44 -12.29
CA ASN D 245 36.06 -1.21 -12.28
C ASN D 245 36.45 -0.25 -11.14
N PHE D 246 37.70 0.19 -11.16
CA PHE D 246 38.27 0.94 -10.07
C PHE D 246 38.88 2.20 -10.67
N ARG D 247 38.14 3.31 -10.67
CA ARG D 247 38.65 4.49 -11.36
C ARG D 247 39.65 5.30 -10.50
N GLN D 248 40.24 6.32 -11.09
CA GLN D 248 41.31 7.05 -10.40
C GLN D 248 40.85 7.63 -9.05
N ASP D 249 39.67 8.23 -9.01
CA ASP D 249 39.23 8.84 -7.76
C ASP D 249 38.91 7.79 -6.71
N GLN D 250 38.74 6.53 -7.10
CA GLN D 250 38.57 5.47 -6.11
C GLN D 250 39.92 5.08 -5.53
N TRP D 251 40.92 4.98 -6.40
CA TRP D 251 42.30 4.91 -5.91
C TRP D 251 42.61 6.03 -4.91
N GLU D 252 42.24 7.26 -5.26
CA GLU D 252 42.60 8.39 -4.42
C GLU D 252 41.91 8.31 -3.07
N SER D 253 40.76 7.62 -3.04
CA SER D 253 39.93 7.50 -1.85
C SER D 253 40.46 6.45 -0.88
N VAL D 254 41.19 5.45 -1.36
CA VAL D 254 41.65 4.37 -0.50
C VAL D 254 43.13 4.45 -0.21
N LYS D 255 43.88 5.29 -0.90
CA LYS D 255 45.33 5.23 -0.72
C LYS D 255 45.79 5.64 0.70
N SER D 256 45.07 6.51 1.40
CA SER D 256 45.54 6.85 2.75
C SER D 256 45.53 5.62 3.66
N LEU D 258 46.08 2.60 2.60
CA LEU D 258 47.18 1.76 2.17
C LEU D 258 48.52 2.34 2.57
N SER D 259 48.61 3.66 2.70
CA SER D 259 49.87 4.29 3.10
C SER D 259 50.39 3.81 4.46
N GLU D 260 49.53 3.24 5.31
CA GLU D 260 50.03 2.70 6.58
C GLU D 260 50.96 1.51 6.37
N PHE D 261 50.84 0.82 5.23
CA PHE D 261 51.61 -0.37 4.99
C PHE D 261 52.50 -0.30 3.77
N TYR D 262 52.42 0.75 2.94
CA TYR D 262 53.11 0.80 1.67
C TYR D 262 53.54 2.22 1.34
N THR D 263 54.63 2.36 0.57
CA THR D 263 54.95 3.56 -0.19
C THR D 263 54.60 3.34 -1.66
N PHE D 264 54.24 4.43 -2.35
CA PHE D 264 53.66 4.36 -3.68
C PHE D 264 54.55 4.96 -4.76
N GLU D 265 54.56 4.33 -5.93
CA GLU D 265 54.89 4.97 -7.20
C GLU D 265 53.62 4.95 -8.04
N GLU D 266 53.02 6.10 -8.24
CA GLU D 266 51.70 6.21 -8.85
C GLU D 266 51.80 6.54 -10.33
N ASP D 267 51.05 5.83 -11.16
CA ASP D 267 51.00 6.10 -12.58
C ASP D 267 49.59 5.74 -13.08
N TYR D 269 47.51 4.34 -17.00
CA TYR D 269 47.65 3.84 -18.37
C TYR D 269 46.27 3.90 -19.00
N LEU D 270 46.18 3.54 -20.29
CA LEU D 270 44.97 3.67 -21.07
C LEU D 270 44.34 2.32 -21.32
N SER D 271 43.09 2.16 -20.92
CA SER D 271 42.37 0.97 -21.30
C SER D 271 42.10 1.01 -22.79
N ILE D 272 42.00 -0.16 -23.42
CA ILE D 272 41.48 -0.21 -24.79
C ILE D 272 39.99 0.05 -24.79
N LEU D 273 39.42 0.19 -26.00
CA LEU D 273 38.01 0.25 -26.21
C LEU D 273 37.45 -1.11 -26.70
N PRO D 274 36.27 -1.54 -26.31
CA PRO D 274 35.44 -0.90 -25.28
C PRO D 274 36.12 -0.96 -23.89
N THR D 275 35.81 0.01 -23.01
CA THR D 275 36.28 0.01 -21.63
C THR D 275 35.38 -0.92 -20.82
N ALA D 276 35.54 -2.21 -21.11
CA ALA D 276 34.67 -3.24 -20.57
C ALA D 276 35.52 -4.48 -20.32
N THR D 277 35.21 -5.18 -19.23
CA THR D 277 36.07 -6.25 -18.74
C THR D 277 36.36 -7.27 -19.83
N GLN D 278 35.35 -7.68 -20.57
CA GLN D 278 35.57 -8.73 -21.57
C GLN D 278 36.71 -8.38 -22.53
N TYR D 279 36.79 -7.13 -22.92
CA TYR D 279 37.88 -6.78 -23.84
C TYR D 279 39.13 -6.36 -23.09
N ALA D 280 39.01 -5.39 -22.14
CA ALA D 280 40.22 -4.77 -21.58
C ALA D 280 40.94 -5.72 -20.62
N ARG D 281 40.20 -6.47 -19.80
CA ARG D 281 40.88 -7.35 -18.84
C ARG D 281 41.52 -8.56 -19.51
N ASN D 282 40.88 -9.11 -20.56
CA ASN D 282 41.49 -10.18 -21.33
C ASN D 282 42.73 -9.69 -22.06
N ALA D 283 42.72 -8.46 -22.58
CA ALA D 283 43.93 -7.94 -23.19
C ALA D 283 45.07 -7.80 -22.18
N ILE D 284 44.77 -7.39 -20.95
CA ILE D 284 45.81 -7.32 -19.92
C ILE D 284 46.45 -8.68 -19.72
N PHE D 285 45.61 -9.72 -19.55
CA PHE D 285 46.10 -11.03 -19.12
C PHE D 285 46.69 -11.83 -20.27
N SER D 286 46.25 -11.56 -21.49
CA SER D 286 46.75 -12.25 -22.68
C SER D 286 47.89 -11.51 -23.36
N GLY D 287 47.97 -10.19 -23.18
CA GLY D 287 48.91 -9.40 -23.93
C GLY D 287 48.52 -9.20 -25.37
N LEU D 288 47.27 -9.40 -25.71
CA LEU D 288 46.80 -9.38 -27.08
C LEU D 288 45.57 -8.49 -27.21
N PRO D 290 41.64 -8.04 -28.43
CA PRO D 290 40.51 -9.00 -28.46
C PRO D 290 40.36 -9.80 -29.75
N LEU D 291 40.53 -9.16 -30.91
CA LEU D 291 40.45 -9.90 -32.17
C LEU D 291 41.24 -11.20 -32.07
N GLN D 292 42.54 -11.11 -31.72
CA GLN D 292 43.34 -12.33 -31.56
C GLN D 292 42.87 -13.17 -30.36
N ILE D 293 42.46 -12.53 -29.26
CA ILE D 293 42.01 -13.28 -28.08
C ILE D 293 40.92 -14.28 -28.47
N GLU D 294 39.85 -13.77 -29.10
CA GLU D 294 38.76 -14.64 -29.52
C GLU D 294 39.26 -15.84 -30.32
N LYS D 295 40.26 -15.62 -31.18
CA LYS D 295 40.72 -16.69 -32.06
C LYS D 295 41.57 -17.71 -31.31
N PHE D 297 41.76 -18.14 -27.79
CA PHE D 297 41.03 -18.70 -26.64
C PHE D 297 39.52 -18.57 -26.87
N PRO D 298 38.93 -19.45 -27.68
CA PRO D 298 37.48 -19.32 -27.92
C PRO D 298 36.65 -19.67 -26.69
N ASP D 299 37.10 -20.63 -25.88
CA ASP D 299 36.32 -21.05 -24.72
C ASP D 299 36.33 -20.00 -23.62
N LEU D 300 37.32 -19.10 -23.60
CA LEU D 300 37.38 -18.02 -22.63
C LEU D 300 36.96 -16.67 -23.21
N TRP D 301 36.21 -16.70 -24.33
CA TRP D 301 35.65 -15.48 -24.89
C TRP D 301 34.15 -15.47 -24.66
N ASN D 313 38.14 -18.93 -16.39
CA ASN D 313 39.45 -18.95 -15.74
C ASN D 313 40.54 -18.54 -16.73
N GLU D 314 41.28 -17.47 -16.41
CA GLU D 314 42.17 -16.79 -17.33
C GLU D 314 43.64 -17.16 -17.13
N GLU D 315 43.94 -18.06 -16.20
CA GLU D 315 45.32 -18.53 -16.02
C GLU D 315 45.99 -18.95 -17.31
N PRO D 316 45.29 -19.55 -18.29
CA PRO D 316 45.99 -19.91 -19.55
C PRO D 316 46.49 -18.72 -20.35
N ILE D 318 47.55 -15.89 -19.20
CA ILE D 318 48.76 -15.41 -18.53
C ILE D 318 49.94 -16.34 -18.83
N ARG D 319 49.72 -17.65 -18.73
CA ARG D 319 50.77 -18.59 -19.06
C ARG D 319 51.32 -18.39 -20.46
N THR D 320 50.45 -18.23 -21.47
CA THR D 320 50.96 -18.03 -22.83
C THR D 320 51.65 -16.68 -22.96
N LEU D 321 51.20 -15.67 -22.22
CA LEU D 321 51.90 -14.39 -22.23
C LEU D 321 53.32 -14.52 -21.69
N ILE D 322 53.48 -15.30 -20.64
CA ILE D 322 54.82 -15.52 -20.11
C ILE D 322 55.67 -16.26 -21.13
N GLU D 323 55.10 -17.31 -21.72
CA GLU D 323 55.80 -18.07 -22.76
C GLU D 323 56.21 -17.17 -23.91
N ARG D 324 55.31 -16.28 -24.37
CA ARG D 324 55.61 -15.47 -25.54
C ARG D 324 56.84 -14.59 -25.35
N TYR D 325 57.09 -14.15 -24.13
CA TYR D 325 58.25 -13.32 -23.82
C TYR D 325 59.40 -14.16 -23.30
N ARG D 326 59.33 -15.48 -23.45
CA ARG D 326 60.47 -16.35 -23.21
C ARG D 326 60.80 -16.45 -21.73
N LYS D 327 59.83 -16.18 -20.89
CA LYS D 327 60.03 -16.11 -19.45
C LYS D 327 59.51 -17.39 -18.80
N HIS D 328 59.95 -17.62 -17.57
CA HIS D 328 59.63 -18.85 -16.85
C HIS D 328 59.25 -18.53 -15.43
N TYR D 329 58.49 -17.46 -15.24
CA TYR D 329 58.08 -17.07 -13.90
C TYR D 329 57.16 -18.14 -13.30
N SER D 330 57.35 -18.47 -12.03
CA SER D 330 56.33 -19.18 -11.28
C SER D 330 55.20 -18.21 -10.91
N PHE D 331 53.95 -18.61 -11.14
CA PHE D 331 52.85 -17.71 -10.81
C PHE D 331 51.61 -18.48 -10.37
N SER D 332 50.76 -17.78 -9.63
CA SER D 332 49.42 -18.24 -9.31
C SER D 332 48.40 -17.20 -9.79
N TYR D 333 47.15 -17.65 -9.83
CA TYR D 333 46.04 -16.84 -10.29
C TYR D 333 44.88 -17.14 -9.37
N ASN D 334 44.31 -16.10 -8.75
CA ASN D 334 43.16 -16.26 -7.86
C ASN D 334 42.16 -15.14 -8.09
N LYS D 335 40.89 -15.49 -8.00
CA LYS D 335 39.76 -14.64 -8.34
C LYS D 335 38.80 -14.65 -7.16
N VAL D 336 38.52 -13.49 -6.60
CA VAL D 336 37.60 -13.39 -5.48
C VAL D 336 36.36 -12.64 -5.95
N TYR D 337 35.29 -13.38 -6.25
CA TYR D 337 34.01 -12.76 -6.58
C TYR D 337 33.38 -12.10 -5.35
N GLU D 338 33.24 -12.86 -4.27
CA GLU D 338 32.44 -12.50 -3.12
C GLU D 338 33.32 -12.46 -1.88
N THR D 339 33.05 -11.49 -0.99
CA THR D 339 33.91 -11.31 0.17
C THR D 339 33.93 -12.54 1.07
N LYS D 340 33.01 -13.49 0.89
CA LYS D 340 33.06 -14.72 1.66
C LYS D 340 34.18 -15.64 1.17
N PHE D 341 34.45 -15.67 -0.14
N PHE D 341 34.43 -15.67 -0.14
CA PHE D 341 35.59 -16.41 -0.66
CA PHE D 341 35.58 -16.39 -0.67
C PHE D 341 36.91 -15.71 -0.35
C PHE D 341 36.89 -15.72 -0.30
N GLY D 342 36.86 -14.43 0.03
CA GLY D 342 38.10 -13.74 0.34
C GLY D 342 38.68 -14.20 1.65
N GLU D 343 37.83 -14.53 2.63
CA GLU D 343 38.30 -15.08 3.89
C GLU D 343 39.09 -16.36 3.66
N ARG D 344 38.64 -17.21 2.74
CA ARG D 344 39.39 -18.39 2.37
C ARG D 344 40.77 -18.02 1.82
N LEU D 345 40.80 -17.23 0.76
CA LEU D 345 42.07 -16.81 0.19
C LEU D 345 42.96 -16.09 1.21
N LEU D 346 42.35 -15.36 2.14
CA LEU D 346 43.12 -14.65 3.16
C LEU D 346 43.92 -15.62 4.02
N GLY D 347 43.31 -16.74 4.42
CA GLY D 347 44.05 -17.69 5.23
C GLY D 347 45.22 -18.29 4.48
N GLN D 348 44.98 -18.71 3.24
CA GLN D 348 46.01 -19.39 2.45
C GLN D 348 47.03 -18.45 1.83
N ILE D 349 46.96 -17.16 2.10
CA ILE D 349 47.79 -16.21 1.37
C ILE D 349 49.27 -16.50 1.58
N ARG D 350 49.66 -16.94 2.79
CA ARG D 350 51.07 -17.21 3.06
C ARG D 350 51.60 -18.42 2.28
N SER D 351 50.74 -19.33 1.84
CA SER D 351 51.19 -20.45 1.01
C SER D 351 51.67 -20.00 -0.38
N LEU D 352 51.28 -18.79 -0.81
CA LEU D 352 51.70 -18.25 -2.10
C LEU D 352 53.10 -17.65 -2.08
N SER D 353 53.77 -17.66 -0.91
CA SER D 353 55.13 -17.11 -0.82
C SER D 353 56.11 -17.82 -1.74
N GLN D 354 55.73 -18.97 -2.29
CA GLN D 354 56.60 -19.70 -3.20
C GLN D 354 56.71 -19.00 -4.55
N ASN D 355 55.60 -18.46 -5.05
CA ASN D 355 55.54 -17.98 -6.43
C ASN D 355 56.17 -16.60 -6.57
N GLN D 356 56.82 -16.38 -7.72
CA GLN D 356 57.37 -15.07 -8.02
C GLN D 356 56.27 -14.04 -8.26
N LEU D 357 55.21 -14.46 -8.94
CA LEU D 357 54.12 -13.57 -9.34
C LEU D 357 52.81 -14.17 -8.87
N ASN D 358 52.09 -13.44 -8.02
CA ASN D 358 50.77 -13.84 -7.52
C ASN D 358 49.72 -12.86 -8.02
N VAL D 359 48.78 -13.37 -8.82
CA VAL D 359 47.76 -12.55 -9.47
C VAL D 359 46.44 -12.75 -8.74
N ILE D 360 45.81 -11.64 -8.36
CA ILE D 360 44.54 -11.67 -7.65
C ILE D 360 43.58 -10.71 -8.34
N VAL D 361 42.40 -11.22 -8.68
CA VAL D 361 41.35 -10.40 -9.27
C VAL D 361 40.26 -10.22 -8.24
N LEU D 362 39.99 -8.98 -7.84
CA LEU D 362 38.91 -8.62 -6.93
C LEU D 362 37.79 -7.95 -7.71
N ASN D 363 36.55 -8.35 -7.42
CA ASN D 363 35.38 -7.70 -8.01
C ASN D 363 34.79 -6.75 -6.98
N PHE D 364 34.59 -5.51 -7.40
CA PHE D 364 33.87 -4.48 -6.68
C PHE D 364 32.36 -4.73 -6.87
N VAL D 365 31.52 -3.91 -6.26
CA VAL D 365 30.08 -4.12 -6.38
C VAL D 365 29.64 -3.91 -7.82
N ASP D 366 28.65 -4.67 -8.26
CA ASP D 366 28.11 -4.54 -9.60
C ASP D 366 27.22 -3.30 -9.64
N SER D 369 23.89 -3.63 -12.46
N SER D 369 23.88 -3.65 -12.46
CA SER D 369 22.81 -4.58 -12.18
CA SER D 369 22.80 -4.60 -12.17
C SER D 369 21.44 -3.92 -12.30
C SER D 369 21.44 -3.93 -12.30
N HIS D 370 20.51 -4.65 -12.92
CA HIS D 370 19.14 -4.17 -13.08
C HIS D 370 18.16 -4.71 -12.04
N ALA D 371 18.57 -5.69 -11.24
CA ALA D 371 17.70 -6.24 -10.19
C ALA D 371 17.02 -5.10 -9.46
N ARG D 372 15.70 -5.24 -9.27
CA ARG D 372 14.93 -4.13 -8.70
C ARG D 372 15.55 -3.63 -7.39
N THR D 373 15.99 -4.54 -6.53
CA THR D 373 16.50 -4.14 -5.22
C THR D 373 17.84 -3.44 -5.37
N ASP D 374 18.77 -4.04 -6.12
CA ASP D 374 20.06 -3.38 -6.38
C ASP D 374 19.83 -1.97 -6.89
N SER D 375 18.97 -1.82 -7.89
CA SER D 375 18.75 -0.51 -8.47
C SER D 375 18.29 0.51 -7.43
N LYS D 376 17.27 0.19 -6.65
CA LYS D 376 16.81 1.15 -5.64
C LYS D 376 17.92 1.49 -4.62
N ILE D 378 21.18 1.51 -5.32
CA ILE D 378 22.11 2.39 -6.01
C ILE D 378 21.58 3.81 -6.04
N ARG D 379 20.27 3.98 -6.22
CA ARG D 379 19.77 5.34 -6.39
C ARG D 379 19.95 6.12 -5.11
N GLU D 380 19.92 5.43 -3.95
CA GLU D 380 20.02 6.12 -2.68
C GLU D 380 21.46 6.18 -2.22
N LEU D 381 22.20 5.07 -2.34
CA LEU D 381 23.54 4.97 -1.79
C LEU D 381 24.61 5.53 -2.71
N ALA D 382 24.34 5.62 -4.01
CA ALA D 382 25.34 6.12 -4.95
C ALA D 382 24.72 7.20 -5.84
N SER D 383 24.08 8.18 -5.19
CA SER D 383 23.38 9.20 -5.97
C SER D 383 24.33 10.21 -6.60
N ASN D 384 25.56 10.32 -6.08
CA ASN D 384 26.55 11.22 -6.66
C ASN D 384 27.95 10.63 -6.46
N GLU D 385 28.95 11.32 -6.97
CA GLU D 385 30.29 10.77 -6.97
C GLU D 385 30.90 10.79 -5.58
N ALA D 386 30.55 11.78 -4.76
CA ALA D 386 30.98 11.71 -3.36
C ALA D 386 30.47 10.44 -2.71
N ALA D 387 29.20 10.12 -2.91
CA ALA D 387 28.64 8.93 -2.29
C ALA D 387 29.31 7.66 -2.82
N TYR D 388 29.49 7.59 -4.14
CA TYR D 388 30.22 6.48 -4.75
C TYR D 388 31.62 6.30 -4.16
N ARG D 389 32.34 7.40 -3.94
CA ARG D 389 33.63 7.28 -3.26
C ARG D 389 33.49 6.82 -1.80
N SER D 390 32.49 7.37 -1.10
CA SER D 390 32.27 6.93 0.28
C SER D 390 32.00 5.41 0.34
N LEU D 391 31.20 4.92 -0.59
CA LEU D 391 30.94 3.49 -0.63
C LEU D 391 32.20 2.68 -0.89
N THR D 392 33.02 3.17 -1.83
CA THR D 392 34.28 2.52 -2.10
C THR D 392 35.14 2.40 -0.85
N LYS D 393 35.27 3.49 -0.06
CA LYS D 393 36.11 3.43 1.14
C LYS D 393 35.55 2.44 2.15
N SER D 394 34.21 2.41 2.31
CA SER D 394 33.60 1.48 3.24
C SER D 394 33.85 0.06 2.79
N TRP D 395 33.64 -0.24 1.51
CA TRP D 395 33.88 -1.59 1.00
C TRP D 395 35.32 -2.04 1.21
N PHE D 396 36.27 -1.19 0.85
CA PHE D 396 37.68 -1.53 0.99
C PHE D 396 38.04 -1.86 2.43
N LYS D 397 37.56 -1.06 3.38
CA LYS D 397 37.94 -1.18 4.79
C LYS D 397 37.32 -2.41 5.45
N HIS D 398 36.06 -2.70 5.13
CA HIS D 398 35.30 -3.71 5.85
C HIS D 398 35.06 -4.99 5.07
N SER D 399 35.49 -5.11 3.81
CA SER D 399 35.57 -6.40 3.16
C SER D 399 36.91 -7.03 3.53
N THR D 400 37.20 -8.17 2.94
CA THR D 400 38.51 -8.78 3.14
C THR D 400 39.63 -8.08 2.38
N THR D 401 39.33 -7.05 1.57
CA THR D 401 40.35 -6.39 0.78
C THR D 401 41.42 -5.73 1.65
N TYR D 402 41.00 -4.99 2.68
CA TYR D 402 41.97 -4.32 3.55
C TYR D 402 42.94 -5.32 4.16
N ASN D 403 42.41 -6.42 4.69
CA ASN D 403 43.29 -7.35 5.38
C ASN D 403 44.19 -8.06 4.40
N LEU D 404 43.70 -8.26 3.19
CA LEU D 404 44.51 -8.83 2.12
C LEU D 404 45.76 -8.00 1.87
N PHE D 405 45.58 -6.69 1.67
CA PHE D 405 46.72 -5.81 1.44
C PHE D 405 47.64 -5.79 2.65
N ARG D 406 47.07 -5.72 3.87
CA ARG D 406 47.88 -5.72 5.07
C ARG D 406 48.68 -7.02 5.17
N SER D 407 48.05 -8.13 4.81
CA SER D 407 48.75 -9.40 4.91
C SER D 407 49.92 -9.44 3.94
N ILE D 408 49.68 -9.06 2.68
CA ILE D 408 50.72 -9.14 1.66
C ILE D 408 51.90 -8.26 2.04
N ALA D 409 51.63 -7.10 2.63
CA ALA D 409 52.72 -6.23 3.07
C ALA D 409 53.64 -6.94 4.07
N GLU D 410 53.07 -7.74 4.97
CA GLU D 410 53.88 -8.50 5.90
C GLU D 410 54.77 -9.51 5.18
N GLY D 412 56.36 -9.03 2.45
CA GLY D 412 57.44 -8.38 1.73
C GLY D 412 57.44 -8.54 0.21
N TYR D 413 56.26 -8.70 -0.39
CA TYR D 413 56.13 -8.64 -1.83
C TYR D 413 55.90 -7.19 -2.26
N LYS D 414 56.38 -6.85 -3.45
CA LYS D 414 55.85 -5.66 -4.13
C LYS D 414 54.45 -5.93 -4.64
N VAL D 415 53.62 -4.88 -4.67
CA VAL D 415 52.25 -4.99 -5.13
C VAL D 415 52.04 -4.00 -6.25
N VAL D 416 51.56 -4.49 -7.37
CA VAL D 416 51.08 -3.67 -8.47
C VAL D 416 49.55 -3.67 -8.42
N LEU D 417 48.95 -2.54 -8.07
CA LEU D 417 47.50 -2.39 -7.90
C LEU D 417 46.94 -1.64 -9.09
N THR D 418 45.94 -2.20 -9.75
CA THR D 418 45.47 -1.62 -10.99
C THR D 418 44.06 -2.12 -11.20
N THR D 419 43.50 -1.78 -12.34
CA THR D 419 42.13 -2.09 -12.71
C THR D 419 42.12 -2.33 -14.21
N ASP D 420 41.00 -2.78 -14.74
CA ASP D 420 40.86 -2.91 -16.18
C ASP D 420 40.12 -1.74 -16.82
N HIS D 421 39.26 -1.05 -16.10
CA HIS D 421 38.56 0.10 -16.67
C HIS D 421 37.89 0.82 -15.51
N GLY D 422 37.44 2.06 -15.74
CA GLY D 422 36.62 2.76 -14.78
C GLY D 422 35.15 2.86 -15.20
N THR D 423 34.46 3.86 -14.61
CA THR D 423 33.06 4.10 -14.95
C THR D 423 32.80 5.59 -14.87
N ILE D 424 31.72 5.99 -15.51
CA ILE D 424 31.38 7.41 -15.59
C ILE D 424 29.91 7.53 -15.26
N GLN D 425 29.51 8.58 -14.57
CA GLN D 425 28.09 8.85 -14.32
C GLN D 425 27.51 9.53 -15.54
N VAL D 426 26.45 8.90 -16.17
CA VAL D 426 25.95 9.33 -17.47
C VAL D 426 24.80 10.29 -17.22
N LYS D 427 24.57 11.13 -18.21
CA LYS D 427 23.76 12.32 -18.00
C LYS D 427 22.82 12.52 -19.18
N ASN D 428 23.32 12.48 -20.42
CA ASN D 428 22.50 12.86 -21.57
C ASN D 428 22.34 11.73 -22.58
N PRO D 429 21.12 11.49 -23.05
CA PRO D 429 20.91 10.43 -24.03
C PRO D 429 21.35 10.75 -25.45
N VAL D 430 21.74 9.70 -26.15
CA VAL D 430 22.06 9.69 -27.58
C VAL D 430 21.20 8.58 -28.22
N LYS D 431 20.36 8.94 -29.19
CA LYS D 431 19.47 7.96 -29.79
C LYS D 431 20.24 6.99 -30.70
N VAL D 432 19.81 5.74 -30.69
CA VAL D 432 20.35 4.71 -31.55
C VAL D 432 19.24 3.69 -31.80
N ILE D 433 19.20 3.16 -33.02
CA ILE D 433 18.27 2.09 -33.41
C ILE D 433 19.09 0.88 -33.80
N GLY D 434 18.73 -0.28 -33.25
CA GLY D 434 19.43 -1.52 -33.45
C GLY D 434 18.40 -2.64 -33.39
N ASP D 435 18.86 -3.86 -33.67
CA ASP D 435 17.94 -4.99 -33.81
C ASP D 435 17.65 -5.61 -32.44
N ARG D 436 17.03 -6.80 -32.47
CA ARG D 436 16.56 -7.44 -31.25
C ARG D 436 17.71 -7.99 -30.42
N SER D 437 18.77 -8.46 -31.08
CA SER D 437 19.94 -9.04 -30.42
C SER D 437 20.98 -7.99 -30.01
N THR D 438 20.70 -6.71 -30.23
CA THR D 438 21.69 -5.67 -29.93
C THR D 438 22.10 -5.73 -28.46
N ASN D 439 23.37 -5.46 -28.20
CA ASN D 439 23.90 -5.56 -26.84
C ASN D 439 23.27 -4.49 -25.96
N THR D 440 23.29 -4.77 -24.65
CA THR D 440 22.62 -3.97 -23.64
C THR D 440 23.47 -2.83 -23.08
N ASN D 441 24.78 -2.81 -23.36
CA ASN D 441 25.64 -1.79 -22.79
C ASN D 441 25.21 -0.39 -23.21
N LEU D 442 25.20 0.54 -22.26
CA LEU D 442 24.74 1.90 -22.54
C LEU D 442 25.82 2.84 -23.08
N ARG D 443 27.06 2.39 -23.16
CA ARG D 443 28.14 3.24 -23.63
C ARG D 443 28.74 2.76 -24.94
N TYR D 444 28.39 1.57 -25.41
CA TYR D 444 28.90 1.13 -26.70
C TYR D 444 27.89 0.13 -27.24
N LYS D 445 27.81 0.06 -28.57
CA LYS D 445 26.94 -0.91 -29.25
C LYS D 445 27.72 -1.65 -30.31
N ILE D 446 27.31 -2.90 -30.57
CA ILE D 446 27.81 -3.69 -31.71
C ILE D 446 26.62 -4.06 -32.56
N GLY D 447 26.71 -3.92 -33.88
CA GLY D 447 25.56 -4.30 -34.71
C GLY D 447 25.82 -4.04 -36.18
N LYS D 448 25.04 -4.73 -37.02
CA LYS D 448 25.14 -4.49 -38.45
C LYS D 448 24.01 -3.63 -38.99
N ASN D 449 23.01 -3.32 -38.17
CA ASN D 449 21.91 -2.48 -38.62
C ASN D 449 21.74 -1.28 -37.69
N LEU D 450 22.86 -0.72 -37.23
CA LEU D 450 22.82 0.39 -36.29
C LEU D 450 22.51 1.66 -37.05
N ASP D 451 21.60 2.46 -36.52
CA ASP D 451 21.21 3.75 -37.07
C ASP D 451 21.45 4.79 -35.97
N TYR D 452 22.30 5.78 -36.26
CA TYR D 452 22.72 6.76 -35.27
C TYR D 452 23.24 7.99 -36.00
N ASN D 453 23.39 9.06 -35.25
CA ASN D 453 24.03 10.27 -35.76
C ASN D 453 25.55 10.12 -35.62
N PRO D 454 26.29 10.02 -36.74
CA PRO D 454 27.74 9.76 -36.61
C PRO D 454 28.49 10.84 -35.86
N LYS D 455 27.97 12.06 -35.86
CA LYS D 455 28.56 13.14 -35.10
C LYS D 455 28.36 13.04 -33.60
N GLU D 456 27.54 12.13 -33.12
CA GLU D 456 27.34 12.01 -31.68
C GLU D 456 28.18 10.90 -31.04
N VAL D 457 28.96 10.14 -31.83
CA VAL D 457 29.63 8.95 -31.33
C VAL D 457 31.00 8.85 -31.98
N PHE D 458 31.82 7.95 -31.43
CA PHE D 458 33.03 7.47 -32.08
C PHE D 458 32.67 6.18 -32.81
N GLU D 459 32.95 6.13 -34.11
CA GLU D 459 32.42 5.17 -35.06
C GLU D 459 33.56 4.30 -35.56
N ILE D 460 33.52 3.02 -35.26
CA ILE D 460 34.47 2.06 -35.78
C ILE D 460 33.72 1.28 -36.85
N LYS D 461 33.81 1.71 -38.11
CA LYS D 461 33.11 1.00 -39.18
C LYS D 461 33.71 -0.37 -39.41
N ASP D 462 34.99 -0.56 -39.16
CA ASP D 462 35.65 -1.84 -39.41
C ASP D 462 36.33 -2.36 -38.14
N PRO D 463 35.66 -3.21 -37.34
CA PRO D 463 36.24 -3.57 -36.03
C PRO D 463 37.59 -4.24 -36.11
N ALA D 464 37.79 -5.04 -37.17
CA ALA D 464 39.05 -5.77 -37.31
C ALA D 464 40.23 -4.82 -37.41
N SER D 465 40.02 -3.60 -37.85
CA SER D 465 41.14 -2.69 -38.05
C SER D 465 41.67 -2.17 -36.72
N VAL D 466 40.90 -2.30 -35.62
CA VAL D 466 41.41 -1.85 -34.34
C VAL D 466 41.49 -3.02 -33.38
N GLY D 467 41.69 -4.23 -33.88
CA GLY D 467 41.80 -5.39 -33.03
C GLY D 467 40.53 -5.84 -32.34
N LEU D 468 39.39 -5.55 -32.90
CA LEU D 468 38.14 -6.07 -32.30
C LEU D 468 37.49 -7.13 -33.20
N PRO D 469 36.80 -8.13 -32.64
CA PRO D 469 36.16 -9.15 -33.48
C PRO D 469 34.84 -8.70 -34.09
N HIS D 470 34.45 -9.40 -35.17
CA HIS D 470 33.09 -9.24 -35.66
C HIS D 470 32.70 -10.37 -36.60
N ASN D 471 31.38 -10.66 -36.58
CA ASN D 471 30.79 -11.78 -37.31
C ASN D 471 30.53 -11.45 -38.77
N ASN D 472 30.05 -10.24 -39.04
CA ASN D 472 29.57 -9.85 -40.35
C ASN D 472 30.38 -8.67 -40.86
N LEU D 473 30.45 -8.56 -42.18
CA LEU D 473 31.08 -7.40 -42.78
C LEU D 473 30.42 -6.12 -42.30
N SER D 474 29.11 -6.16 -42.09
CA SER D 474 28.35 -4.98 -41.73
C SER D 474 28.42 -4.64 -40.23
N ASP D 475 29.07 -5.47 -39.43
CA ASP D 475 29.22 -5.19 -38.00
C ASP D 475 30.06 -3.93 -37.77
N LYS D 476 29.51 -3.00 -37.02
CA LYS D 476 30.25 -1.83 -36.57
C LYS D 476 30.28 -1.78 -35.04
N PHE D 477 31.25 -1.05 -34.46
CA PHE D 477 31.24 -0.64 -33.06
C PHE D 477 30.99 0.86 -33.02
N ILE D 478 30.10 1.32 -32.14
CA ILE D 478 29.98 2.75 -31.91
C ILE D 478 30.09 3.03 -30.42
N PHE D 479 30.74 4.14 -30.06
CA PHE D 479 31.00 4.47 -28.67
C PHE D 479 30.45 5.86 -28.33
N THR D 480 29.83 5.97 -27.15
CA THR D 480 29.56 7.26 -26.57
C THR D 480 30.83 7.90 -26.06
N LYS D 481 30.79 9.22 -25.93
N LYS D 481 30.76 9.23 -25.90
CA LYS D 481 31.85 10.06 -25.39
CA LYS D 481 31.83 10.06 -25.38
C LYS D 481 31.30 10.87 -24.21
C LYS D 481 31.30 10.87 -24.21
N GLU D 482 32.22 11.42 -23.42
CA GLU D 482 31.87 12.34 -22.31
C GLU D 482 30.86 11.58 -21.42
N ASP D 483 29.76 12.18 -21.07
CA ASP D 483 28.81 11.52 -20.17
C ASP D 483 27.53 11.19 -20.90
N ASP D 484 27.59 10.89 -22.20
CA ASP D 484 26.41 10.43 -22.92
C ASP D 484 26.06 8.95 -22.64
N PHE D 485 24.83 8.59 -22.95
CA PHE D 485 24.48 7.18 -22.94
C PHE D 485 23.48 6.93 -24.06
N PHE D 486 23.53 5.71 -24.58
CA PHE D 486 22.63 5.31 -25.65
C PHE D 486 21.19 5.00 -25.10
N ALA D 487 20.19 5.42 -25.88
CA ALA D 487 18.80 5.11 -25.60
C ALA D 487 18.10 4.79 -26.93
N TYR D 488 17.26 3.73 -26.92
CA TYR D 488 16.50 3.34 -28.10
C TYR D 488 15.20 4.16 -28.16
N PRO D 489 14.54 4.16 -29.31
CA PRO D 489 13.28 4.94 -29.40
C PRO D 489 12.14 4.33 -28.60
N ASN D 490 12.07 3.01 -28.48
CA ASN D 490 10.95 2.38 -27.80
C ASN D 490 11.07 2.65 -26.29
N ASN D 491 10.08 3.38 -25.76
CA ASN D 491 10.05 3.76 -24.36
C ASN D 491 11.24 4.64 -24.00
N TYR D 492 11.63 5.48 -24.95
CA TYR D 492 12.74 6.40 -24.74
C TYR D 492 12.58 7.23 -23.46
N ASN D 493 11.39 7.79 -23.26
CA ASN D 493 11.25 8.67 -22.10
C ASN D 493 11.43 7.90 -20.82
N TYR D 494 10.93 6.67 -20.77
CA TYR D 494 11.07 5.87 -19.55
C TYR D 494 12.54 5.50 -19.29
N TYR D 495 13.22 5.01 -20.31
CA TYR D 495 14.58 4.52 -20.10
C TYR D 495 15.58 5.67 -19.91
N VAL D 496 15.33 6.83 -20.52
CA VAL D 496 16.11 8.02 -20.24
C VAL D 496 16.05 8.37 -18.77
N GLN D 497 14.84 8.44 -18.19
CA GLN D 497 14.69 8.74 -16.76
C GLN D 497 15.35 7.66 -15.90
N TYR D 498 15.16 6.40 -16.27
CA TYR D 498 15.72 5.31 -15.48
C TYR D 498 17.24 5.37 -15.44
N TYR D 499 17.88 5.63 -16.57
CA TYR D 499 19.33 5.49 -16.65
C TYR D 499 20.10 6.79 -16.42
N ARG D 500 19.43 7.93 -16.40
CA ARG D 500 20.16 9.17 -16.12
C ARG D 500 20.77 9.10 -14.71
N ASN D 501 22.02 9.52 -14.60
CA ASN D 501 22.74 9.60 -13.32
C ASN D 501 23.19 8.26 -12.76
N THR D 502 23.13 7.20 -13.55
CA THR D 502 23.70 5.92 -13.21
C THR D 502 25.16 5.85 -13.70
N PHE D 503 25.92 4.94 -13.06
CA PHE D 503 27.33 4.70 -13.35
C PHE D 503 27.45 3.61 -14.40
N GLN D 504 28.07 3.95 -15.54
CA GLN D 504 28.16 3.06 -16.69
C GLN D 504 29.62 3.02 -17.20
N HIS D 505 29.97 1.96 -17.93
CA HIS D 505 31.26 1.90 -18.57
C HIS D 505 31.16 1.30 -19.96
N GLY D 506 32.26 1.39 -20.71
CA GLY D 506 32.33 0.92 -22.08
C GLY D 506 32.74 1.97 -23.09
N GLY D 507 32.54 3.26 -22.81
CA GLY D 507 32.79 4.34 -23.74
C GLY D 507 34.12 5.04 -23.48
N ILE D 508 34.19 6.28 -23.96
CA ILE D 508 35.39 7.12 -23.93
C ILE D 508 35.21 8.22 -22.92
N SER D 509 36.07 8.22 -21.90
CA SER D 509 36.11 9.27 -20.90
C SER D 509 37.38 9.09 -20.08
N LEU D 510 37.77 10.18 -19.45
CA LEU D 510 38.86 10.07 -18.49
C LEU D 510 38.57 9.00 -17.44
N GLU D 511 37.36 9.02 -16.90
CA GLU D 511 37.07 8.13 -15.80
C GLU D 511 37.17 6.68 -16.21
N GLU D 512 36.66 6.34 -17.40
CA GLU D 512 36.65 4.94 -17.83
C GLU D 512 38.00 4.48 -18.36
N LEU D 514 41.33 6.28 -18.53
CA LEU D 514 42.64 6.64 -17.95
C LEU D 514 42.64 6.16 -16.51
N VAL D 515 43.29 5.02 -16.31
CA VAL D 515 43.10 4.25 -15.09
C VAL D 515 44.36 4.04 -14.31
N PRO D 516 44.27 3.86 -13.00
CA PRO D 516 45.47 3.84 -12.16
C PRO D 516 46.23 2.55 -12.32
N VAL D 517 47.56 2.65 -12.23
CA VAL D 517 48.39 1.47 -11.99
C VAL D 517 49.41 1.92 -10.96
N ILE D 518 49.34 1.38 -9.74
CA ILE D 518 50.19 1.81 -8.62
C ILE D 518 51.18 0.70 -8.28
N THR D 519 52.46 1.03 -8.25
CA THR D 519 53.50 0.12 -7.79
C THR D 519 53.84 0.44 -6.34
N GLN D 521 55.50 -0.59 -2.43
CA GLN D 521 56.55 -1.29 -1.72
C GLN D 521 56.20 -1.32 -0.23
N PRO D 522 56.28 -2.48 0.42
CA PRO D 522 55.97 -2.52 1.86
C PRO D 522 56.90 -1.63 2.66
N LYS D 523 56.32 -0.92 3.63
CA LYS D 523 57.10 -0.20 4.62
C LYS D 523 57.77 -1.18 5.58
#